data_7CM3
#
_entry.id   7CM3
#
_cell.length_a   1.00
_cell.length_b   1.00
_cell.length_c   1.00
_cell.angle_alpha   90.00
_cell.angle_beta   90.00
_cell.angle_gamma   90.00
#
_symmetry.space_group_name_H-M   'P 1'
#
loop_
_entity.id
_entity.type
_entity.pdbx_description
1 polymer 'Sodium leak channel non-selective protein'
2 polymer 'Transmembrane protein FAM155A'
3 branched 2-acetamido-2-deoxy-beta-D-glucopyranose-(1-4)-2-acetamido-2-deoxy-beta-D-glucopyranose
4 branched beta-D-mannopyranose-(1-4)-2-acetamido-2-deoxy-beta-D-glucopyranose-(1-4)-2-acetamido-2-deoxy-beta-D-glucopyranose
5 non-polymer 2-acetamido-2-deoxy-beta-D-glucopyranose
6 non-polymer 1,2-DIACYL-SN-GLYCERO-3-PHOSPHOCHOLINE
#
loop_
_entity_poly.entity_id
_entity_poly.type
_entity_poly.pdbx_seq_one_letter_code
_entity_poly.pdbx_strand_id
1 'polypeptide(L)'
;MLKRKQSSRVEAQPVTDFGPDESLSDNADILWINKPWVHSLLRICAIISVISVCMNTPMTFEHYPPLQYVTFTLDTLLMF
LYTAEMIAKMHIRGIVKGDSSYVKDRWCVFDGFMVFCLWVSLVLQVFEIADIVDQMSPWGMLRIPRPLIMIRAFRIYFRF
ELPRTRITNILKRSGEQIWSVSIFLLFFLLLYGILGVQMFGTFTYHCVVNDTKPGNVTWNSLAIPDTHCSPELEEGYQCP
PGFKCMDLEDLGLSRQELGYSGFNEIGTSIFTVYEAASQEGWVFLMYRAIDSFPRWRSYFYFITLIFFLAWLVKNVFIAV
IIETFAEIRVQFQQMWGSRSSTTSTATTQMFHEDAAGGWQLVAVDVNKPQGRAPACLQKMMRSSVFHMFILSMVTVDVIV
AASNYYKGENFRRQYDEFYLAEVAFTVLFDLEALLKIWCLGFTGYISSSLHKFELLLVIGTTLHVYPDLYHSQFTYFQVL
RVVRLIKISPALEDFVYKIFGPGKKLGSLVVFTASLLIVMSAISLQMFCFVEELDRFTTFPRAFMSMFQILTQEGWVDVM
DQTLNAVGHMWAPVVAIYFILYHLFATLILLSLFVAVILDNLELDEDLKKLKQLKQSEANADTKEKLPLRLRIFEKFPNR
PQMVKISKLPSDFTVPKIRESFMKQFIDRQQQDTCCLLRSLPTTSSSSCDHSKRSAIEDNKYIDQKLRKSVFSIRARNLL
EKETAVTKILRACTRQRMLSGSFEGQPAKERSILSVQHHIRQERRSLRHGSNSQRISRGKSLETLTQDHSNTVRYRNAQR
EDSEIKMIQEKKEQAEMKRKVQEEELRENHPYFDKPLFIVGREHRFRNFCRVVVRARFNASKTDPVTGAVKNTKYHQLYD
LLGLVTYLDWVMIIVTICSCISMMFESPFRRVMHAPTLQIAEYVFVIFMSIELNLKIMADGLFFTPTAVIRDFGGVMDIF
IYLVSLIFLCWMPQNVPAESGAQLLMVLRCLRPLRIFKLVPQMRKVVRELFSGFKEIFLVSILLLTLMLVFASFGVQLFA
GKLAKCNDPNIIRREDCNGIFRINVSVSKNLNLKLRPGEKKPGFWVPRVWANPRNFNFDNVGNAMLALFEVLSLKGWVEV
RDVIIHRVGPIHGIYIHVFVFLGCMIGLTLFVGVVIANFNENKGTALLTVDQRRWEDLKSRLKIAQPLHLPPRPDNDGFR
AKMYDITQHPFFKRTIALLVLAQSVLLSVKWDVEDPVTVPLATMSVVFTFIFVLEVTMKIIAMSPAGFWQSRRNRYDLLV
TSLGVVWVVLHFALLNAYTYMMGACVIVFRFFSICGKHVTLKMLLLTVVVSMYKSFFIIVGMFLLLLCYAFAGVVLFGTV
KYGENINRHANFSSAGKAITVLFRIVTGEDWNKIMHDCMVQPPFCTPDEFTYWATDCGNYAGALMYFCSFYVIIAYIMLN
LLVAIIVENFSLFYSTEEDQLLSYNDLRHFQIIWNMVDDKREGVIPTFRVKFLLRLLRGRLEVDLDKDKLLFKHMCYEME
RLHNGGDVTFHDVLSMLSYRSVDIRKSLQLEELLAREQLEYTIEEEVAKQTIRMWLKKCLKRIRAKQQQSCSIIHSLRES
QQQELSRFLNPPSIETTQPSEDTNANSQDNSMQPETSSQQQLLSPTLSDRGGSRQDAADAGKPQRKFGQWRLPSAPKPIS
HSVSSVNLRFGGRTTMKSVVCKMNPMTDAASCGSEVKKWWTRQLTVESDESGDDLLDILEDEVDAGSDYKDDDDKGSDYK
DDDDK
;
A
2 'polypeptide(L)'
;MTRGAWMCRQYDDGLKIWLAAPRENEKPFIDSERAQKWRLSLASLLFFTVLLSDHLWFCAEAKLTRARDKEHQQQQRQQQ
QQQQQQRQRQQQQQQRRQQEPSWPALLASMGESSPAAQAHRLLSASSSPTLPPSPGDGGGGGGKGNRGKDDRGKALFLGN
SAKPVWRLETCYPQGASSGQCFTVENADAVCARNWSRGAAGGDGQEVRSKHPTPLWNLSDFYLSFCNSYTLWELFSGLSS
PNTLNCSLDVVLKEGGEMTTCRQCVEAYQDYDHHAQEKYEEFESVLHKYLQSEEYSVKSCPEDCKIVYKAWLCSQYFEVT
QFNCRKTIPCKQYCLEVQTRCPFILPDNDEVIYGGLSSFICTGLYETFLTNDEPECCDVRREEKSNNPSKGTVEKSGSCH
RTSLTVSSATRLCNSRLKLCVLVLILLHTVLTASAAQNTAGLSFGGINTLEENSTNEELEDEVDAGSDYKDDDDKGSDYK
DDDDK
;
B
#
# COMPACT_ATOMS: atom_id res chain seq x y z
N LEU A 31 -9.60 -54.99 14.31
CA LEU A 31 -8.84 -53.79 14.72
C LEU A 31 -9.51 -52.55 14.14
N TRP A 32 -10.81 -52.38 14.41
CA TRP A 32 -11.63 -51.29 13.83
C TRP A 32 -10.90 -49.94 13.80
N ILE A 33 -10.24 -49.54 14.90
CA ILE A 33 -9.54 -48.24 15.00
C ILE A 33 -8.26 -48.25 14.15
N ASN A 34 -7.46 -49.31 14.28
CA ASN A 34 -6.04 -49.32 13.88
C ASN A 34 -5.82 -49.40 12.35
N LYS A 35 -6.83 -49.81 11.57
CA LYS A 35 -6.73 -50.00 10.11
C LYS A 35 -6.45 -48.65 9.38
N PRO A 36 -5.40 -48.54 8.55
CA PRO A 36 -5.09 -47.31 7.82
C PRO A 36 -6.21 -46.85 6.87
N TRP A 37 -7.00 -47.79 6.35
CA TRP A 37 -8.12 -47.54 5.43
C TRP A 37 -9.24 -46.68 6.04
N VAL A 38 -9.52 -46.79 7.35
CA VAL A 38 -10.45 -45.86 8.04
C VAL A 38 -9.77 -44.56 8.46
N HIS A 39 -8.46 -44.56 8.74
CA HIS A 39 -7.73 -43.36 9.18
C HIS A 39 -7.76 -42.24 8.13
N SER A 40 -7.62 -42.60 6.85
CA SER A 40 -7.79 -41.64 5.73
C SER A 40 -9.23 -41.11 5.64
N LEU A 41 -10.25 -41.95 5.79
CA LEU A 41 -11.65 -41.54 5.81
C LEU A 41 -11.95 -40.55 6.95
N LEU A 42 -11.50 -40.85 8.17
CA LEU A 42 -11.69 -40.01 9.37
C LEU A 42 -10.96 -38.65 9.27
N ARG A 43 -10.09 -38.49 8.28
CA ARG A 43 -9.47 -37.17 8.07
C ARG A 43 -10.14 -36.48 6.92
N ILE A 44 -10.51 -37.19 5.86
CA ILE A 44 -11.24 -36.58 4.73
C ILE A 44 -12.65 -36.10 5.14
N CYS A 45 -13.40 -36.86 5.95
CA CYS A 45 -14.76 -36.47 6.35
C CYS A 45 -14.80 -35.22 7.27
N ALA A 46 -13.66 -34.80 7.86
CA ALA A 46 -13.57 -33.52 8.57
C ALA A 46 -13.86 -32.33 7.65
N ILE A 47 -13.42 -32.38 6.39
CA ILE A 47 -13.70 -31.35 5.38
C ILE A 47 -15.21 -31.26 5.09
N ILE A 48 -15.90 -32.39 4.99
CA ILE A 48 -17.36 -32.45 4.82
C ILE A 48 -18.07 -31.80 6.03
N SER A 49 -17.56 -32.02 7.25
CA SER A 49 -18.09 -31.40 8.47
C SER A 49 -17.86 -29.88 8.56
N VAL A 50 -16.87 -29.34 7.83
CA VAL A 50 -16.72 -27.88 7.60
C VAL A 50 -17.71 -27.40 6.54
N ILE A 51 -17.82 -28.09 5.40
CA ILE A 51 -18.74 -27.73 4.31
C ILE A 51 -20.20 -27.67 4.79
N SER A 52 -20.64 -28.59 5.65
CA SER A 52 -22.00 -28.57 6.21
C SER A 52 -22.26 -27.30 7.05
N VAL A 53 -21.38 -26.95 8.00
CA VAL A 53 -21.57 -25.73 8.83
C VAL A 53 -21.47 -24.43 8.03
N CYS A 54 -20.74 -24.41 6.91
CA CYS A 54 -20.76 -23.27 5.97
C CYS A 54 -22.12 -23.10 5.25
N MET A 55 -23.00 -24.11 5.26
CA MET A 55 -24.36 -24.04 4.72
C MET A 55 -25.46 -23.82 5.77
N ASN A 56 -25.16 -23.81 7.08
CA ASN A 56 -26.13 -23.48 8.13
C ASN A 56 -26.31 -21.96 8.28
N THR A 57 -27.25 -21.40 7.50
CA THR A 57 -27.49 -19.96 7.61
C THR A 57 -28.94 -19.69 7.21
N PRO A 58 -29.66 -18.70 7.82
CA PRO A 58 -31.07 -18.41 7.51
C PRO A 58 -31.26 -17.97 6.04
N MET A 59 -30.30 -17.22 5.49
CA MET A 59 -30.40 -16.71 4.12
C MET A 59 -30.22 -17.81 3.07
N THR A 60 -29.22 -18.69 3.24
CA THR A 60 -29.05 -19.81 2.29
C THR A 60 -30.19 -20.85 2.40
N PHE A 61 -30.76 -21.05 3.60
CA PHE A 61 -31.96 -21.88 3.77
C PHE A 61 -33.21 -21.27 3.12
N GLU A 62 -33.46 -19.96 3.17
CA GLU A 62 -34.60 -19.37 2.43
C GLU A 62 -34.36 -19.32 0.91
N HIS A 63 -33.10 -19.26 0.44
CA HIS A 63 -32.77 -19.43 -0.99
C HIS A 63 -32.97 -20.87 -1.48
N TYR A 64 -32.63 -21.87 -0.65
CA TYR A 64 -32.68 -23.30 -0.99
C TYR A 64 -33.19 -24.15 0.20
N PRO A 65 -34.53 -24.30 0.36
CA PRO A 65 -35.13 -25.08 1.44
C PRO A 65 -34.60 -26.50 1.67
N PRO A 66 -34.25 -27.33 0.65
CA PRO A 66 -33.73 -28.68 0.90
C PRO A 66 -32.37 -28.72 1.62
N LEU A 67 -31.60 -27.61 1.66
CA LEU A 67 -30.37 -27.52 2.44
C LEU A 67 -30.61 -27.75 3.94
N GLN A 68 -31.73 -27.26 4.48
CA GLN A 68 -32.07 -27.41 5.90
C GLN A 68 -32.28 -28.87 6.31
N TYR A 69 -32.76 -29.71 5.39
CA TYR A 69 -32.97 -31.15 5.60
C TYR A 69 -31.71 -31.97 5.33
N VAL A 70 -30.99 -31.72 4.23
CA VAL A 70 -29.78 -32.50 3.89
C VAL A 70 -28.63 -32.23 4.85
N THR A 71 -28.44 -30.99 5.31
CA THR A 71 -27.39 -30.65 6.30
C THR A 71 -27.60 -31.39 7.62
N PHE A 72 -28.85 -31.55 8.09
CA PHE A 72 -29.14 -32.28 9.33
C PHE A 72 -28.75 -33.75 9.23
N THR A 73 -29.19 -34.49 8.21
CA THR A 73 -28.81 -35.90 8.05
C THR A 73 -27.31 -36.09 7.77
N LEU A 74 -26.70 -35.20 6.97
CA LEU A 74 -25.26 -35.18 6.70
C LEU A 74 -24.42 -34.91 7.98
N ASP A 75 -24.95 -34.12 8.91
CA ASP A 75 -24.34 -33.92 10.24
C ASP A 75 -24.53 -35.15 11.15
N THR A 76 -25.74 -35.73 11.17
CA THR A 76 -26.09 -36.87 12.02
C THR A 76 -25.22 -38.10 11.75
N LEU A 77 -25.17 -38.64 10.56
CA LEU A 77 -24.41 -39.90 10.29
C LEU A 77 -22.91 -39.67 10.39
N LEU A 78 -22.44 -38.41 10.26
CA LEU A 78 -21.01 -38.03 10.41
C LEU A 78 -20.69 -38.15 11.87
N MET A 79 -21.43 -37.54 12.67
CA MET A 79 -21.24 -37.52 14.13
C MET A 79 -21.04 -38.94 14.68
N PHE A 80 -21.75 -39.95 14.15
CA PHE A 80 -21.60 -41.34 14.58
C PHE A 80 -20.15 -41.85 14.42
N LEU A 81 -19.47 -41.53 13.32
CA LEU A 81 -18.07 -41.95 13.08
C LEU A 81 -17.12 -41.36 14.14
N TYR A 82 -17.22 -40.05 14.43
CA TYR A 82 -16.35 -39.42 15.43
C TYR A 82 -16.66 -39.88 16.87
N THR A 83 -17.94 -40.06 17.25
CA THR A 83 -18.23 -40.63 18.58
C THR A 83 -17.85 -42.12 18.69
N ALA A 84 -17.92 -42.89 17.59
CA ALA A 84 -17.52 -44.29 17.56
C ALA A 84 -16.01 -44.47 17.84
N GLU A 85 -15.13 -43.68 17.22
CA GLU A 85 -13.72 -43.70 17.60
C GLU A 85 -13.52 -43.16 19.02
N MET A 86 -14.24 -42.10 19.43
CA MET A 86 -14.07 -41.47 20.75
C MET A 86 -14.37 -42.41 21.92
N ILE A 87 -15.45 -43.20 21.85
CA ILE A 87 -15.74 -44.22 22.86
C ILE A 87 -14.75 -45.39 22.77
N ALA A 88 -14.48 -45.93 21.57
CA ALA A 88 -13.63 -47.11 21.43
C ALA A 88 -12.18 -46.86 21.89
N LYS A 89 -11.61 -45.68 21.59
CA LYS A 89 -10.24 -45.29 21.97
C LYS A 89 -10.04 -45.04 23.48
N MET A 90 -11.12 -44.92 24.25
CA MET A 90 -11.10 -44.74 25.72
C MET A 90 -11.65 -45.95 26.50
N HIS A 91 -12.77 -46.54 26.06
CA HIS A 91 -13.49 -47.61 26.74
C HIS A 91 -12.84 -49.00 26.54
N ILE A 92 -12.37 -49.29 25.31
CA ILE A 92 -11.79 -50.59 24.95
C ILE A 92 -10.25 -50.54 24.83
N ARG A 93 -9.72 -49.52 24.12
CA ARG A 93 -8.26 -49.36 23.89
C ARG A 93 -7.56 -48.47 24.94
N GLY A 94 -8.31 -47.66 25.69
CA GLY A 94 -7.81 -46.72 26.71
C GLY A 94 -7.87 -47.22 28.15
N VAL A 103 -6.45 -39.33 28.99
CA VAL A 103 -6.55 -37.96 29.60
C VAL A 103 -5.43 -36.99 29.16
N LYS A 104 -4.13 -37.34 29.28
CA LYS A 104 -3.01 -36.41 29.03
C LYS A 104 -2.79 -36.04 27.56
N ASP A 105 -3.17 -36.91 26.63
CA ASP A 105 -3.06 -36.67 25.19
C ASP A 105 -3.95 -35.50 24.73
N ARG A 106 -3.33 -34.41 24.23
CA ARG A 106 -4.03 -33.20 23.76
C ARG A 106 -5.04 -33.49 22.64
N TRP A 107 -4.73 -34.45 21.75
CA TRP A 107 -5.66 -34.84 20.68
C TRP A 107 -6.89 -35.59 21.20
N CYS A 108 -6.79 -36.32 22.32
CA CYS A 108 -7.92 -37.01 22.92
C CYS A 108 -8.96 -36.01 23.50
N VAL A 109 -8.50 -34.98 24.24
CA VAL A 109 -9.39 -33.91 24.73
C VAL A 109 -9.90 -33.02 23.58
N PHE A 110 -9.10 -32.76 22.54
CA PHE A 110 -9.56 -32.07 21.33
C PHE A 110 -10.69 -32.83 20.62
N ASP A 111 -10.52 -34.14 20.37
CA ASP A 111 -11.57 -34.99 19.83
C ASP A 111 -12.85 -34.98 20.70
N GLY A 112 -12.69 -35.06 22.03
CA GLY A 112 -13.80 -35.01 22.98
C GLY A 112 -14.60 -33.71 22.91
N PHE A 113 -13.90 -32.57 22.85
CA PHE A 113 -14.52 -31.26 22.65
C PHE A 113 -15.23 -31.17 21.28
N MET A 114 -14.62 -31.69 20.22
CA MET A 114 -15.21 -31.62 18.88
C MET A 114 -16.45 -32.52 18.71
N VAL A 115 -16.51 -33.72 19.31
CA VAL A 115 -17.78 -34.48 19.32
C VAL A 115 -18.86 -33.77 20.13
N PHE A 116 -18.52 -33.09 21.23
CA PHE A 116 -19.47 -32.23 21.95
C PHE A 116 -20.00 -31.09 21.06
N CYS A 117 -19.15 -30.45 20.26
CA CYS A 117 -19.58 -29.47 19.26
C CYS A 117 -20.59 -30.04 18.25
N LEU A 118 -20.37 -31.27 17.74
CA LEU A 118 -21.33 -31.92 16.84
C LEU A 118 -22.67 -32.20 17.55
N TRP A 119 -22.66 -32.75 18.76
CA TRP A 119 -23.86 -33.01 19.56
C TRP A 119 -24.67 -31.74 19.83
N VAL A 120 -24.05 -30.67 20.34
CA VAL A 120 -24.78 -29.41 20.61
C VAL A 120 -25.28 -28.75 19.32
N SER A 121 -24.54 -28.86 18.21
CA SER A 121 -24.99 -28.41 16.88
C SER A 121 -26.24 -29.16 16.41
N LEU A 122 -26.29 -30.49 16.57
CA LEU A 122 -27.46 -31.31 16.23
C LEU A 122 -28.66 -31.00 17.13
N VAL A 123 -28.46 -30.86 18.44
CA VAL A 123 -29.51 -30.48 19.40
C VAL A 123 -30.10 -29.11 19.07
N LEU A 124 -29.26 -28.12 18.71
CA LEU A 124 -29.74 -26.83 18.23
C LEU A 124 -30.50 -26.95 16.90
N GLN A 125 -29.95 -27.66 15.90
CA GLN A 125 -30.59 -27.78 14.58
C GLN A 125 -31.97 -28.46 14.66
N VAL A 126 -32.12 -29.52 15.46
CA VAL A 126 -33.42 -30.22 15.61
C VAL A 126 -34.47 -29.35 16.34
N PHE A 127 -34.05 -28.36 17.14
CA PHE A 127 -34.96 -27.30 17.63
C PHE A 127 -35.25 -26.26 16.54
N GLU A 128 -34.23 -25.70 15.87
CA GLU A 128 -34.40 -24.64 14.86
C GLU A 128 -35.24 -25.07 13.64
N ILE A 129 -35.22 -26.36 13.25
CA ILE A 129 -36.05 -26.90 12.18
C ILE A 129 -37.53 -27.13 12.61
N ALA A 130 -37.78 -27.28 13.92
CA ALA A 130 -39.11 -27.39 14.51
C ALA A 130 -39.76 -26.01 14.75
N ASP A 131 -40.81 -25.98 15.58
CA ASP A 131 -41.45 -24.68 15.92
C ASP A 131 -40.75 -24.08 17.16
N ILE A 132 -39.71 -24.72 17.69
CA ILE A 132 -39.06 -24.24 18.95
C ILE A 132 -38.48 -22.84 18.73
N VAL A 133 -37.46 -22.72 17.88
CA VAL A 133 -36.78 -21.41 17.67
C VAL A 133 -36.54 -21.21 16.17
N ASP A 134 -36.39 -19.95 15.72
CA ASP A 134 -36.24 -19.66 14.27
C ASP A 134 -34.76 -19.67 13.86
N GLN A 135 -34.47 -19.43 12.58
CA GLN A 135 -33.07 -19.39 12.07
C GLN A 135 -32.42 -18.02 12.28
N MET A 136 -33.20 -16.95 12.49
CA MET A 136 -32.58 -15.62 12.79
C MET A 136 -32.29 -15.45 14.28
N SER A 137 -32.48 -16.48 15.12
CA SER A 137 -32.10 -16.33 16.53
C SER A 137 -30.57 -16.35 16.75
N PRO A 138 -30.04 -15.65 17.78
CA PRO A 138 -28.60 -15.57 18.05
C PRO A 138 -27.98 -16.86 18.60
N TRP A 139 -28.78 -17.90 18.90
CA TRP A 139 -28.31 -19.20 19.38
C TRP A 139 -27.27 -19.85 18.46
N GLY A 140 -27.29 -19.54 17.16
CA GLY A 140 -26.30 -20.00 16.18
C GLY A 140 -24.84 -19.70 16.54
N MET A 141 -24.57 -18.73 17.42
CA MET A 141 -23.22 -18.46 17.92
C MET A 141 -22.56 -19.65 18.64
N LEU A 142 -23.38 -20.65 19.03
CA LEU A 142 -22.87 -21.90 19.63
C LEU A 142 -22.41 -22.84 18.51
N ARG A 143 -22.12 -22.28 17.32
CA ARG A 143 -21.59 -23.10 16.20
C ARG A 143 -20.25 -22.54 15.71
N ILE A 144 -19.73 -21.50 16.38
CA ILE A 144 -18.42 -20.89 16.01
C ILE A 144 -17.16 -21.75 16.31
N PRO A 145 -17.06 -22.63 17.33
CA PRO A 145 -15.86 -23.46 17.50
C PRO A 145 -15.76 -24.67 16.55
N ARG A 146 -16.84 -24.99 15.82
CA ARG A 146 -16.85 -26.21 14.97
C ARG A 146 -15.84 -26.20 13.80
N PRO A 147 -15.69 -25.13 12.96
CA PRO A 147 -14.79 -25.18 11.78
C PRO A 147 -13.35 -25.60 12.09
N LEU A 148 -12.90 -25.44 13.33
CA LEU A 148 -11.54 -25.82 13.77
C LEU A 148 -11.20 -27.30 13.51
N ILE A 149 -12.20 -28.17 13.30
CA ILE A 149 -12.01 -29.55 12.80
C ILE A 149 -11.29 -29.63 11.44
N MET A 150 -11.11 -28.52 10.71
CA MET A 150 -10.17 -28.42 9.59
C MET A 150 -8.77 -28.96 9.95
N ILE A 151 -8.30 -28.75 11.20
CA ILE A 151 -7.02 -29.25 11.71
C ILE A 151 -6.95 -30.79 11.67
N ARG A 152 -8.00 -31.49 12.08
CA ARG A 152 -7.98 -32.98 11.95
C ARG A 152 -7.69 -33.39 10.51
N ALA A 153 -8.31 -32.77 9.51
CA ALA A 153 -8.11 -33.21 8.12
C ALA A 153 -6.63 -33.36 7.75
N PHE A 154 -5.75 -32.52 8.32
CA PHE A 154 -4.31 -32.54 8.03
C PHE A 154 -3.56 -33.56 8.89
N ARG A 155 -3.39 -33.26 10.19
CA ARG A 155 -2.73 -34.19 11.15
C ARG A 155 -1.24 -34.37 10.83
N ILE A 156 -0.68 -33.55 9.94
CA ILE A 156 0.78 -33.62 9.62
C ILE A 156 1.56 -32.78 10.63
N TYR A 157 1.71 -33.26 11.87
CA TYR A 157 2.37 -32.46 12.93
C TYR A 157 3.40 -33.30 13.70
N PHE A 158 3.89 -34.40 13.12
CA PHE A 158 4.80 -35.29 13.90
C PHE A 158 6.13 -35.56 13.18
N ARG A 159 7.24 -35.08 13.77
CA ARG A 159 8.62 -35.35 13.27
C ARG A 159 8.86 -34.95 11.81
N PHE A 160 8.43 -33.76 11.41
CA PHE A 160 8.58 -33.30 10.01
C PHE A 160 10.06 -32.98 9.76
N GLU A 161 10.89 -34.01 9.59
CA GLU A 161 12.36 -33.82 9.35
C GLU A 161 13.14 -33.37 10.59
N LEU A 162 12.48 -32.90 11.65
CA LEU A 162 13.25 -32.36 12.80
C LEU A 162 12.72 -32.86 14.15
N PRO A 163 13.58 -33.06 15.19
CA PRO A 163 13.13 -33.41 16.55
C PRO A 163 12.21 -32.35 17.18
N ARG A 164 11.32 -32.79 18.08
CA ARG A 164 10.39 -31.85 18.74
C ARG A 164 11.21 -30.74 19.34
N THR A 165 12.09 -31.05 20.28
CA THR A 165 12.86 -30.01 21.01
C THR A 165 13.41 -28.97 20.03
N ARG A 166 13.94 -29.42 18.89
CA ARG A 166 14.52 -28.52 17.88
C ARG A 166 13.46 -27.60 17.27
N ILE A 167 12.25 -28.12 17.02
CA ILE A 167 11.08 -27.33 16.61
C ILE A 167 10.65 -26.32 17.68
N THR A 168 10.52 -26.71 18.95
CA THR A 168 10.11 -25.75 20.01
C THR A 168 11.17 -24.68 20.26
N ASN A 169 12.45 -24.97 20.08
CA ASN A 169 13.52 -23.96 20.09
C ASN A 169 13.35 -22.92 18.96
N ILE A 170 12.96 -23.33 17.74
CA ILE A 170 12.63 -22.38 16.65
C ILE A 170 11.42 -21.52 17.05
N LEU A 171 10.32 -22.17 17.45
CA LEU A 171 9.04 -21.49 17.71
C LEU A 171 9.13 -20.47 18.85
N LYS A 172 9.76 -20.81 20.00
CA LYS A 172 9.89 -19.88 21.13
C LYS A 172 10.76 -18.66 20.79
N ARG A 173 11.82 -18.89 19.97
CA ARG A 173 12.83 -17.88 19.54
C ARG A 173 12.21 -16.87 18.62
N SER A 174 11.34 -17.24 17.73
CA SER A 174 10.49 -16.37 16.89
C SER A 174 9.37 -15.71 17.68
N GLY A 175 8.75 -16.41 18.65
CA GLY A 175 7.73 -15.84 19.53
C GLY A 175 8.22 -14.65 20.36
N GLU A 176 9.40 -14.75 20.99
CA GLU A 176 10.02 -13.65 21.73
C GLU A 176 10.42 -12.46 20.83
N GLN A 177 10.88 -12.73 19.60
CA GLN A 177 11.12 -11.68 18.60
C GLN A 177 9.81 -10.97 18.22
N ILE A 178 8.74 -11.71 17.90
CA ILE A 178 7.42 -11.13 17.55
C ILE A 178 6.87 -10.31 18.71
N TRP A 179 6.93 -10.84 19.95
CA TRP A 179 6.50 -10.11 21.15
C TRP A 179 7.27 -8.80 21.36
N SER A 180 8.58 -8.81 21.15
CA SER A 180 9.42 -7.59 21.18
C SER A 180 8.92 -6.53 20.19
N VAL A 181 8.66 -6.92 18.93
CA VAL A 181 8.18 -5.98 17.90
C VAL A 181 6.74 -5.53 18.18
N SER A 182 5.87 -6.37 18.76
CA SER A 182 4.54 -5.94 19.21
C SER A 182 4.59 -4.83 20.26
N ILE A 183 5.49 -4.96 21.25
CA ILE A 183 5.67 -3.87 22.26
C ILE A 183 6.14 -2.62 21.52
N PHE A 184 7.06 -2.78 20.56
CA PHE A 184 7.61 -1.64 19.79
C PHE A 184 6.50 -0.96 19.00
N LEU A 185 5.60 -1.75 18.39
CA LEU A 185 4.47 -1.17 17.62
C LEU A 185 3.52 -0.43 18.57
N LEU A 186 3.16 -1.05 19.70
CA LEU A 186 2.27 -0.43 20.69
C LEU A 186 2.81 0.90 21.20
N PHE A 187 4.13 1.02 21.42
CA PHE A 187 4.78 2.29 21.73
C PHE A 187 4.51 3.36 20.65
N PHE A 188 4.74 3.04 19.37
CA PHE A 188 4.46 3.95 18.26
C PHE A 188 2.96 4.31 18.14
N LEU A 189 2.06 3.33 18.24
CA LEU A 189 0.61 3.58 18.16
C LEU A 189 0.15 4.54 19.26
N LEU A 190 0.62 4.37 20.51
CA LEU A 190 0.29 5.27 21.60
C LEU A 190 0.94 6.66 21.44
N LEU A 191 2.19 6.74 20.98
CA LEU A 191 2.88 8.00 20.69
C LEU A 191 2.09 8.87 19.71
N TYR A 192 1.73 8.32 18.54
CA TYR A 192 0.92 9.04 17.56
C TYR A 192 -0.52 9.27 18.06
N GLY A 193 -1.04 8.41 18.94
CA GLY A 193 -2.31 8.65 19.65
C GLY A 193 -2.30 9.92 20.49
N ILE A 194 -1.35 10.07 21.42
CA ILE A 194 -1.25 11.29 22.27
C ILE A 194 -0.90 12.54 21.46
N LEU A 195 -0.12 12.42 20.38
CA LEU A 195 0.12 13.53 19.44
C LEU A 195 -1.16 13.94 18.69
N GLY A 196 -1.90 12.98 18.12
CA GLY A 196 -3.13 13.23 17.37
C GLY A 196 -4.20 13.93 18.20
N VAL A 197 -4.40 13.50 19.46
CA VAL A 197 -5.30 14.16 20.43
C VAL A 197 -4.93 15.64 20.60
N GLN A 198 -3.64 15.96 20.75
CA GLN A 198 -3.16 17.33 21.01
C GLN A 198 -3.11 18.22 19.77
N MET A 199 -2.78 17.65 18.61
CA MET A 199 -2.68 18.46 17.36
C MET A 199 -4.04 18.57 16.66
N PHE A 200 -4.92 17.57 16.82
CA PHE A 200 -6.23 17.57 16.11
C PHE A 200 -7.35 17.19 17.09
N GLY A 201 -8.60 17.55 16.77
CA GLY A 201 -9.74 17.25 17.65
C GLY A 201 -10.89 16.62 16.90
N THR A 202 -12.09 17.20 17.01
CA THR A 202 -13.29 16.66 16.33
C THR A 202 -13.42 17.16 14.89
N PHE A 203 -13.62 16.22 13.94
CA PHE A 203 -13.94 16.51 12.53
C PHE A 203 -15.46 16.63 12.31
N THR A 204 -16.10 17.64 12.90
CA THR A 204 -17.58 17.79 12.87
C THR A 204 -18.07 19.16 12.39
N TYR A 205 -17.18 20.09 12.05
CA TYR A 205 -17.53 21.43 11.53
C TYR A 205 -17.69 21.43 10.00
N HIS A 206 -18.73 20.77 9.50
CA HIS A 206 -19.11 20.77 8.09
C HIS A 206 -19.70 22.11 7.64
N CYS A 207 -19.50 22.49 6.36
CA CYS A 207 -20.26 23.57 5.72
C CYS A 207 -21.74 23.17 5.51
N VAL A 208 -22.67 24.05 5.95
CA VAL A 208 -24.13 23.77 5.91
C VAL A 208 -24.91 24.93 5.29
N VAL A 209 -25.91 24.70 4.45
CA VAL A 209 -26.77 25.83 3.99
C VAL A 209 -27.45 26.42 5.24
N ASN A 210 -27.53 27.74 5.37
CA ASN A 210 -28.05 28.32 6.64
C ASN A 210 -29.50 27.98 6.97
N ASP A 211 -30.33 27.63 5.99
CA ASP A 211 -31.77 27.39 6.23
C ASP A 211 -31.94 26.25 7.25
N THR A 212 -30.84 25.63 7.66
CA THR A 212 -30.93 24.47 8.58
C THR A 212 -31.16 24.93 10.03
N LYS A 213 -32.23 24.46 10.66
CA LYS A 213 -32.46 24.73 12.09
C LYS A 213 -31.79 23.59 12.86
N PRO A 214 -31.46 23.76 14.14
CA PRO A 214 -30.72 22.78 14.93
C PRO A 214 -31.30 21.37 14.86
N GLY A 215 -32.62 21.22 15.01
CA GLY A 215 -33.22 19.88 15.07
C GLY A 215 -33.53 19.32 13.69
N ASN A 216 -33.21 20.02 12.62
CA ASN A 216 -33.43 19.45 11.27
C ASN A 216 -32.14 19.48 10.47
N VAL A 217 -31.23 18.55 10.72
CA VAL A 217 -30.00 18.38 9.90
C VAL A 217 -30.24 17.19 8.97
N THR A 218 -30.11 17.40 7.66
CA THR A 218 -30.44 16.34 6.69
C THR A 218 -29.54 16.44 5.46
N TRP A 219 -29.56 15.46 4.54
CA TRP A 219 -28.73 15.46 3.33
C TRP A 219 -28.84 16.75 2.49
N ASN A 220 -30.04 17.37 2.46
CA ASN A 220 -30.27 18.61 1.70
C ASN A 220 -29.65 19.87 2.32
N SER A 221 -29.26 19.88 3.61
CA SER A 221 -28.65 21.06 4.26
C SER A 221 -27.12 21.13 4.10
N LEU A 222 -26.47 20.09 3.58
CA LEU A 222 -25.03 20.00 3.32
C LEU A 222 -24.63 20.54 1.94
N ALA A 223 -23.38 20.99 1.78
CA ALA A 223 -22.78 21.23 0.47
C ALA A 223 -22.61 19.91 -0.33
N ILE A 224 -22.68 19.96 -1.67
CA ILE A 224 -22.65 18.75 -2.52
C ILE A 224 -21.27 18.08 -2.53
N PRO A 225 -20.15 18.77 -2.87
CA PRO A 225 -18.81 18.29 -2.56
C PRO A 225 -18.54 18.50 -1.06
N ASP A 226 -19.11 17.63 -0.23
CA ASP A 226 -19.22 17.78 1.23
C ASP A 226 -17.85 18.06 1.90
N THR A 227 -17.78 19.11 2.73
CA THR A 227 -16.52 19.71 3.18
C THR A 227 -16.56 20.20 4.63
N HIS A 228 -15.43 20.09 5.32
CA HIS A 228 -15.18 20.68 6.63
C HIS A 228 -14.76 22.15 6.51
N CYS A 229 -14.77 22.87 7.63
CA CYS A 229 -14.24 24.22 7.80
C CYS A 229 -13.44 24.32 9.12
N SER A 230 -12.67 25.40 9.29
CA SER A 230 -12.33 25.91 10.62
C SER A 230 -13.36 26.97 11.04
N PRO A 231 -13.96 26.87 12.26
CA PRO A 231 -14.83 27.92 12.76
C PRO A 231 -14.05 29.22 13.06
N GLU A 232 -12.78 29.14 13.45
CA GLU A 232 -11.87 30.28 13.51
C GLU A 232 -11.39 30.70 12.10
N LEU A 233 -11.40 32.01 11.82
CA LEU A 233 -10.92 32.57 10.55
C LEU A 233 -9.39 32.43 10.40
N GLU A 234 -8.91 32.18 9.18
CA GLU A 234 -7.50 31.87 8.82
C GLU A 234 -6.90 30.57 9.40
N GLU A 235 -7.62 29.80 10.22
CA GLU A 235 -7.14 28.55 10.82
C GLU A 235 -7.46 27.27 10.01
N GLY A 236 -7.83 27.42 8.72
CA GLY A 236 -8.29 26.33 7.85
C GLY A 236 -9.10 26.84 6.66
N TYR A 237 -10.08 26.07 6.19
CA TYR A 237 -11.06 26.46 5.17
C TYR A 237 -12.25 27.23 5.79
N GLN A 238 -12.84 28.19 5.07
CA GLN A 238 -14.09 28.85 5.46
C GLN A 238 -15.08 28.87 4.29
N CYS A 239 -16.37 28.62 4.58
CA CYS A 239 -17.41 28.43 3.56
C CYS A 239 -17.72 29.75 2.80
N PRO A 240 -18.09 29.68 1.50
CA PRO A 240 -18.44 30.86 0.72
C PRO A 240 -19.80 31.49 1.14
N PRO A 241 -20.15 32.69 0.63
CA PRO A 241 -21.44 33.34 0.90
C PRO A 241 -22.65 32.44 0.59
N GLY A 242 -23.69 32.54 1.42
CA GLY A 242 -24.86 31.66 1.41
C GLY A 242 -24.69 30.36 2.24
N PHE A 243 -23.48 30.11 2.73
CA PHE A 243 -23.14 28.99 3.62
C PHE A 243 -22.48 29.48 4.91
N LYS A 244 -22.61 28.64 5.95
CA LYS A 244 -21.96 28.84 7.27
C LYS A 244 -21.53 27.47 7.80
N CYS A 245 -20.74 27.35 8.87
CA CYS A 245 -20.37 26.07 9.48
C CYS A 245 -20.45 26.08 11.00
N MET A 246 -20.80 24.91 11.53
CA MET A 246 -21.15 24.65 12.92
C MET A 246 -21.10 23.13 13.14
N ASP A 247 -20.81 22.69 14.36
CA ASP A 247 -20.57 21.28 14.68
C ASP A 247 -21.86 20.47 14.60
N LEU A 248 -21.96 19.56 13.62
CA LEU A 248 -23.20 18.79 13.36
C LEU A 248 -23.62 17.89 14.53
N GLU A 249 -22.68 17.49 15.40
CA GLU A 249 -22.96 16.75 16.63
C GLU A 249 -23.80 17.56 17.63
N ASP A 250 -23.58 18.88 17.72
CA ASP A 250 -24.42 19.78 18.53
C ASP A 250 -25.81 19.99 17.92
N LEU A 251 -25.94 19.78 16.60
CA LEU A 251 -27.22 19.77 15.86
C LEU A 251 -27.92 18.39 15.91
N GLY A 252 -27.66 17.61 16.96
CA GLY A 252 -28.38 16.39 17.30
C GLY A 252 -27.95 15.09 16.59
N LEU A 253 -26.92 15.12 15.73
CA LEU A 253 -26.37 13.89 15.14
C LEU A 253 -25.60 13.05 16.17
N SER A 254 -25.74 11.72 16.11
CA SER A 254 -25.08 10.76 17.01
C SER A 254 -23.76 10.21 16.43
N ARG A 255 -22.92 9.58 17.27
CA ARG A 255 -21.59 9.08 16.88
C ARG A 255 -21.62 8.17 15.64
N GLN A 256 -22.61 7.28 15.54
CA GLN A 256 -22.76 6.38 14.38
C GLN A 256 -23.18 7.11 13.10
N GLU A 257 -23.83 8.28 13.21
CA GLU A 257 -24.15 9.16 12.06
C GLU A 257 -22.95 10.02 11.63
N LEU A 258 -22.14 10.52 12.57
CA LEU A 258 -20.88 11.22 12.26
C LEU A 258 -19.82 10.27 11.66
N GLY A 259 -19.68 9.08 12.23
CA GLY A 259 -18.62 8.11 11.94
C GLY A 259 -17.55 8.04 13.04
N TYR A 260 -16.88 6.88 13.16
CA TYR A 260 -15.99 6.55 14.28
C TYR A 260 -14.60 7.21 14.23
N SER A 261 -14.16 7.68 13.07
CA SER A 261 -12.81 8.29 12.89
C SER A 261 -12.75 9.73 13.42
N GLY A 262 -11.95 9.97 14.45
CA GLY A 262 -11.65 11.29 15.02
C GLY A 262 -10.62 11.24 16.14
N PHE A 263 -10.10 12.42 16.55
CA PHE A 263 -9.04 12.56 17.56
C PHE A 263 -9.54 13.11 18.91
N ASN A 264 -10.78 12.78 19.30
CA ASN A 264 -11.43 13.31 20.51
C ASN A 264 -10.89 12.73 21.84
N GLU A 265 -10.32 11.52 21.84
CA GLU A 265 -9.73 10.86 23.01
C GLU A 265 -8.66 9.85 22.55
N ILE A 266 -7.76 9.39 23.41
CA ILE A 266 -6.73 8.40 23.02
C ILE A 266 -7.29 7.08 22.48
N GLY A 267 -8.47 6.63 22.92
CA GLY A 267 -9.10 5.39 22.40
C GLY A 267 -9.45 5.48 20.91
N THR A 268 -10.18 6.52 20.52
CA THR A 268 -10.50 6.80 19.10
C THR A 268 -9.26 7.21 18.30
N SER A 269 -8.31 7.92 18.93
CA SER A 269 -7.07 8.34 18.27
C SER A 269 -6.13 7.17 17.95
N ILE A 270 -6.03 6.16 18.83
CA ILE A 270 -5.24 4.95 18.53
C ILE A 270 -5.89 4.17 17.38
N PHE A 271 -7.23 4.12 17.34
CA PHE A 271 -7.98 3.50 16.23
C PHE A 271 -7.76 4.22 14.89
N THR A 272 -7.82 5.56 14.83
CA THR A 272 -7.48 6.31 13.61
C THR A 272 -6.01 6.22 13.23
N VAL A 273 -5.09 6.21 14.20
CA VAL A 273 -3.66 5.99 13.93
C VAL A 273 -3.44 4.63 13.28
N TYR A 274 -4.09 3.57 13.77
CA TYR A 274 -3.98 2.24 13.16
C TYR A 274 -4.55 2.20 11.73
N GLU A 275 -5.76 2.71 11.50
CA GLU A 275 -6.35 2.72 10.15
C GLU A 275 -5.53 3.56 9.16
N ALA A 276 -4.99 4.71 9.58
CA ALA A 276 -4.09 5.53 8.77
C ALA A 276 -2.75 4.83 8.48
N ALA A 277 -2.13 4.20 9.49
CA ALA A 277 -0.88 3.45 9.32
C ALA A 277 -1.01 2.21 8.42
N SER A 278 -2.22 1.69 8.22
CA SER A 278 -2.51 0.65 7.22
C SER A 278 -2.53 1.15 5.76
N GLN A 279 -2.29 2.46 5.53
CA GLN A 279 -2.37 3.14 4.23
C GLN A 279 -3.75 3.00 3.56
N GLU A 280 -4.83 3.12 4.35
CA GLU A 280 -6.21 2.95 3.87
C GLU A 280 -7.07 4.19 4.22
N GLY A 281 -7.16 5.11 3.27
CA GLY A 281 -7.89 6.38 3.41
C GLY A 281 -7.13 7.47 4.19
N TRP A 282 -5.80 7.36 4.31
CA TRP A 282 -5.00 8.30 5.12
C TRP A 282 -5.01 9.73 4.53
N VAL A 283 -5.04 9.86 3.21
CA VAL A 283 -5.14 11.17 2.53
C VAL A 283 -6.47 11.87 2.82
N PHE A 284 -7.57 11.14 3.02
CA PHE A 284 -8.85 11.75 3.38
C PHE A 284 -8.83 12.34 4.79
N LEU A 285 -8.21 11.65 5.76
CA LEU A 285 -7.93 12.23 7.09
C LEU A 285 -7.04 13.47 6.98
N MET A 286 -6.01 13.43 6.12
CA MET A 286 -5.11 14.57 5.88
C MET A 286 -5.85 15.80 5.32
N TYR A 287 -6.73 15.61 4.31
CA TYR A 287 -7.55 16.68 3.74
C TYR A 287 -8.57 17.24 4.72
N ARG A 288 -9.23 16.38 5.52
CA ARG A 288 -10.14 16.78 6.61
C ARG A 288 -9.41 17.63 7.65
N ALA A 289 -8.21 17.22 8.05
CA ALA A 289 -7.35 17.99 8.95
C ALA A 289 -6.87 19.32 8.33
N ILE A 290 -6.52 19.35 7.05
CA ILE A 290 -6.16 20.58 6.32
C ILE A 290 -7.33 21.59 6.27
N ASP A 291 -8.57 21.12 6.09
CA ASP A 291 -9.75 21.99 6.10
C ASP A 291 -10.14 22.48 7.50
N SER A 292 -10.02 21.65 8.54
CA SER A 292 -10.40 22.02 9.92
C SER A 292 -9.33 22.76 10.74
N PHE A 293 -8.05 22.57 10.45
CA PHE A 293 -6.91 23.00 11.27
C PHE A 293 -5.76 23.57 10.40
N PRO A 294 -4.72 24.19 10.99
CA PRO A 294 -3.59 24.75 10.24
C PRO A 294 -2.86 23.74 9.34
N ARG A 295 -2.30 24.25 8.23
CA ARG A 295 -1.71 23.43 7.15
C ARG A 295 -0.49 22.62 7.63
N TRP A 296 0.44 23.31 8.30
CA TRP A 296 1.76 22.77 8.65
C TRP A 296 1.68 21.53 9.56
N ARG A 297 0.77 21.53 10.54
CA ARG A 297 0.63 20.41 11.48
C ARG A 297 0.10 19.13 10.81
N SER A 298 -0.81 19.26 9.85
CA SER A 298 -1.30 18.13 9.04
C SER A 298 -0.20 17.57 8.13
N TYR A 299 0.50 18.45 7.39
CA TYR A 299 1.63 18.02 6.54
C TYR A 299 2.74 17.34 7.35
N PHE A 300 3.13 17.88 8.50
CA PHE A 300 4.11 17.24 9.38
C PHE A 300 3.63 15.86 9.87
N TYR A 301 2.47 15.81 10.52
CA TYR A 301 1.96 14.61 11.19
C TYR A 301 1.74 13.43 10.23
N PHE A 302 0.95 13.62 9.16
CA PHE A 302 0.56 12.49 8.31
C PHE A 302 1.73 11.97 7.46
N ILE A 303 2.60 12.85 6.93
CA ILE A 303 3.78 12.41 6.17
C ILE A 303 4.77 11.63 7.06
N THR A 304 5.04 12.11 8.28
CA THR A 304 5.95 11.39 9.20
C THR A 304 5.32 10.09 9.72
N LEU A 305 4.00 10.05 9.98
CA LEU A 305 3.26 8.83 10.32
C LEU A 305 3.42 7.77 9.23
N ILE A 306 3.26 8.13 7.95
CA ILE A 306 3.48 7.20 6.83
C ILE A 306 4.93 6.70 6.78
N PHE A 307 5.91 7.59 6.87
CA PHE A 307 7.32 7.22 6.79
C PHE A 307 7.74 6.22 7.90
N PHE A 308 7.37 6.48 9.16
CA PHE A 308 7.65 5.56 10.26
C PHE A 308 6.70 4.37 10.34
N LEU A 309 5.42 4.60 10.67
CA LEU A 309 4.48 3.52 11.07
C LEU A 309 4.01 2.68 9.90
N ALA A 310 3.98 3.19 8.66
CA ALA A 310 3.64 2.37 7.49
C ALA A 310 4.88 1.68 6.89
N TRP A 311 5.96 2.42 6.60
CA TRP A 311 7.13 1.86 5.89
C TRP A 311 8.15 1.24 6.86
N LEU A 312 8.82 2.03 7.70
CA LEU A 312 9.96 1.54 8.50
C LEU A 312 9.58 0.45 9.52
N VAL A 313 8.42 0.53 10.17
CA VAL A 313 7.99 -0.44 11.19
C VAL A 313 7.57 -1.79 10.60
N LYS A 314 6.78 -1.83 9.51
CA LYS A 314 6.35 -3.09 8.87
C LYS A 314 7.53 -3.93 8.38
N ASN A 315 8.59 -3.26 7.93
CA ASN A 315 9.82 -3.90 7.50
C ASN A 315 10.53 -4.67 8.64
N VAL A 316 10.32 -4.30 9.91
CA VAL A 316 10.86 -5.04 11.06
C VAL A 316 10.13 -6.38 11.26
N PHE A 317 8.81 -6.44 11.05
CA PHE A 317 8.08 -7.72 11.03
C PHE A 317 8.56 -8.63 9.90
N ILE A 318 8.83 -8.08 8.71
CA ILE A 318 9.46 -8.82 7.59
C ILE A 318 10.83 -9.36 8.00
N ALA A 319 11.67 -8.55 8.64
CA ALA A 319 12.99 -8.97 9.12
C ALA A 319 12.93 -10.11 10.15
N VAL A 320 11.99 -10.08 11.10
CA VAL A 320 11.78 -11.16 12.08
C VAL A 320 11.42 -12.49 11.42
N ILE A 321 10.56 -12.48 10.40
CA ILE A 321 10.19 -13.72 9.68
C ILE A 321 11.33 -14.21 8.77
N ILE A 322 12.13 -13.32 8.16
CA ILE A 322 13.35 -13.71 7.43
C ILE A 322 14.38 -14.33 8.39
N GLU A 323 14.60 -13.77 9.57
CA GLU A 323 15.52 -14.36 10.58
C GLU A 323 14.99 -15.69 11.14
N THR A 324 13.66 -15.88 11.15
CA THR A 324 13.03 -17.18 11.46
C THR A 324 13.38 -18.24 10.40
N PHE A 325 13.34 -17.89 9.11
CA PHE A 325 13.83 -18.79 8.05
C PHE A 325 15.34 -19.04 8.14
N ALA A 326 16.14 -18.03 8.49
CA ALA A 326 17.57 -18.22 8.76
C ALA A 326 17.82 -19.19 9.94
N GLU A 327 17.02 -19.07 11.01
CA GLU A 327 17.14 -20.01 12.16
C GLU A 327 16.85 -21.44 11.67
N ILE A 328 15.85 -21.62 10.80
CA ILE A 328 15.46 -22.98 10.31
C ILE A 328 16.66 -23.64 9.60
N ARG A 329 17.35 -22.97 8.68
CA ARG A 329 18.54 -23.50 7.98
C ARG A 329 19.63 -23.70 9.01
N VAL A 330 19.81 -22.80 9.98
CA VAL A 330 20.76 -23.17 11.05
C VAL A 330 20.41 -24.54 11.64
N GLN A 331 19.15 -24.74 12.03
CA GLN A 331 18.73 -25.98 12.69
C GLN A 331 18.79 -27.20 11.77
N PHE A 332 18.38 -27.10 10.50
CA PHE A 332 18.56 -28.18 9.52
C PHE A 332 20.05 -28.51 9.29
N GLN A 333 20.91 -27.50 9.17
CA GLN A 333 22.35 -27.70 8.96
C GLN A 333 23.03 -28.33 10.20
N GLN A 334 22.64 -27.91 11.41
CA GLN A 334 23.19 -28.38 12.68
C GLN A 334 22.69 -29.79 13.08
N MET A 335 21.46 -30.16 12.71
CA MET A 335 20.81 -31.42 13.12
C MET A 335 21.60 -32.67 12.68
N TRP A 336 22.17 -32.67 11.46
CA TRP A 336 22.96 -33.77 10.91
C TRP A 336 24.29 -34.02 11.65
N ALA A 373 8.09 -46.71 -41.44
CA ALA A 373 7.52 -45.39 -41.04
C ALA A 373 7.89 -44.93 -39.61
N PRO A 374 7.64 -45.69 -38.52
CA PRO A 374 7.82 -45.18 -37.14
C PRO A 374 9.24 -44.72 -36.79
N ALA A 375 10.28 -45.27 -37.44
CA ALA A 375 11.69 -44.93 -37.21
C ALA A 375 12.02 -43.43 -37.38
N CYS A 376 11.17 -42.66 -38.07
CA CYS A 376 11.23 -41.20 -38.13
C CYS A 376 11.15 -40.53 -36.75
N LEU A 377 10.71 -41.22 -35.68
CA LEU A 377 10.77 -40.77 -34.28
C LEU A 377 12.15 -40.21 -33.90
N GLN A 378 13.23 -40.74 -34.48
CA GLN A 378 14.61 -40.32 -34.18
C GLN A 378 14.91 -38.88 -34.65
N LYS A 379 14.22 -38.39 -35.70
CA LYS A 379 14.44 -37.08 -36.32
C LYS A 379 13.26 -36.11 -36.18
N MET A 380 12.02 -36.55 -36.43
CA MET A 380 10.85 -35.65 -36.48
C MET A 380 10.50 -35.05 -35.11
N MET A 381 10.70 -35.81 -34.02
CA MET A 381 10.49 -35.32 -32.65
C MET A 381 11.60 -34.36 -32.19
N ARG A 382 12.82 -34.54 -32.69
CA ARG A 382 14.04 -33.83 -32.25
C ARG A 382 14.30 -32.52 -32.99
N SER A 383 13.88 -32.41 -34.26
CA SER A 383 14.29 -31.32 -35.15
C SER A 383 13.85 -29.93 -34.67
N SER A 384 14.73 -28.94 -34.83
CA SER A 384 14.42 -27.52 -34.53
C SER A 384 13.26 -27.00 -35.36
N VAL A 385 13.08 -27.52 -36.59
CA VAL A 385 11.95 -27.20 -37.47
C VAL A 385 10.61 -27.54 -36.80
N PHE A 386 10.46 -28.75 -36.24
CA PHE A 386 9.20 -29.15 -35.60
C PHE A 386 8.92 -28.32 -34.34
N HIS A 387 9.92 -28.10 -33.48
CA HIS A 387 9.76 -27.28 -32.28
C HIS A 387 9.37 -25.83 -32.60
N MET A 388 10.09 -25.18 -33.51
CA MET A 388 9.81 -23.79 -33.91
C MET A 388 8.44 -23.66 -34.61
N PHE A 389 8.06 -24.62 -35.45
CA PHE A 389 6.74 -24.68 -36.08
C PHE A 389 5.60 -24.73 -35.05
N ILE A 390 5.70 -25.61 -34.04
CA ILE A 390 4.69 -25.67 -32.98
C ILE A 390 4.66 -24.38 -32.15
N LEU A 391 5.82 -23.83 -31.78
CA LEU A 391 5.89 -22.57 -31.02
C LEU A 391 5.27 -21.39 -31.79
N SER A 392 5.54 -21.24 -33.09
CA SER A 392 4.92 -20.19 -33.92
C SER A 392 3.42 -20.43 -34.13
N MET A 393 2.96 -21.68 -34.27
CA MET A 393 1.53 -21.99 -34.31
C MET A 393 0.82 -21.65 -32.99
N VAL A 394 1.46 -21.85 -31.83
CA VAL A 394 0.93 -21.43 -30.53
C VAL A 394 0.83 -19.91 -30.41
N THR A 395 1.86 -19.13 -30.79
CA THR A 395 1.77 -17.66 -30.76
C THR A 395 0.69 -17.14 -31.71
N VAL A 396 0.60 -17.67 -32.93
CA VAL A 396 -0.45 -17.33 -33.90
C VAL A 396 -1.85 -17.65 -33.35
N ASP A 397 -2.08 -18.83 -32.79
CA ASP A 397 -3.35 -19.17 -32.15
C ASP A 397 -3.72 -18.19 -31.03
N VAL A 398 -2.78 -17.86 -30.14
CA VAL A 398 -3.00 -16.95 -29.01
C VAL A 398 -3.39 -15.55 -29.47
N ILE A 399 -2.68 -14.94 -30.43
CA ILE A 399 -3.04 -13.61 -30.94
C ILE A 399 -4.37 -13.63 -31.72
N VAL A 400 -4.65 -14.68 -32.50
CA VAL A 400 -5.95 -14.84 -33.17
C VAL A 400 -7.09 -14.95 -32.15
N ALA A 401 -6.92 -15.75 -31.10
CA ALA A 401 -7.90 -15.92 -30.03
C ALA A 401 -8.19 -14.62 -29.28
N ALA A 402 -7.16 -13.81 -28.96
CA ALA A 402 -7.32 -12.54 -28.26
C ALA A 402 -7.89 -11.41 -29.14
N SER A 403 -7.73 -11.47 -30.47
CA SER A 403 -8.05 -10.39 -31.43
C SER A 403 -9.55 -10.11 -31.63
N ASN A 404 -10.46 -10.91 -31.06
CA ASN A 404 -11.91 -10.76 -31.22
C ASN A 404 -12.53 -9.60 -30.39
N TYR A 405 -12.07 -8.38 -30.67
CA TYR A 405 -12.59 -7.17 -29.96
C TYR A 405 -14.09 -7.01 -30.22
N TYR A 406 -14.75 -6.14 -29.44
CA TYR A 406 -16.20 -5.86 -29.55
C TYR A 406 -16.62 -5.72 -31.01
N LYS A 407 -16.39 -4.52 -31.58
CA LYS A 407 -16.69 -4.18 -32.99
C LYS A 407 -18.12 -3.68 -33.22
N GLY A 408 -19.11 -4.32 -32.58
CA GLY A 408 -20.54 -4.03 -32.73
C GLY A 408 -21.43 -5.00 -31.95
N GLU A 409 -22.74 -4.76 -32.03
CA GLU A 409 -23.74 -5.58 -31.28
C GLU A 409 -24.21 -6.80 -32.10
N ASN A 410 -23.36 -7.34 -32.99
CA ASN A 410 -23.81 -8.55 -33.75
C ASN A 410 -22.97 -9.77 -33.34
N PHE A 411 -23.62 -10.78 -32.75
CA PHE A 411 -22.91 -12.04 -32.38
C PHE A 411 -23.72 -13.26 -32.83
N ARG A 412 -23.10 -14.20 -33.55
CA ARG A 412 -23.78 -15.46 -33.96
C ARG A 412 -22.83 -16.62 -33.63
N ARG A 413 -22.69 -16.98 -32.35
CA ARG A 413 -21.66 -18.00 -31.97
C ARG A 413 -22.19 -19.43 -31.86
N GLN A 414 -22.78 -20.00 -32.91
CA GLN A 414 -23.13 -21.44 -32.86
C GLN A 414 -22.13 -21.99 -33.84
N TYR A 415 -22.01 -21.38 -35.03
CA TYR A 415 -20.97 -21.75 -36.02
C TYR A 415 -20.49 -20.44 -36.65
N ASP A 416 -19.35 -19.90 -36.20
CA ASP A 416 -18.93 -18.56 -36.70
C ASP A 416 -17.41 -18.48 -36.86
N GLU A 417 -16.89 -17.29 -37.19
CA GLU A 417 -15.43 -17.08 -37.33
C GLU A 417 -14.81 -16.91 -35.93
N PHE A 418 -13.52 -17.21 -35.78
CA PHE A 418 -12.80 -17.16 -34.47
C PHE A 418 -13.12 -18.45 -33.72
N TYR A 419 -14.03 -19.27 -34.27
CA TYR A 419 -14.34 -20.59 -33.69
C TYR A 419 -13.75 -21.62 -34.65
N LEU A 420 -13.83 -21.33 -35.96
CA LEU A 420 -13.21 -22.23 -36.98
C LEU A 420 -11.69 -22.21 -36.77
N ALA A 421 -11.12 -21.04 -36.51
CA ALA A 421 -9.67 -20.94 -36.22
C ALA A 421 -9.38 -21.80 -34.99
N GLU A 422 -10.16 -21.62 -33.91
CA GLU A 422 -9.98 -22.38 -32.67
C GLU A 422 -10.14 -23.89 -32.87
N VAL A 423 -11.13 -24.36 -33.64
CA VAL A 423 -11.24 -25.80 -33.95
C VAL A 423 -10.07 -26.27 -34.83
N ALA A 424 -9.62 -25.48 -35.80
CA ALA A 424 -8.45 -25.83 -36.63
C ALA A 424 -7.16 -25.97 -35.81
N PHE A 425 -6.85 -25.00 -34.92
CA PHE A 425 -5.70 -25.10 -34.02
C PHE A 425 -5.87 -26.22 -32.98
N THR A 426 -7.08 -26.46 -32.47
CA THR A 426 -7.33 -27.58 -31.54
C THR A 426 -7.05 -28.93 -32.23
N VAL A 427 -7.49 -29.10 -33.49
CA VAL A 427 -7.16 -30.27 -34.32
C VAL A 427 -5.65 -30.39 -34.60
N LEU A 428 -4.94 -29.27 -34.82
CA LEU A 428 -3.48 -29.29 -34.97
C LEU A 428 -2.78 -29.79 -33.70
N PHE A 429 -3.16 -29.31 -32.51
CA PHE A 429 -2.58 -29.76 -31.25
C PHE A 429 -2.99 -31.19 -30.86
N ASP A 430 -4.19 -31.66 -31.24
CA ASP A 430 -4.54 -33.09 -31.21
C ASP A 430 -3.57 -33.93 -32.06
N LEU A 431 -3.38 -33.55 -33.33
CA LEU A 431 -2.47 -34.23 -34.25
C LEU A 431 -1.03 -34.24 -33.72
N GLU A 432 -0.54 -33.13 -33.16
CA GLU A 432 0.78 -33.05 -32.52
C GLU A 432 0.91 -34.04 -31.34
N ALA A 433 -0.07 -34.05 -30.42
CA ALA A 433 -0.06 -34.94 -29.27
C ALA A 433 -0.10 -36.41 -29.68
N LEU A 434 -0.96 -36.79 -30.64
CA LEU A 434 -1.04 -38.16 -31.15
C LEU A 434 0.23 -38.60 -31.89
N LEU A 435 0.90 -37.70 -32.64
CA LEU A 435 2.21 -38.00 -33.24
C LEU A 435 3.27 -38.27 -32.16
N LYS A 436 3.36 -37.44 -31.10
CA LYS A 436 4.28 -37.69 -29.98
C LYS A 436 3.97 -39.01 -29.28
N ILE A 437 2.70 -39.28 -28.98
CA ILE A 437 2.26 -40.54 -28.33
C ILE A 437 2.60 -41.76 -29.19
N TRP A 438 2.42 -41.71 -30.51
CA TRP A 438 2.79 -42.80 -31.42
C TRP A 438 4.31 -43.01 -31.47
N CYS A 439 5.06 -41.94 -31.76
CA CYS A 439 6.51 -42.01 -31.95
C CYS A 439 7.28 -42.37 -30.66
N LEU A 440 6.81 -41.90 -29.50
CA LEU A 440 7.54 -42.16 -28.23
C LEU A 440 6.91 -43.31 -27.45
N GLY A 441 5.64 -43.64 -27.70
CA GLY A 441 4.96 -44.68 -26.89
C GLY A 441 4.26 -44.00 -25.72
N PHE A 442 3.03 -44.41 -25.39
CA PHE A 442 2.29 -43.67 -24.35
C PHE A 442 2.95 -43.74 -22.97
N THR A 443 3.43 -44.92 -22.55
CA THR A 443 4.06 -45.11 -21.22
C THR A 443 5.33 -44.27 -21.05
N GLY A 444 6.09 -44.03 -22.12
CA GLY A 444 7.25 -43.13 -22.12
C GLY A 444 6.89 -41.64 -22.28
N TYR A 445 5.73 -41.34 -22.88
CA TYR A 445 5.20 -39.97 -23.02
C TYR A 445 4.60 -39.44 -21.71
N ILE A 446 3.71 -40.20 -21.07
CA ILE A 446 2.95 -39.79 -19.88
C ILE A 446 3.82 -39.50 -18.65
N SER A 447 5.05 -40.04 -18.58
CA SER A 447 5.95 -39.84 -17.44
C SER A 447 6.54 -38.41 -17.34
N SER A 448 6.57 -37.65 -18.44
CA SER A 448 7.04 -36.25 -18.45
C SER A 448 5.98 -35.29 -17.90
N SER A 449 6.37 -34.39 -17.00
CA SER A 449 5.49 -33.37 -16.39
C SER A 449 4.96 -32.38 -17.43
N LEU A 450 5.77 -31.99 -18.43
CA LEU A 450 5.35 -31.15 -19.54
C LEU A 450 4.26 -31.86 -20.37
N HIS A 451 4.44 -33.16 -20.64
CA HIS A 451 3.46 -33.93 -21.42
C HIS A 451 2.16 -34.18 -20.66
N LYS A 452 2.19 -34.34 -19.33
CA LYS A 452 0.98 -34.34 -18.48
C LYS A 452 0.20 -33.03 -18.60
N PHE A 453 0.89 -31.88 -18.55
CA PHE A 453 0.26 -30.57 -18.73
C PHE A 453 -0.31 -30.37 -20.14
N GLU A 454 0.43 -30.77 -21.17
CA GLU A 454 -0.07 -30.69 -22.56
C GLU A 454 -1.27 -31.61 -22.83
N LEU A 455 -1.34 -32.79 -22.20
CA LEU A 455 -2.55 -33.63 -22.22
C LEU A 455 -3.75 -32.92 -21.58
N LEU A 456 -3.56 -32.30 -20.41
CA LEU A 456 -4.62 -31.53 -19.75
C LEU A 456 -5.16 -30.41 -20.65
N LEU A 457 -4.29 -29.65 -21.32
CA LEU A 457 -4.72 -28.61 -22.26
C LEU A 457 -5.38 -29.18 -23.52
N VAL A 458 -4.91 -30.36 -24.03
CA VAL A 458 -5.42 -31.03 -25.28
C VAL A 458 -6.80 -31.59 -25.05
N ILE A 459 -7.08 -32.08 -23.89
CA ILE A 459 -8.41 -32.55 -23.42
C ILE A 459 -9.32 -31.37 -23.13
N GLY A 460 -8.86 -30.40 -22.34
CA GLY A 460 -9.66 -29.22 -21.95
C GLY A 460 -10.08 -28.35 -23.13
N THR A 461 -9.20 -28.16 -24.13
CA THR A 461 -9.55 -27.41 -25.35
C THR A 461 -10.41 -28.22 -26.33
N THR A 462 -10.28 -29.55 -26.36
CA THR A 462 -11.23 -30.42 -27.08
C THR A 462 -12.66 -30.28 -26.53
N LEU A 463 -12.81 -30.15 -25.20
CA LEU A 463 -14.10 -29.85 -24.57
C LEU A 463 -14.54 -28.40 -24.85
N HIS A 464 -13.66 -27.40 -24.66
CA HIS A 464 -13.97 -25.97 -24.90
C HIS A 464 -14.58 -25.69 -26.27
N VAL A 465 -14.05 -26.34 -27.33
CA VAL A 465 -14.50 -26.07 -28.71
C VAL A 465 -15.81 -26.79 -29.09
N TYR A 466 -16.42 -27.56 -28.20
CA TYR A 466 -17.80 -28.03 -28.36
C TYR A 466 -18.79 -26.84 -28.32
N PRO A 467 -19.82 -26.75 -29.19
CA PRO A 467 -20.62 -25.53 -29.34
C PRO A 467 -21.27 -25.02 -28.05
N ASP A 468 -21.70 -25.90 -27.16
CA ASP A 468 -22.33 -25.54 -25.87
C ASP A 468 -21.34 -25.04 -24.80
N LEU A 469 -20.02 -25.26 -25.00
CA LEU A 469 -18.95 -24.90 -24.07
C LEU A 469 -18.02 -23.78 -24.57
N TYR A 470 -18.20 -23.29 -25.80
CA TYR A 470 -17.36 -22.21 -26.34
C TYR A 470 -17.56 -20.89 -25.56
N HIS A 471 -16.45 -20.20 -25.26
CA HIS A 471 -16.36 -19.03 -24.36
C HIS A 471 -16.98 -19.25 -22.95
N SER A 472 -17.05 -20.49 -22.46
CA SER A 472 -17.43 -20.81 -21.07
C SER A 472 -16.23 -20.77 -20.11
N GLN A 473 -16.39 -21.24 -18.86
CA GLN A 473 -15.30 -21.45 -17.91
C GLN A 473 -14.20 -22.41 -18.41
N PHE A 474 -14.45 -23.23 -19.45
CA PHE A 474 -13.41 -24.01 -20.14
C PHE A 474 -12.37 -23.14 -20.87
N THR A 475 -12.61 -21.83 -21.04
CA THR A 475 -11.70 -20.91 -21.75
C THR A 475 -10.31 -20.79 -21.11
N TYR A 476 -10.16 -21.13 -19.82
CA TYR A 476 -8.84 -21.22 -19.18
C TYR A 476 -7.90 -22.18 -19.92
N PHE A 477 -8.39 -23.36 -20.34
CA PHE A 477 -7.57 -24.32 -21.10
C PHE A 477 -7.11 -23.77 -22.46
N GLN A 478 -7.88 -22.86 -23.06
CA GLN A 478 -7.48 -22.15 -24.28
C GLN A 478 -6.33 -21.18 -23.99
N VAL A 479 -6.50 -20.24 -23.05
CA VAL A 479 -5.49 -19.19 -22.81
C VAL A 479 -4.21 -19.72 -22.15
N LEU A 480 -4.28 -20.81 -21.40
CA LEU A 480 -3.11 -21.50 -20.83
C LEU A 480 -2.15 -22.08 -21.89
N ARG A 481 -2.52 -22.11 -23.18
CA ARG A 481 -1.61 -22.46 -24.29
C ARG A 481 -0.32 -21.62 -24.30
N VAL A 482 -0.35 -20.38 -23.78
CA VAL A 482 0.86 -19.50 -23.86
C VAL A 482 1.94 -20.00 -22.91
N VAL A 483 1.59 -20.90 -21.97
CA VAL A 483 2.59 -21.47 -21.02
C VAL A 483 3.62 -22.28 -21.81
N ARG A 484 3.26 -22.95 -22.85
CA ARG A 484 4.21 -23.81 -23.51
C ARG A 484 5.33 -22.97 -24.05
N LEU A 485 5.10 -21.70 -24.29
CA LEU A 485 6.08 -20.84 -25.00
C LEU A 485 7.27 -20.55 -24.11
N ILE A 486 7.29 -21.08 -22.87
CA ILE A 486 8.43 -20.71 -21.97
C ILE A 486 9.73 -21.33 -22.48
N LYS A 487 9.67 -22.37 -23.31
CA LYS A 487 10.88 -23.08 -23.81
C LYS A 487 11.66 -22.20 -24.80
N ILE A 488 11.23 -20.95 -24.99
CA ILE A 488 11.89 -20.07 -26.02
C ILE A 488 13.36 -19.84 -25.61
N SER A 489 13.61 -19.63 -24.32
CA SER A 489 15.00 -19.36 -23.85
C SER A 489 15.27 -20.13 -22.56
N PRO A 490 16.37 -20.90 -22.45
CA PRO A 490 16.72 -21.62 -21.20
C PRO A 490 16.83 -20.69 -19.98
N ALA A 491 17.18 -19.41 -20.18
CA ALA A 491 17.33 -18.43 -19.12
C ALA A 491 16.04 -18.20 -18.32
N LEU A 492 14.88 -18.09 -19.01
CA LEU A 492 13.59 -17.93 -18.35
C LEU A 492 13.15 -19.22 -17.63
N GLU A 493 13.40 -20.39 -18.21
CA GLU A 493 13.14 -21.69 -17.55
C GLU A 493 13.96 -21.83 -16.26
N ASP A 494 15.28 -21.57 -16.31
CA ASP A 494 16.16 -21.62 -15.14
C ASP A 494 15.74 -20.61 -14.06
N PHE A 495 15.36 -19.38 -14.44
CA PHE A 495 14.86 -18.38 -13.49
C PHE A 495 13.56 -18.82 -12.80
N VAL A 496 12.61 -19.37 -13.56
CA VAL A 496 11.36 -19.94 -13.02
C VAL A 496 11.65 -21.06 -12.02
N TYR A 497 12.48 -22.05 -12.38
CA TYR A 497 12.85 -23.14 -11.49
C TYR A 497 13.62 -22.67 -10.25
N LYS A 498 14.46 -21.64 -10.36
CA LYS A 498 15.16 -21.00 -9.23
C LYS A 498 14.18 -20.33 -8.25
N ILE A 499 13.31 -19.43 -8.73
CA ILE A 499 12.51 -18.57 -7.85
C ILE A 499 11.35 -19.32 -7.18
N PHE A 500 10.68 -20.24 -7.89
CA PHE A 500 9.61 -21.07 -7.32
C PHE A 500 10.15 -22.30 -6.54
N GLY A 501 11.36 -22.77 -6.87
CA GLY A 501 12.11 -23.73 -6.04
C GLY A 501 11.44 -25.10 -5.86
N PRO A 502 11.73 -25.83 -4.76
CA PRO A 502 11.05 -27.09 -4.44
C PRO A 502 9.57 -26.83 -4.10
N GLY A 503 8.67 -27.39 -4.91
CA GLY A 503 7.23 -27.10 -4.75
C GLY A 503 6.73 -27.23 -3.32
N LYS A 504 7.39 -28.04 -2.50
CA LYS A 504 6.97 -28.30 -1.08
C LYS A 504 6.97 -27.03 -0.21
N LYS A 505 7.82 -26.05 -0.50
CA LYS A 505 7.88 -24.83 0.36
C LYS A 505 6.73 -23.87 0.06
N LEU A 506 6.50 -23.54 -1.21
CA LEU A 506 5.45 -22.59 -1.60
C LEU A 506 4.05 -23.23 -1.58
N GLY A 507 3.94 -24.50 -1.96
CA GLY A 507 2.69 -25.27 -1.97
C GLY A 507 2.04 -25.36 -0.59
N SER A 508 2.82 -25.71 0.44
CA SER A 508 2.31 -25.74 1.83
C SER A 508 1.89 -24.36 2.34
N LEU A 509 2.57 -23.27 1.93
CA LEU A 509 2.19 -21.90 2.31
C LEU A 509 0.89 -21.43 1.65
N VAL A 510 0.68 -21.69 0.34
CA VAL A 510 -0.59 -21.33 -0.31
C VAL A 510 -1.75 -22.18 0.22
N VAL A 511 -1.52 -23.46 0.51
CA VAL A 511 -2.52 -24.33 1.18
C VAL A 511 -2.86 -23.82 2.58
N PHE A 512 -1.86 -23.47 3.41
CA PHE A 512 -2.08 -22.87 4.73
C PHE A 512 -2.89 -21.57 4.63
N THR A 513 -2.54 -20.69 3.67
CA THR A 513 -3.26 -19.44 3.42
C THR A 513 -4.73 -19.68 3.07
N ALA A 514 -5.03 -20.64 2.18
CA ALA A 514 -6.39 -21.01 1.82
C ALA A 514 -7.17 -21.61 3.01
N SER A 515 -6.61 -22.58 3.73
CA SER A 515 -7.23 -23.20 4.90
C SER A 515 -7.54 -22.19 6.01
N LEU A 516 -6.61 -21.29 6.31
CA LEU A 516 -6.79 -20.19 7.26
C LEU A 516 -7.97 -19.29 6.85
N LEU A 517 -8.00 -18.85 5.59
CA LEU A 517 -9.06 -17.98 5.07
C LEU A 517 -10.44 -18.67 5.14
N ILE A 518 -10.54 -19.94 4.74
CA ILE A 518 -11.77 -20.74 4.80
C ILE A 518 -12.28 -20.91 6.24
N VAL A 519 -11.39 -21.21 7.19
CA VAL A 519 -11.76 -21.32 8.62
C VAL A 519 -12.23 -19.97 9.16
N MET A 520 -11.51 -18.88 8.87
CA MET A 520 -11.89 -17.54 9.35
C MET A 520 -13.21 -17.05 8.74
N SER A 521 -13.47 -17.28 7.45
CA SER A 521 -14.77 -16.93 6.86
C SER A 521 -15.92 -17.77 7.42
N ALA A 522 -15.70 -19.06 7.73
CA ALA A 522 -16.69 -19.91 8.41
C ALA A 522 -16.98 -19.43 9.85
N ILE A 523 -15.97 -18.97 10.59
CA ILE A 523 -16.14 -18.37 11.93
C ILE A 523 -16.92 -17.05 11.85
N SER A 524 -16.51 -16.10 11.00
CA SER A 524 -17.24 -14.83 10.80
C SER A 524 -18.68 -15.05 10.34
N LEU A 525 -18.93 -16.04 9.48
CA LEU A 525 -20.28 -16.42 9.05
C LEU A 525 -21.16 -16.81 10.24
N GLN A 526 -20.75 -17.81 11.03
CA GLN A 526 -21.54 -18.24 12.20
C GLN A 526 -21.59 -17.20 13.33
N MET A 527 -20.67 -16.22 13.34
CA MET A 527 -20.68 -15.08 14.27
C MET A 527 -21.66 -13.96 13.87
N PHE A 528 -21.95 -13.75 12.58
CA PHE A 528 -22.68 -12.56 12.09
C PHE A 528 -23.92 -12.82 11.21
N CYS A 529 -24.17 -14.05 10.73
CA CYS A 529 -25.20 -14.30 9.70
C CYS A 529 -26.66 -13.98 10.10
N PHE A 530 -26.96 -13.88 11.40
CA PHE A 530 -28.29 -13.66 11.97
C PHE A 530 -28.59 -12.18 12.30
N VAL A 531 -27.60 -11.28 12.15
CA VAL A 531 -27.82 -9.86 12.56
C VAL A 531 -29.10 -9.36 11.88
N GLU A 532 -29.22 -9.51 10.56
CA GLU A 532 -30.42 -9.10 9.78
C GLU A 532 -30.37 -7.60 9.47
N GLU A 533 -29.40 -6.89 10.06
CA GLU A 533 -29.21 -5.45 9.74
C GLU A 533 -27.83 -5.35 9.07
N LEU A 534 -27.18 -6.49 8.85
CA LEU A 534 -25.81 -6.49 8.29
C LEU A 534 -25.73 -7.48 7.13
N ASP A 535 -25.33 -7.02 5.94
CA ASP A 535 -25.14 -7.92 4.76
C ASP A 535 -23.67 -8.38 4.79
N ARG A 536 -23.12 -8.87 3.67
CA ARG A 536 -21.68 -9.25 3.57
C ARG A 536 -21.29 -10.38 4.53
N PHE A 537 -22.20 -10.82 5.41
CA PHE A 537 -21.91 -11.97 6.33
C PHE A 537 -23.12 -12.88 6.35
N THR A 538 -23.99 -12.77 5.35
CA THR A 538 -25.27 -13.53 5.28
C THR A 538 -25.12 -14.94 4.69
N THR A 539 -24.14 -15.15 3.79
CA THR A 539 -23.84 -16.42 3.11
C THR A 539 -22.33 -16.63 3.06
N PHE A 540 -21.86 -17.87 2.92
CA PHE A 540 -20.43 -18.18 2.87
C PHE A 540 -19.65 -17.42 1.79
N PRO A 541 -20.10 -17.32 0.51
CA PRO A 541 -19.35 -16.55 -0.49
C PRO A 541 -19.25 -15.06 -0.16
N ARG A 542 -20.31 -14.50 0.44
CA ARG A 542 -20.28 -13.08 0.89
C ARG A 542 -19.21 -12.93 1.98
N ALA A 543 -19.25 -13.79 3.00
CA ALA A 543 -18.28 -13.77 4.13
C ALA A 543 -16.86 -13.95 3.58
N PHE A 544 -16.64 -14.94 2.70
CA PHE A 544 -15.33 -15.19 2.10
C PHE A 544 -14.80 -13.95 1.36
N MET A 545 -15.62 -13.31 0.52
CA MET A 545 -15.25 -12.05 -0.15
C MET A 545 -14.87 -10.96 0.86
N SER A 546 -15.62 -10.84 1.96
CA SER A 546 -15.34 -9.87 3.03
C SER A 546 -13.99 -10.13 3.72
N MET A 547 -13.69 -11.37 4.09
CA MET A 547 -12.40 -11.71 4.72
C MET A 547 -11.23 -11.58 3.73
N PHE A 548 -11.40 -11.99 2.47
CA PHE A 548 -10.40 -11.78 1.41
C PHE A 548 -10.13 -10.28 1.17
N GLN A 549 -11.17 -9.44 1.14
CA GLN A 549 -11.04 -7.99 1.03
C GLN A 549 -10.26 -7.39 2.21
N ILE A 550 -10.48 -7.85 3.44
CA ILE A 550 -9.68 -7.43 4.60
C ILE A 550 -8.21 -7.86 4.42
N LEU A 551 -7.95 -9.09 3.99
CA LEU A 551 -6.61 -9.61 3.73
C LEU A 551 -5.83 -8.80 2.66
N THR A 552 -6.54 -8.35 1.60
CA THR A 552 -5.88 -7.63 0.47
C THR A 552 -5.69 -6.14 0.74
N GLN A 553 -6.07 -5.62 1.92
CA GLN A 553 -5.80 -4.20 2.29
C GLN A 553 -6.70 -3.18 1.59
N GLU A 554 -7.80 -3.59 0.94
CA GLU A 554 -8.63 -2.62 0.19
C GLU A 554 -9.93 -2.35 0.95
N GLY A 555 -10.24 -1.08 1.25
CA GLY A 555 -11.47 -0.75 1.99
C GLY A 555 -11.74 -1.62 3.22
N TRP A 556 -10.73 -2.24 3.83
CA TRP A 556 -10.92 -3.13 5.01
C TRP A 556 -11.67 -2.43 6.16
N VAL A 557 -11.37 -1.13 6.37
CA VAL A 557 -12.04 -0.30 7.36
C VAL A 557 -13.53 -0.09 7.06
N ASP A 558 -13.96 -0.07 5.80
CA ASP A 558 -15.37 -0.01 5.43
C ASP A 558 -16.11 -1.31 5.76
N VAL A 559 -15.47 -2.47 5.57
CA VAL A 559 -16.00 -3.78 5.98
C VAL A 559 -16.25 -3.79 7.49
N MET A 560 -15.26 -3.33 8.27
CA MET A 560 -15.37 -3.20 9.73
C MET A 560 -16.47 -2.20 10.15
N ASP A 561 -16.51 -0.99 9.58
CA ASP A 561 -17.53 0.03 9.91
C ASP A 561 -18.96 -0.43 9.60
N GLN A 562 -19.15 -1.12 8.47
CA GLN A 562 -20.50 -1.65 8.13
C GLN A 562 -20.95 -2.63 9.24
N THR A 563 -20.05 -3.47 9.76
CA THR A 563 -20.39 -4.35 10.88
C THR A 563 -20.61 -3.56 12.18
N LEU A 564 -19.73 -2.60 12.52
CA LEU A 564 -19.83 -1.80 13.75
C LEU A 564 -21.17 -1.07 13.87
N ASN A 565 -21.61 -0.36 12.82
CA ASN A 565 -22.87 0.38 12.87
C ASN A 565 -24.13 -0.50 12.77
N ALA A 566 -24.00 -1.81 12.48
CA ALA A 566 -25.10 -2.76 12.39
C ALA A 566 -25.22 -3.71 13.61
N VAL A 567 -24.09 -4.10 14.23
CA VAL A 567 -24.06 -4.99 15.40
C VAL A 567 -24.52 -4.31 16.70
N GLY A 568 -24.43 -2.97 16.77
CA GLY A 568 -24.85 -2.15 17.91
C GLY A 568 -23.72 -1.77 18.87
N HIS A 569 -23.88 -0.66 19.58
CA HIS A 569 -22.82 -0.02 20.39
C HIS A 569 -22.33 -0.90 21.56
N MET A 570 -23.20 -1.74 22.12
CA MET A 570 -22.85 -2.67 23.19
C MET A 570 -21.79 -3.72 22.77
N TRP A 571 -21.74 -4.06 21.47
CA TRP A 571 -20.88 -5.10 20.90
C TRP A 571 -19.78 -4.57 19.98
N ALA A 572 -19.82 -3.27 19.64
CA ALA A 572 -18.84 -2.62 18.76
C ALA A 572 -17.37 -2.80 19.21
N PRO A 573 -16.99 -2.70 20.50
CA PRO A 573 -15.61 -2.96 20.94
C PRO A 573 -15.16 -4.41 20.69
N VAL A 574 -16.05 -5.39 20.86
CA VAL A 574 -15.75 -6.82 20.69
C VAL A 574 -15.47 -7.15 19.22
N VAL A 575 -16.31 -6.69 18.30
CA VAL A 575 -16.05 -6.91 16.86
C VAL A 575 -14.86 -6.09 16.36
N ALA A 576 -14.60 -4.90 16.92
CA ALA A 576 -13.43 -4.10 16.58
C ALA A 576 -12.13 -4.86 16.88
N ILE A 577 -11.95 -5.40 18.09
CA ILE A 577 -10.75 -6.19 18.41
C ILE A 577 -10.66 -7.47 17.57
N TYR A 578 -11.78 -8.11 17.21
CA TYR A 578 -11.77 -9.26 16.30
C TYR A 578 -11.22 -8.93 14.91
N PHE A 579 -11.73 -7.86 14.27
CA PHE A 579 -11.21 -7.40 12.97
C PHE A 579 -9.75 -6.92 13.05
N ILE A 580 -9.37 -6.20 14.11
CA ILE A 580 -7.99 -5.75 14.33
C ILE A 580 -7.03 -6.94 14.46
N LEU A 581 -7.36 -7.96 15.26
CA LEU A 581 -6.54 -9.16 15.43
C LEU A 581 -6.40 -9.97 14.12
N TYR A 582 -7.47 -10.12 13.34
CA TYR A 582 -7.38 -10.77 12.03
C TYR A 582 -6.52 -9.96 11.05
N HIS A 583 -6.72 -8.64 10.96
CA HIS A 583 -5.94 -7.77 10.08
C HIS A 583 -4.44 -7.75 10.44
N LEU A 584 -4.10 -7.68 11.72
CA LEU A 584 -2.72 -7.80 12.23
C LEU A 584 -2.06 -9.09 11.70
N PHE A 585 -2.65 -10.25 11.96
CA PHE A 585 -2.08 -11.54 11.55
C PHE A 585 -2.01 -11.69 10.01
N ALA A 586 -3.11 -11.40 9.32
CA ALA A 586 -3.22 -11.54 7.87
C ALA A 586 -2.26 -10.60 7.10
N THR A 587 -1.97 -9.41 7.62
CA THR A 587 -1.09 -8.45 6.93
C THR A 587 0.37 -8.50 7.38
N LEU A 588 0.65 -8.71 8.68
CA LEU A 588 2.03 -8.74 9.19
C LEU A 588 2.71 -10.11 9.05
N ILE A 589 2.00 -11.23 9.28
CA ILE A 589 2.59 -12.58 9.25
C ILE A 589 2.44 -13.21 7.85
N LEU A 590 1.22 -13.31 7.30
CA LEU A 590 1.01 -14.06 6.05
C LEU A 590 1.76 -13.45 4.85
N LEU A 591 1.72 -12.12 4.68
CA LEU A 591 2.43 -11.46 3.57
C LEU A 591 3.96 -11.55 3.72
N SER A 592 4.49 -11.44 4.94
CA SER A 592 5.93 -11.58 5.20
C SER A 592 6.43 -13.02 5.06
N LEU A 593 5.59 -14.04 5.29
CA LEU A 593 5.92 -15.43 4.97
C LEU A 593 6.16 -15.64 3.47
N PHE A 594 5.36 -15.05 2.58
CA PHE A 594 5.63 -15.10 1.12
C PHE A 594 6.96 -14.44 0.76
N VAL A 595 7.28 -13.28 1.35
CA VAL A 595 8.58 -12.60 1.17
C VAL A 595 9.74 -13.51 1.61
N ALA A 596 9.64 -14.11 2.79
CA ALA A 596 10.67 -15.00 3.34
C ALA A 596 10.87 -16.28 2.52
N VAL A 597 9.78 -16.94 2.07
CA VAL A 597 9.86 -18.13 1.21
C VAL A 597 10.56 -17.84 -0.12
N ILE A 598 10.19 -16.74 -0.79
CA ILE A 598 10.81 -16.37 -2.08
C ILE A 598 12.28 -15.97 -1.90
N LEU A 599 12.65 -15.26 -0.83
CA LEU A 599 14.06 -14.98 -0.52
C LEU A 599 14.86 -16.25 -0.20
N ASP A 600 14.29 -17.18 0.58
CA ASP A 600 14.93 -18.46 0.89
C ASP A 600 15.17 -19.32 -0.37
N ASN A 601 14.29 -19.24 -1.38
CA ASN A 601 14.51 -19.85 -2.70
C ASN A 601 15.62 -19.19 -3.53
N LEU A 602 15.77 -17.86 -3.44
CA LEU A 602 16.77 -17.12 -4.22
C LEU A 602 18.22 -17.33 -3.75
N GLU A 603 18.47 -17.63 -2.46
CA GLU A 603 19.79 -18.05 -1.97
C GLU A 603 20.22 -19.46 -2.47
N LEU A 604 21.54 -19.70 -2.49
CA LEU A 604 22.11 -21.05 -2.57
C LEU A 604 21.76 -21.88 -1.33
N ASP A 605 21.81 -23.21 -1.42
CA ASP A 605 21.83 -24.08 -0.23
C ASP A 605 23.15 -23.96 0.53
N GLU A 606 23.13 -24.15 1.86
CA GLU A 606 24.32 -23.94 2.72
C GLU A 606 25.50 -24.86 2.34
N ASP A 607 25.22 -26.10 1.94
CA ASP A 607 26.25 -27.03 1.43
C ASP A 607 26.84 -26.60 0.07
N LEU A 608 26.03 -25.97 -0.79
CA LEU A 608 26.47 -25.51 -2.12
C LEU A 608 27.37 -24.28 -2.00
N LYS A 609 27.03 -23.31 -1.14
CA LYS A 609 27.93 -22.18 -0.84
C LYS A 609 29.19 -22.60 -0.07
N LYS A 610 29.11 -23.60 0.83
CA LYS A 610 30.31 -24.21 1.45
C LYS A 610 31.25 -24.82 0.40
N LEU A 611 30.72 -25.60 -0.54
CA LEU A 611 31.48 -26.16 -1.66
C LEU A 611 32.09 -25.05 -2.52
N LYS A 612 31.33 -24.01 -2.86
CA LYS A 612 31.81 -22.85 -3.64
C LYS A 612 32.96 -22.12 -2.94
N GLN A 613 32.84 -21.85 -1.64
CA GLN A 613 33.94 -21.25 -0.85
C GLN A 613 35.19 -22.14 -0.83
N LEU A 614 35.04 -23.43 -0.57
CA LEU A 614 36.12 -24.41 -0.52
C LEU A 614 36.84 -24.54 -1.87
N LYS A 615 36.08 -24.57 -2.98
CA LYS A 615 36.60 -24.73 -4.35
C LYS A 615 37.24 -23.46 -4.92
N GLN A 616 36.72 -22.28 -4.57
CA GLN A 616 37.22 -20.99 -5.06
C GLN A 616 38.63 -20.65 -4.53
N SER A 617 38.98 -21.11 -3.31
CA SER A 617 40.34 -21.01 -2.73
C SER A 617 41.36 -21.88 -3.47
N PHE A 846 47.96 25.19 -25.60
CA PHE A 846 47.78 25.44 -24.13
C PHE A 846 46.82 24.47 -23.39
N ARG A 847 46.29 23.38 -23.98
CA ARG A 847 45.19 22.57 -23.36
C ARG A 847 45.51 21.93 -22.00
N ASN A 848 46.79 21.78 -21.66
CA ASN A 848 47.25 21.35 -20.33
C ASN A 848 46.78 22.31 -19.23
N PHE A 849 46.66 23.62 -19.50
CA PHE A 849 46.06 24.58 -18.57
C PHE A 849 44.59 24.27 -18.30
N CYS A 850 43.80 23.97 -19.34
CA CYS A 850 42.40 23.56 -19.19
C CYS A 850 42.26 22.26 -18.40
N ARG A 851 43.18 21.30 -18.59
CA ARG A 851 43.24 20.06 -17.77
C ARG A 851 43.52 20.35 -16.29
N VAL A 852 44.45 21.25 -15.98
CA VAL A 852 44.73 21.71 -14.61
C VAL A 852 43.51 22.44 -14.00
N VAL A 853 42.82 23.29 -14.77
CA VAL A 853 41.57 23.96 -14.34
C VAL A 853 40.47 22.94 -14.02
N VAL A 854 40.29 21.91 -14.86
CA VAL A 854 39.29 20.84 -14.65
C VAL A 854 39.63 20.00 -13.41
N ARG A 855 40.87 19.50 -13.31
CA ARG A 855 41.27 18.62 -12.19
C ARG A 855 41.88 19.48 -11.07
N ALA A 856 41.09 20.37 -10.47
CA ALA A 856 41.59 21.24 -9.39
C ALA A 856 41.80 20.44 -8.09
N ARG A 857 42.71 20.91 -7.21
CA ARG A 857 43.03 20.19 -5.95
C ARG A 857 41.92 20.39 -4.91
N PHE A 858 41.93 19.58 -3.83
CA PHE A 858 40.93 19.73 -2.75
C PHE A 858 41.49 20.66 -1.66
N ASN A 859 40.72 20.89 -0.60
CA ASN A 859 41.18 21.76 0.52
C ASN A 859 42.01 20.93 1.50
N ASN A 872 41.19 17.38 15.51
CA ASN A 872 41.45 16.78 14.17
C ASN A 872 40.19 16.22 13.50
N THR A 873 39.59 15.13 14.01
CA THR A 873 38.58 14.31 13.28
C THR A 873 37.35 15.08 12.79
N LYS A 874 36.83 16.04 13.58
CA LYS A 874 35.69 16.89 13.19
C LYS A 874 36.00 17.74 11.95
N TYR A 875 37.19 18.35 11.90
CA TYR A 875 37.67 19.10 10.73
C TYR A 875 38.05 18.18 9.57
N HIS A 876 38.66 17.02 9.83
CA HIS A 876 38.97 16.02 8.81
C HIS A 876 37.72 15.53 8.06
N GLN A 877 36.61 15.30 8.76
CA GLN A 877 35.32 14.96 8.15
C GLN A 877 34.81 16.09 7.22
N LEU A 878 34.95 17.36 7.62
CA LEU A 878 34.63 18.52 6.77
C LEU A 878 35.57 18.60 5.55
N TYR A 879 36.88 18.38 5.72
CA TYR A 879 37.83 18.37 4.61
C TYR A 879 37.54 17.23 3.62
N ASP A 880 37.10 16.09 4.14
CA ASP A 880 36.69 14.95 3.28
C ASP A 880 35.51 15.41 2.42
N LEU A 881 34.48 15.98 3.06
CA LEU A 881 33.30 16.51 2.36
C LEU A 881 33.70 17.52 1.28
N LEU A 882 34.49 18.55 1.61
CA LEU A 882 34.94 19.55 0.64
C LEU A 882 35.74 18.93 -0.51
N GLY A 883 36.52 17.88 -0.23
CA GLY A 883 37.29 17.11 -1.21
C GLY A 883 36.51 16.10 -2.05
N LEU A 884 35.19 15.99 -1.88
CA LEU A 884 34.35 14.99 -2.55
C LEU A 884 34.35 15.12 -4.08
N VAL A 885 34.27 16.36 -4.59
CA VAL A 885 34.28 16.58 -6.08
C VAL A 885 35.25 17.72 -6.41
N THR A 886 35.59 17.87 -7.69
CA THR A 886 36.51 18.96 -8.12
C THR A 886 35.79 20.31 -8.01
N TYR A 887 36.54 21.39 -7.83
CA TYR A 887 35.94 22.74 -7.68
C TYR A 887 34.91 22.99 -8.78
N LEU A 888 35.16 22.50 -10.01
CA LEU A 888 34.25 22.78 -11.12
C LEU A 888 32.92 22.04 -10.93
N ASP A 889 32.96 20.79 -10.48
CA ASP A 889 31.75 20.02 -10.17
C ASP A 889 30.96 20.58 -8.97
N TRP A 890 31.59 21.21 -7.97
CA TRP A 890 30.85 21.95 -6.93
C TRP A 890 30.08 23.12 -7.53
N VAL A 891 30.68 23.90 -8.43
CA VAL A 891 29.99 24.98 -9.14
C VAL A 891 28.81 24.43 -9.95
N MET A 892 28.97 23.29 -10.62
CA MET A 892 27.90 22.66 -11.40
C MET A 892 26.77 22.09 -10.55
N ILE A 893 27.06 21.55 -9.36
CA ILE A 893 26.03 21.20 -8.36
C ILE A 893 25.23 22.46 -7.98
N ILE A 894 25.92 23.56 -7.65
CA ILE A 894 25.28 24.83 -7.24
C ILE A 894 24.36 25.40 -8.33
N VAL A 895 24.84 25.56 -9.57
CA VAL A 895 23.99 26.12 -10.66
C VAL A 895 22.88 25.16 -11.09
N THR A 896 23.05 23.84 -10.94
CA THR A 896 21.94 22.89 -11.16
C THR A 896 20.87 23.07 -10.10
N ILE A 897 21.24 23.14 -8.82
CA ILE A 897 20.30 23.33 -7.69
C ILE A 897 19.54 24.65 -7.82
N CYS A 898 20.21 25.77 -8.10
CA CYS A 898 19.50 27.06 -8.25
C CYS A 898 18.57 27.07 -9.47
N SER A 899 18.87 26.32 -10.52
CA SER A 899 17.98 26.13 -11.69
C SER A 899 16.72 25.36 -11.32
N CYS A 900 16.84 24.26 -10.58
CA CYS A 900 15.69 23.52 -10.04
C CYS A 900 14.84 24.39 -9.08
N ILE A 901 15.47 25.21 -8.24
CA ILE A 901 14.77 26.16 -7.36
C ILE A 901 14.01 27.22 -8.18
N SER A 902 14.57 27.72 -9.28
CA SER A 902 13.83 28.61 -10.20
C SER A 902 12.63 27.90 -10.85
N MET A 903 12.82 26.67 -11.33
CA MET A 903 11.75 25.85 -11.94
C MET A 903 10.60 25.56 -10.97
N MET A 904 10.87 25.54 -9.66
CA MET A 904 9.85 25.40 -8.61
C MET A 904 8.79 26.51 -8.61
N PHE A 905 9.09 27.69 -9.16
CA PHE A 905 8.17 28.83 -9.27
C PHE A 905 7.40 28.91 -10.61
N GLU A 906 7.67 28.03 -11.57
CA GLU A 906 6.95 28.01 -12.85
C GLU A 906 5.51 27.47 -12.69
N SER A 907 4.60 27.97 -13.55
CA SER A 907 3.16 27.68 -13.54
C SER A 907 2.58 27.85 -14.95
N PRO A 908 1.44 27.22 -15.31
CA PRO A 908 0.74 27.51 -16.56
C PRO A 908 0.43 29.00 -16.77
N PHE A 909 0.28 29.76 -15.69
CA PHE A 909 -0.01 31.20 -15.70
C PHE A 909 1.23 32.09 -15.42
N ARG A 910 2.42 31.47 -15.36
CA ARG A 910 3.68 32.22 -15.11
C ARG A 910 4.86 31.43 -15.73
N ARG A 911 5.04 31.52 -17.05
CA ARG A 911 6.10 30.76 -17.76
C ARG A 911 7.38 31.61 -17.88
N VAL A 912 8.56 30.97 -17.90
CA VAL A 912 9.84 31.69 -18.10
C VAL A 912 9.87 32.47 -19.42
N MET A 913 9.12 31.99 -20.42
CA MET A 913 9.01 32.57 -21.77
C MET A 913 8.35 33.96 -21.76
N HIS A 914 7.65 34.32 -20.68
CA HIS A 914 6.94 35.59 -20.48
C HIS A 914 7.34 36.32 -19.19
N ALA A 915 8.40 35.85 -18.48
CA ALA A 915 8.82 36.34 -17.17
C ALA A 915 10.36 36.32 -17.02
N PRO A 916 11.06 37.45 -17.26
CA PRO A 916 12.53 37.54 -17.22
C PRO A 916 13.16 37.13 -15.89
N THR A 917 12.48 37.33 -14.76
CA THR A 917 12.98 37.01 -13.42
C THR A 917 13.31 35.52 -13.26
N LEU A 918 12.47 34.62 -13.80
CA LEU A 918 12.75 33.18 -13.81
C LEU A 918 13.75 32.78 -14.93
N GLN A 919 13.76 33.53 -16.04
CA GLN A 919 14.66 33.30 -17.18
C GLN A 919 16.15 33.53 -16.86
N ILE A 920 16.49 34.30 -15.82
CA ILE A 920 17.88 34.50 -15.36
C ILE A 920 18.58 33.16 -15.05
N ALA A 921 17.89 32.24 -14.37
CA ALA A 921 18.42 30.90 -14.09
C ALA A 921 18.57 30.06 -15.37
N GLU A 922 17.67 30.24 -16.34
CA GLU A 922 17.72 29.56 -17.64
C GLU A 922 19.00 29.93 -18.41
N TYR A 923 19.35 31.23 -18.42
CA TYR A 923 20.63 31.70 -18.97
C TYR A 923 21.84 31.17 -18.19
N VAL A 924 21.85 31.30 -16.87
CA VAL A 924 23.04 30.93 -16.03
C VAL A 924 23.38 29.46 -16.21
N PHE A 925 22.41 28.58 -16.24
CA PHE A 925 22.62 27.14 -16.47
C PHE A 925 23.39 26.88 -17.78
N VAL A 926 22.91 27.43 -18.90
CA VAL A 926 23.54 27.24 -20.22
C VAL A 926 24.92 27.88 -20.28
N ILE A 927 25.08 29.10 -19.75
CA ILE A 927 26.35 29.84 -19.77
C ILE A 927 27.45 29.14 -18.96
N PHE A 928 27.10 28.52 -17.81
CA PHE A 928 28.07 27.73 -17.03
C PHE A 928 28.30 26.34 -17.63
N MET A 929 27.25 25.63 -18.05
CA MET A 929 27.40 24.27 -18.59
C MET A 929 28.12 24.23 -19.95
N SER A 930 28.00 25.28 -20.79
CA SER A 930 28.78 25.38 -22.03
C SER A 930 30.29 25.47 -21.74
N ILE A 931 30.69 26.28 -20.76
CA ILE A 931 32.07 26.40 -20.27
C ILE A 931 32.54 25.05 -19.69
N GLU A 932 31.71 24.38 -18.88
CA GLU A 932 32.02 23.07 -18.30
C GLU A 932 32.33 22.02 -19.37
N LEU A 933 31.42 21.81 -20.33
CA LEU A 933 31.61 20.84 -21.41
C LEU A 933 32.80 21.22 -22.29
N ASN A 934 32.97 22.51 -22.63
CA ASN A 934 34.13 22.96 -23.42
C ASN A 934 35.45 22.68 -22.71
N LEU A 935 35.57 22.96 -21.40
CA LEU A 935 36.77 22.67 -20.61
C LEU A 935 37.05 21.17 -20.54
N LYS A 936 36.05 20.34 -20.23
CA LYS A 936 36.22 18.88 -20.12
C LYS A 936 36.57 18.23 -21.47
N ILE A 937 35.97 18.71 -22.56
CA ILE A 937 36.34 18.32 -23.94
C ILE A 937 37.77 18.73 -24.29
N MET A 938 38.16 19.98 -24.01
CA MET A 938 39.51 20.47 -24.31
C MET A 938 40.58 19.74 -23.48
N ALA A 939 40.29 19.39 -22.23
CA ALA A 939 41.16 18.60 -21.37
C ALA A 939 41.32 17.14 -21.87
N ASP A 940 40.23 16.38 -21.97
CA ASP A 940 40.26 14.90 -22.07
C ASP A 940 39.55 14.31 -23.30
N GLY A 941 38.97 15.12 -24.18
CA GLY A 941 38.33 14.68 -25.43
C GLY A 941 36.94 14.06 -25.27
N LEU A 942 36.31 13.72 -26.41
CA LEU A 942 34.92 13.23 -26.47
C LEU A 942 34.81 11.79 -25.95
N PHE A 943 35.42 10.82 -26.63
CA PHE A 943 35.36 9.38 -26.28
C PHE A 943 36.62 8.59 -26.68
N PHE A 944 37.73 9.28 -26.98
CA PHE A 944 38.94 8.69 -27.58
C PHE A 944 39.93 8.07 -26.58
N THR A 945 39.63 8.11 -25.28
CA THR A 945 40.51 7.68 -24.17
C THR A 945 39.67 7.33 -22.93
N PRO A 946 40.09 6.41 -22.05
CA PRO A 946 39.35 6.05 -20.83
C PRO A 946 39.15 7.18 -19.80
N THR A 947 39.76 8.36 -20.00
CA THR A 947 39.50 9.58 -19.20
C THR A 947 38.52 10.58 -19.88
N ALA A 948 38.03 10.28 -21.09
CA ALA A 948 37.19 11.19 -21.89
C ALA A 948 35.80 11.48 -21.28
N VAL A 949 35.09 12.49 -21.79
CA VAL A 949 33.84 13.00 -21.17
C VAL A 949 32.61 12.12 -21.46
N ILE A 950 32.48 11.54 -22.65
CA ILE A 950 31.39 10.61 -23.02
C ILE A 950 31.83 9.17 -22.71
N ARG A 951 31.95 8.88 -21.41
CA ARG A 951 32.40 7.57 -20.88
C ARG A 951 31.33 6.48 -21.07
N ASP A 952 30.09 6.84 -20.74
CA ASP A 952 28.94 5.95 -20.61
C ASP A 952 27.62 6.77 -20.70
N PHE A 953 26.50 6.18 -20.29
CA PHE A 953 25.19 6.82 -20.31
C PHE A 953 25.13 8.13 -19.50
N GLY A 954 25.97 8.33 -18.48
CA GLY A 954 26.02 9.59 -17.72
C GLY A 954 26.51 10.76 -18.57
N GLY A 955 27.58 10.57 -19.35
CA GLY A 955 28.09 11.58 -20.29
C GLY A 955 27.08 11.88 -21.41
N VAL A 956 26.41 10.84 -21.91
CA VAL A 956 25.32 10.97 -22.91
C VAL A 956 24.14 11.77 -22.35
N MET A 957 23.71 11.49 -21.11
CA MET A 957 22.62 12.21 -20.45
C MET A 957 22.96 13.69 -20.24
N ASP A 958 24.17 14.03 -19.78
CA ASP A 958 24.55 15.43 -19.57
C ASP A 958 24.64 16.23 -20.87
N ILE A 959 25.24 15.70 -21.95
CA ILE A 959 25.27 16.42 -23.23
C ILE A 959 23.85 16.55 -23.83
N PHE A 960 22.97 15.55 -23.65
CA PHE A 960 21.57 15.64 -24.04
C PHE A 960 20.81 16.73 -23.27
N ILE A 961 20.97 16.81 -21.94
CA ILE A 961 20.40 17.87 -21.09
C ILE A 961 20.89 19.26 -21.54
N TYR A 962 22.19 19.40 -21.82
CA TYR A 962 22.75 20.65 -22.35
C TYR A 962 22.11 21.04 -23.69
N LEU A 963 21.98 20.10 -24.64
CA LEU A 963 21.39 20.37 -25.96
C LEU A 963 19.92 20.80 -25.86
N VAL A 964 19.05 20.07 -25.15
CA VAL A 964 17.63 20.50 -25.01
C VAL A 964 17.52 21.83 -24.29
N SER A 965 18.37 22.09 -23.29
CA SER A 965 18.40 23.37 -22.57
C SER A 965 18.82 24.55 -23.47
N LEU A 966 19.86 24.38 -24.29
CA LEU A 966 20.31 25.41 -25.23
C LEU A 966 19.28 25.65 -26.34
N ILE A 967 18.71 24.60 -26.92
CA ILE A 967 17.69 24.68 -27.97
C ILE A 967 16.43 25.42 -27.44
N PHE A 968 15.99 25.14 -26.21
CA PHE A 968 14.89 25.87 -25.61
C PHE A 968 15.23 27.35 -25.40
N LEU A 969 16.40 27.66 -24.82
CA LEU A 969 16.82 29.03 -24.51
C LEU A 969 16.94 29.92 -25.77
N CYS A 970 17.44 29.38 -26.89
CA CYS A 970 17.53 30.14 -28.14
C CYS A 970 16.22 30.19 -28.95
N TRP A 971 15.16 29.48 -28.52
CA TRP A 971 13.84 29.47 -29.18
C TRP A 971 12.79 30.29 -28.40
N MET A 972 12.56 29.99 -27.12
CA MET A 972 11.57 30.66 -26.24
C MET A 972 10.19 30.88 -26.90
N PRO A 973 9.50 29.80 -27.37
CA PRO A 973 8.28 29.90 -28.16
C PRO A 973 7.15 30.62 -27.41
N GLN A 974 6.68 31.76 -27.95
CA GLN A 974 5.75 32.66 -27.24
C GLN A 974 4.31 32.10 -27.13
N ASN A 975 3.96 31.08 -27.91
CA ASN A 975 2.78 30.24 -27.73
C ASN A 975 3.11 28.77 -28.06
N VAL A 976 2.46 27.83 -27.36
CA VAL A 976 2.77 26.40 -27.41
C VAL A 976 1.47 25.57 -27.42
N PRO A 977 1.14 24.84 -28.50
CA PRO A 977 -0.04 23.95 -28.54
C PRO A 977 0.11 22.73 -27.62
N ALA A 978 -1.01 22.18 -27.14
CA ALA A 978 -1.04 21.16 -26.08
C ALA A 978 -0.49 19.76 -26.47
N GLU A 979 -0.37 19.48 -27.76
CA GLU A 979 0.15 18.21 -28.31
C GLU A 979 1.16 18.51 -29.44
N SER A 980 2.28 19.17 -29.08
CA SER A 980 3.26 19.74 -30.01
C SER A 980 4.72 19.38 -29.68
N GLY A 981 5.63 19.61 -30.63
CA GLY A 981 7.07 19.49 -30.41
C GLY A 981 7.62 20.48 -29.39
N ALA A 982 7.07 21.70 -29.32
CA ALA A 982 7.42 22.68 -28.30
C ALA A 982 6.99 22.22 -26.89
N GLN A 983 5.80 21.63 -26.76
CA GLN A 983 5.34 21.03 -25.50
C GLN A 983 6.24 19.86 -25.07
N LEU A 984 6.65 18.99 -26.01
CA LEU A 984 7.61 17.92 -25.74
C LEU A 984 8.98 18.46 -25.28
N LEU A 985 9.51 19.51 -25.92
CA LEU A 985 10.76 20.14 -25.50
C LEU A 985 10.66 20.71 -24.08
N MET A 986 9.55 21.35 -23.73
CA MET A 986 9.30 21.82 -22.36
C MET A 986 9.18 20.67 -21.34
N VAL A 987 8.71 19.47 -21.75
CA VAL A 987 8.75 18.26 -20.90
C VAL A 987 10.17 17.72 -20.76
N LEU A 988 10.93 17.67 -21.86
CA LEU A 988 12.35 17.21 -21.83
C LEU A 988 13.22 18.19 -21.03
N ARG A 989 12.73 19.41 -20.79
CA ARG A 989 13.52 20.44 -20.06
C ARG A 989 13.47 20.14 -18.55
N CYS A 990 12.58 19.22 -18.15
CA CYS A 990 12.32 18.96 -16.70
C CYS A 990 13.26 17.88 -16.18
N LEU A 991 14.19 17.43 -17.03
CA LEU A 991 15.19 16.41 -16.64
C LEU A 991 16.42 16.96 -15.86
N ARG A 992 16.52 18.22 -15.64
CA ARG A 992 17.72 18.77 -15.01
C ARG A 992 18.08 18.13 -13.68
N PRO A 993 17.21 17.86 -12.72
CA PRO A 993 17.60 17.19 -11.47
C PRO A 993 18.41 15.91 -11.65
N LEU A 994 18.32 15.24 -12.81
CA LEU A 994 19.03 13.97 -13.08
C LEU A 994 20.56 14.11 -13.08
N ARG A 995 21.11 15.29 -13.42
CA ARG A 995 22.60 15.40 -13.49
C ARG A 995 23.21 15.35 -12.07
N ILE A 996 22.45 15.66 -11.02
CA ILE A 996 22.92 15.56 -9.62
C ILE A 996 23.30 14.11 -9.27
N PHE A 997 22.63 13.10 -9.84
CA PHE A 997 23.07 11.69 -9.71
C PHE A 997 24.47 11.47 -10.29
N LYS A 998 24.80 12.07 -11.43
CA LYS A 998 26.15 11.99 -12.04
C LYS A 998 27.19 12.72 -11.20
N LEU A 999 26.89 13.93 -10.74
CA LEU A 999 27.83 14.79 -10.02
C LEU A 999 28.19 14.24 -8.62
N VAL A 1000 27.21 13.71 -7.87
CA VAL A 1000 27.41 13.19 -6.50
C VAL A 1000 27.79 11.69 -6.52
N PRO A 1001 29.00 11.28 -6.09
CA PRO A 1001 29.47 9.89 -6.26
C PRO A 1001 28.69 8.85 -5.45
N GLN A 1002 28.12 9.22 -4.30
CA GLN A 1002 27.24 8.32 -3.53
C GLN A 1002 25.97 7.97 -4.30
N MET A 1003 25.43 8.90 -5.08
CA MET A 1003 24.24 8.64 -5.93
C MET A 1003 24.60 7.92 -7.24
N ARG A 1004 25.82 8.09 -7.79
CA ARG A 1004 26.35 7.14 -8.80
C ARG A 1004 26.38 5.71 -8.27
N LYS A 1005 26.86 5.50 -7.03
CA LYS A 1005 26.87 4.19 -6.38
C LYS A 1005 25.46 3.60 -6.23
N VAL A 1006 24.50 4.38 -5.74
CA VAL A 1006 23.08 3.96 -5.63
C VAL A 1006 22.50 3.53 -6.99
N VAL A 1007 22.73 4.31 -8.06
CA VAL A 1007 22.28 3.94 -9.41
C VAL A 1007 22.96 2.66 -9.92
N ARG A 1008 24.24 2.45 -9.64
CA ARG A 1008 24.93 1.27 -10.20
C ARG A 1008 24.54 0.04 -9.40
N GLU A 1009 24.37 0.14 -8.10
CA GLU A 1009 23.87 -0.97 -7.26
C GLU A 1009 22.41 -1.33 -7.57
N LEU A 1010 21.57 -0.36 -7.93
CA LEU A 1010 20.20 -0.57 -8.39
C LEU A 1010 20.17 -1.36 -9.72
N PHE A 1011 20.93 -0.90 -10.72
CA PHE A 1011 20.97 -1.53 -12.05
C PHE A 1011 21.74 -2.87 -12.11
N SER A 1012 22.41 -3.29 -11.03
CA SER A 1012 22.94 -4.66 -10.88
C SER A 1012 21.86 -5.76 -11.02
N GLY A 1013 20.59 -5.43 -10.77
CA GLY A 1013 19.45 -6.38 -10.83
C GLY A 1013 18.65 -6.39 -12.13
N PHE A 1014 19.04 -5.65 -13.17
CA PHE A 1014 18.18 -5.38 -14.32
C PHE A 1014 17.70 -6.66 -15.04
N LYS A 1015 18.58 -7.66 -15.22
CA LYS A 1015 18.23 -8.95 -15.86
C LYS A 1015 17.16 -9.72 -15.07
N GLU A 1016 17.30 -9.77 -13.75
CA GLU A 1016 16.32 -10.43 -12.86
C GLU A 1016 14.99 -9.69 -12.85
N ILE A 1017 15.01 -8.36 -12.78
CA ILE A 1017 13.82 -7.49 -12.83
C ILE A 1017 13.09 -7.66 -14.17
N PHE A 1018 13.81 -7.68 -15.29
CA PHE A 1018 13.26 -7.91 -16.63
C PHE A 1018 12.56 -9.27 -16.74
N LEU A 1019 13.16 -10.34 -16.22
CA LEU A 1019 12.54 -11.68 -16.22
C LEU A 1019 11.25 -11.72 -15.37
N VAL A 1020 11.20 -11.04 -14.22
CA VAL A 1020 9.94 -10.89 -13.45
C VAL A 1020 8.88 -10.12 -14.25
N SER A 1021 9.25 -9.05 -14.95
CA SER A 1021 8.31 -8.30 -15.81
C SER A 1021 7.75 -9.16 -16.95
N ILE A 1022 8.56 -10.04 -17.57
CA ILE A 1022 8.08 -10.99 -18.59
C ILE A 1022 7.06 -11.97 -18.01
N LEU A 1023 7.26 -12.48 -16.78
CA LEU A 1023 6.28 -13.34 -16.11
C LEU A 1023 4.96 -12.60 -15.82
N LEU A 1024 5.03 -11.37 -15.29
CA LEU A 1024 3.83 -10.57 -15.00
C LEU A 1024 3.07 -10.16 -16.27
N LEU A 1025 3.76 -9.79 -17.34
CA LEU A 1025 3.13 -9.53 -18.64
C LEU A 1025 2.48 -10.79 -19.22
N THR A 1026 3.08 -11.97 -19.05
CA THR A 1026 2.49 -13.25 -19.46
C THR A 1026 1.20 -13.55 -18.68
N LEU A 1027 1.18 -13.34 -17.37
CA LEU A 1027 -0.02 -13.47 -16.53
C LEU A 1027 -1.12 -12.49 -16.96
N MET A 1028 -0.78 -11.20 -17.14
CA MET A 1028 -1.74 -10.19 -17.61
C MET A 1028 -2.30 -10.53 -18.99
N LEU A 1029 -1.50 -11.08 -19.91
CA LEU A 1029 -1.94 -11.43 -21.25
C LEU A 1029 -2.98 -12.56 -21.27
N VAL A 1030 -2.83 -13.62 -20.45
CA VAL A 1030 -3.83 -14.70 -20.42
C VAL A 1030 -5.15 -14.24 -19.80
N PHE A 1031 -5.11 -13.48 -18.69
CA PHE A 1031 -6.32 -12.94 -18.09
C PHE A 1031 -6.95 -11.85 -18.98
N ALA A 1032 -6.17 -11.07 -19.73
CA ALA A 1032 -6.72 -10.12 -20.72
C ALA A 1032 -7.40 -10.84 -21.88
N SER A 1033 -6.78 -11.87 -22.45
CA SER A 1033 -7.36 -12.68 -23.54
C SER A 1033 -8.67 -13.34 -23.10
N PHE A 1034 -8.69 -13.97 -21.91
CA PHE A 1034 -9.91 -14.52 -21.32
C PHE A 1034 -10.97 -13.43 -21.10
N GLY A 1035 -10.58 -12.29 -20.52
CA GLY A 1035 -11.48 -11.17 -20.24
C GLY A 1035 -12.12 -10.59 -21.50
N VAL A 1036 -11.37 -10.43 -22.60
CA VAL A 1036 -11.93 -10.02 -23.89
C VAL A 1036 -12.93 -11.04 -24.43
N GLN A 1037 -12.60 -12.34 -24.40
CA GLN A 1037 -13.51 -13.38 -24.88
C GLN A 1037 -14.80 -13.50 -24.04
N LEU A 1038 -14.73 -13.33 -22.71
CA LEU A 1038 -15.88 -13.45 -21.81
C LEU A 1038 -16.70 -12.16 -21.67
N PHE A 1039 -16.06 -10.99 -21.54
CA PHE A 1039 -16.72 -9.75 -21.07
C PHE A 1039 -16.96 -8.68 -22.16
N ALA A 1040 -16.39 -8.78 -23.36
CA ALA A 1040 -16.61 -7.76 -24.39
C ALA A 1040 -18.11 -7.57 -24.70
N GLY A 1041 -18.58 -6.33 -24.72
CA GLY A 1041 -19.99 -5.95 -24.89
C GLY A 1041 -20.89 -6.12 -23.66
N LYS A 1042 -20.42 -6.90 -22.66
CA LYS A 1042 -21.14 -6.98 -21.36
C LYS A 1042 -20.54 -5.86 -20.49
N LEU A 1043 -20.83 -5.86 -19.19
CA LEU A 1043 -20.26 -4.85 -18.26
C LEU A 1043 -20.75 -3.46 -18.68
N ALA A 1044 -21.91 -3.39 -19.36
CA ALA A 1044 -22.46 -2.10 -19.83
C ALA A 1044 -23.96 -2.11 -19.58
N LYS A 1045 -24.49 -1.04 -18.97
CA LYS A 1045 -25.93 -1.00 -18.63
C LYS A 1045 -26.44 0.44 -18.61
N CYS A 1046 -27.74 0.63 -18.39
CA CYS A 1046 -28.38 1.95 -18.31
C CYS A 1046 -27.87 2.75 -17.09
N ASN A 1047 -27.75 4.08 -17.22
CA ASN A 1047 -27.49 4.97 -16.08
C ASN A 1047 -28.63 4.94 -15.04
N ASP A 1048 -29.88 4.75 -15.50
CA ASP A 1048 -31.07 4.68 -14.66
C ASP A 1048 -31.18 3.30 -13.96
N PRO A 1049 -31.09 3.22 -12.61
CA PRO A 1049 -31.16 1.94 -11.89
C PRO A 1049 -32.44 1.13 -12.12
N ASN A 1050 -33.54 1.79 -12.49
CA ASN A 1050 -34.86 1.17 -12.67
C ASN A 1050 -35.10 0.65 -14.10
N ILE A 1051 -34.15 0.81 -15.03
CA ILE A 1051 -34.25 0.33 -16.42
C ILE A 1051 -33.44 -0.95 -16.62
N ILE A 1052 -34.09 -2.02 -17.10
CA ILE A 1052 -33.38 -3.32 -17.26
C ILE A 1052 -33.19 -3.67 -18.75
N ARG A 1053 -33.72 -2.92 -19.71
CA ARG A 1053 -33.59 -3.30 -21.13
C ARG A 1053 -33.11 -2.11 -21.94
N ARG A 1054 -32.41 -2.33 -23.02
CA ARG A 1054 -31.71 -1.25 -23.81
C ARG A 1054 -32.77 -0.47 -24.53
N GLU A 1055 -33.95 -1.07 -24.78
CA GLU A 1055 -35.05 -0.39 -25.51
C GLU A 1055 -35.69 0.68 -24.60
N ASP A 1056 -35.32 0.76 -23.33
CA ASP A 1056 -35.98 1.71 -22.39
C ASP A 1056 -35.02 2.84 -22.02
N CYS A 1057 -33.77 2.79 -22.49
CA CYS A 1057 -32.78 3.83 -22.21
C CYS A 1057 -32.94 5.04 -23.15
N ASN A 1058 -34.08 5.72 -23.01
CA ASN A 1058 -34.42 6.95 -23.73
C ASN A 1058 -35.14 7.94 -22.80
N GLY A 1059 -35.11 9.23 -23.13
CA GLY A 1059 -35.64 10.31 -22.29
C GLY A 1059 -34.74 10.63 -21.09
N ILE A 1060 -35.34 11.22 -20.05
CA ILE A 1060 -34.64 11.77 -18.88
C ILE A 1060 -35.15 11.18 -17.56
N PHE A 1061 -34.28 11.19 -16.53
CA PHE A 1061 -34.67 10.69 -15.20
C PHE A 1061 -33.94 11.51 -14.13
N ARG A 1062 -34.39 11.43 -12.88
CA ARG A 1062 -33.75 12.20 -11.78
C ARG A 1062 -32.63 11.37 -11.15
N ILE A 1063 -31.38 11.81 -11.29
CA ILE A 1063 -30.23 11.11 -10.70
C ILE A 1063 -29.86 11.73 -9.34
N ASN A 1064 -29.57 10.89 -8.35
CA ASN A 1064 -29.19 11.31 -6.97
C ASN A 1064 -27.68 11.55 -6.92
N VAL A 1065 -27.19 12.73 -6.50
CA VAL A 1065 -25.75 13.08 -6.46
C VAL A 1065 -25.10 12.58 -5.18
N SER A 1066 -23.83 12.18 -5.26
CA SER A 1066 -23.05 11.76 -4.09
C SER A 1066 -22.68 12.99 -3.24
N VAL A 1067 -23.22 13.07 -2.02
CA VAL A 1067 -22.81 14.11 -1.04
C VAL A 1067 -21.52 13.69 -0.36
N SER A 1068 -21.55 12.55 0.35
CA SER A 1068 -20.38 11.88 0.94
C SER A 1068 -20.68 10.40 1.24
N LYS A 1069 -19.66 9.57 1.11
CA LYS A 1069 -19.82 8.12 1.42
C LYS A 1069 -19.70 7.94 2.93
N ASN A 1070 -19.07 8.90 3.63
CA ASN A 1070 -19.05 8.86 5.12
C ASN A 1070 -20.27 9.64 5.63
N LEU A 1071 -20.32 9.96 6.92
CA LEU A 1071 -21.44 10.77 7.48
C LEU A 1071 -22.77 10.11 7.09
N ASN A 1072 -23.06 8.91 7.63
CA ASN A 1072 -24.27 8.15 7.21
C ASN A 1072 -25.56 8.65 7.88
N LEU A 1073 -26.13 9.75 7.40
CA LEU A 1073 -27.45 10.20 7.90
C LEU A 1073 -28.59 9.33 7.35
N LYS A 1074 -29.61 9.11 8.18
CA LYS A 1074 -30.95 8.61 7.79
C LYS A 1074 -31.78 9.71 7.11
N LEU A 1075 -32.64 9.32 6.15
CA LEU A 1075 -33.63 10.23 5.55
C LEU A 1075 -34.85 10.43 6.47
N ARG A 1076 -35.42 11.64 6.43
CA ARG A 1076 -36.79 11.91 6.94
C ARG A 1076 -37.81 11.18 6.03
N PRO A 1077 -38.98 10.74 6.53
CA PRO A 1077 -39.79 9.72 5.85
C PRO A 1077 -40.34 10.12 4.47
N GLY A 1078 -40.58 11.42 4.22
CA GLY A 1078 -41.05 11.95 2.93
C GLY A 1078 -39.99 12.65 2.07
N GLU A 1079 -38.72 12.69 2.51
CA GLU A 1079 -37.67 13.51 1.89
C GLU A 1079 -36.92 12.79 0.75
N LYS A 1080 -36.63 13.52 -0.34
CA LYS A 1080 -35.76 13.08 -1.44
C LYS A 1080 -34.29 13.50 -1.21
N LYS A 1081 -33.36 12.64 -1.63
CA LYS A 1081 -31.93 13.00 -1.73
C LYS A 1081 -31.71 14.17 -2.71
N PRO A 1082 -30.62 14.96 -2.58
CA PRO A 1082 -30.25 15.94 -3.60
C PRO A 1082 -29.95 15.26 -4.94
N GLY A 1083 -30.39 15.88 -6.03
CA GLY A 1083 -30.33 15.30 -7.37
C GLY A 1083 -30.90 16.24 -8.44
N PHE A 1084 -30.70 15.91 -9.71
CA PHE A 1084 -31.18 16.71 -10.84
C PHE A 1084 -31.51 15.85 -12.07
N TRP A 1085 -32.15 16.46 -13.07
CA TRP A 1085 -32.69 15.76 -14.23
C TRP A 1085 -31.65 15.60 -15.34
N VAL A 1086 -31.51 14.37 -15.84
CA VAL A 1086 -30.35 13.89 -16.61
C VAL A 1086 -30.82 12.91 -17.69
N PRO A 1087 -30.20 12.90 -18.89
CA PRO A 1087 -30.51 11.91 -19.92
C PRO A 1087 -30.00 10.53 -19.50
N ARG A 1088 -30.83 9.48 -19.65
CA ARG A 1088 -30.42 8.09 -19.42
C ARG A 1088 -29.88 7.45 -20.70
N VAL A 1089 -28.68 6.87 -20.60
CA VAL A 1089 -27.94 6.21 -21.70
C VAL A 1089 -27.37 4.87 -21.24
N TRP A 1090 -27.06 3.99 -22.19
CA TRP A 1090 -26.45 2.68 -21.97
C TRP A 1090 -24.92 2.76 -22.14
N ALA A 1091 -24.15 2.65 -21.05
CA ALA A 1091 -22.72 3.00 -21.04
C ALA A 1091 -21.85 2.03 -20.23
N ASN A 1092 -20.58 1.91 -20.64
CA ASN A 1092 -19.51 1.27 -19.86
C ASN A 1092 -19.16 2.11 -18.60
N PRO A 1093 -18.39 1.57 -17.64
CA PRO A 1093 -17.85 2.40 -16.53
C PRO A 1093 -16.71 3.19 -17.19
N ARG A 1094 -16.31 4.34 -16.62
CA ARG A 1094 -15.30 5.22 -17.29
C ARG A 1094 -13.85 4.80 -17.01
N ASN A 1095 -13.61 3.93 -16.02
CA ASN A 1095 -12.26 3.55 -15.63
C ASN A 1095 -11.80 2.17 -16.16
N PHE A 1096 -12.74 1.33 -16.66
CA PHE A 1096 -12.41 -0.01 -17.22
C PHE A 1096 -13.61 -0.52 -18.03
N ASN A 1097 -13.42 -0.88 -19.30
CA ASN A 1097 -14.59 -1.27 -20.15
C ASN A 1097 -14.57 -2.73 -20.64
N PHE A 1098 -13.41 -3.39 -20.65
CA PHE A 1098 -13.28 -4.80 -21.15
C PHE A 1098 -13.94 -4.98 -22.53
N ASP A 1099 -13.41 -4.34 -23.58
CA ASP A 1099 -13.89 -4.46 -24.98
C ASP A 1099 -12.80 -4.78 -26.02
N ASN A 1100 -11.52 -4.61 -25.66
CA ASN A 1100 -10.35 -5.01 -26.46
C ASN A 1100 -9.15 -5.33 -25.56
N VAL A 1101 -8.07 -5.89 -26.12
CA VAL A 1101 -6.90 -6.37 -25.34
C VAL A 1101 -6.18 -5.22 -24.63
N GLY A 1102 -6.05 -4.05 -25.26
CA GLY A 1102 -5.41 -2.88 -24.65
C GLY A 1102 -6.16 -2.38 -23.41
N ASN A 1103 -7.50 -2.29 -23.52
CA ASN A 1103 -8.36 -1.90 -22.39
C ASN A 1103 -8.34 -2.95 -21.28
N ALA A 1104 -8.34 -4.24 -21.63
CA ALA A 1104 -8.27 -5.34 -20.66
C ALA A 1104 -6.92 -5.37 -19.91
N MET A 1105 -5.78 -5.23 -20.61
CA MET A 1105 -4.46 -5.18 -19.97
C MET A 1105 -4.28 -3.94 -19.10
N LEU A 1106 -4.81 -2.77 -19.50
CA LEU A 1106 -4.80 -1.57 -18.66
C LEU A 1106 -5.63 -1.76 -17.38
N ALA A 1107 -6.83 -2.33 -17.48
CA ALA A 1107 -7.65 -2.66 -16.31
C ALA A 1107 -6.94 -3.64 -15.36
N LEU A 1108 -6.31 -4.70 -15.90
CA LEU A 1108 -5.57 -5.67 -15.09
C LEU A 1108 -4.30 -5.07 -14.45
N PHE A 1109 -3.59 -4.17 -15.13
CA PHE A 1109 -2.47 -3.43 -14.54
C PHE A 1109 -2.90 -2.59 -13.31
N GLU A 1110 -4.06 -1.94 -13.39
CA GLU A 1110 -4.63 -1.22 -12.23
C GLU A 1110 -5.05 -2.15 -11.08
N VAL A 1111 -5.70 -3.27 -11.40
CA VAL A 1111 -6.08 -4.32 -10.41
C VAL A 1111 -4.84 -4.89 -9.71
N LEU A 1112 -3.73 -5.10 -10.44
CA LEU A 1112 -2.48 -5.66 -9.91
C LEU A 1112 -1.91 -4.83 -8.74
N SER A 1113 -2.14 -3.52 -8.73
CA SER A 1113 -1.73 -2.60 -7.65
C SER A 1113 -2.71 -2.55 -6.46
N LEU A 1114 -3.80 -3.35 -6.46
CA LEU A 1114 -4.85 -3.42 -5.43
C LEU A 1114 -5.65 -2.12 -5.20
N LYS A 1115 -5.67 -1.18 -6.15
CA LYS A 1115 -6.39 0.11 -6.04
C LYS A 1115 -7.58 0.16 -7.00
N GLY A 1116 -8.79 0.19 -6.47
CA GLY A 1116 -10.04 0.09 -7.21
C GLY A 1116 -10.44 -1.35 -7.58
N TRP A 1117 -9.72 -2.37 -7.12
CA TRP A 1117 -9.99 -3.78 -7.50
C TRP A 1117 -11.38 -4.25 -7.04
N VAL A 1118 -11.85 -3.73 -5.90
CA VAL A 1118 -13.21 -3.98 -5.37
C VAL A 1118 -14.30 -3.41 -6.29
N GLU A 1119 -14.08 -2.26 -6.94
CA GLU A 1119 -15.02 -1.71 -7.93
C GLU A 1119 -15.13 -2.63 -9.15
N VAL A 1120 -13.98 -3.14 -9.64
CA VAL A 1120 -13.94 -4.13 -10.74
C VAL A 1120 -14.64 -5.43 -10.34
N ARG A 1121 -14.40 -5.93 -9.12
CA ARG A 1121 -15.03 -7.15 -8.58
C ARG A 1121 -16.56 -7.00 -8.53
N ASP A 1122 -17.08 -5.97 -7.86
CA ASP A 1122 -18.52 -5.75 -7.77
C ASP A 1122 -19.18 -5.56 -9.14
N VAL A 1123 -18.57 -4.80 -10.04
CA VAL A 1123 -19.12 -4.59 -11.40
C VAL A 1123 -19.14 -5.89 -12.22
N ILE A 1124 -18.14 -6.76 -12.13
CA ILE A 1124 -18.18 -8.10 -12.78
C ILE A 1124 -19.30 -8.96 -12.18
N ILE A 1125 -19.41 -9.04 -10.84
CA ILE A 1125 -20.46 -9.80 -10.15
C ILE A 1125 -21.86 -9.31 -10.54
N HIS A 1126 -22.09 -7.99 -10.53
CA HIS A 1126 -23.39 -7.37 -10.86
C HIS A 1126 -23.76 -7.51 -12.34
N ARG A 1127 -22.83 -7.19 -13.26
CA ARG A 1127 -23.14 -6.99 -14.68
C ARG A 1127 -22.85 -8.20 -15.58
N VAL A 1128 -22.05 -9.18 -15.13
CA VAL A 1128 -21.74 -10.42 -15.89
C VAL A 1128 -22.37 -11.64 -15.22
N GLY A 1129 -22.05 -11.89 -13.95
CA GLY A 1129 -22.63 -12.98 -13.15
C GLY A 1129 -21.78 -13.36 -11.93
N PRO A 1130 -22.34 -14.11 -10.96
CA PRO A 1130 -21.63 -14.44 -9.71
C PRO A 1130 -20.41 -15.35 -9.91
N ILE A 1131 -20.49 -16.31 -10.82
CA ILE A 1131 -19.38 -17.26 -11.09
C ILE A 1131 -18.11 -16.56 -11.57
N HIS A 1132 -18.25 -15.44 -12.30
CA HIS A 1132 -17.13 -14.64 -12.81
C HIS A 1132 -16.35 -13.90 -11.72
N GLY A 1133 -16.76 -13.98 -10.45
CA GLY A 1133 -15.92 -13.60 -9.30
C GLY A 1133 -14.61 -14.38 -9.24
N ILE A 1134 -14.63 -15.66 -9.64
CA ILE A 1134 -13.44 -16.53 -9.63
C ILE A 1134 -12.28 -15.91 -10.44
N TYR A 1135 -12.57 -15.33 -11.61
CA TYR A 1135 -11.60 -14.67 -12.47
C TYR A 1135 -10.80 -13.58 -11.73
N ILE A 1136 -11.50 -12.65 -11.08
CA ILE A 1136 -10.87 -11.51 -10.39
C ILE A 1136 -10.16 -11.95 -9.10
N HIS A 1137 -10.74 -12.85 -8.31
CA HIS A 1137 -10.07 -13.39 -7.11
C HIS A 1137 -8.79 -14.17 -7.42
N VAL A 1138 -8.81 -15.03 -8.44
CA VAL A 1138 -7.62 -15.80 -8.86
C VAL A 1138 -6.53 -14.88 -9.39
N PHE A 1139 -6.85 -13.89 -10.24
CA PHE A 1139 -5.86 -12.93 -10.71
C PHE A 1139 -5.23 -12.14 -9.55
N VAL A 1140 -6.02 -11.68 -8.58
CA VAL A 1140 -5.51 -10.97 -7.40
C VAL A 1140 -4.60 -11.85 -6.55
N PHE A 1141 -4.88 -13.15 -6.39
CA PHE A 1141 -3.98 -14.06 -5.68
C PHE A 1141 -2.66 -14.27 -6.45
N LEU A 1142 -2.73 -14.67 -7.72
CA LEU A 1142 -1.55 -14.96 -8.55
C LEU A 1142 -0.68 -13.72 -8.78
N GLY A 1143 -1.28 -12.59 -9.15
CA GLY A 1143 -0.58 -11.34 -9.47
C GLY A 1143 -0.14 -10.57 -8.23
N CYS A 1144 -1.07 -10.25 -7.33
CA CYS A 1144 -0.79 -9.33 -6.22
C CYS A 1144 -0.08 -10.03 -5.04
N MET A 1145 -0.53 -11.22 -4.64
CA MET A 1145 0.06 -11.94 -3.49
C MET A 1145 1.39 -12.61 -3.88
N ILE A 1146 1.39 -13.43 -4.95
CA ILE A 1146 2.61 -14.12 -5.40
C ILE A 1146 3.47 -13.23 -6.31
N GLY A 1147 2.91 -12.75 -7.42
CA GLY A 1147 3.65 -12.10 -8.52
C GLY A 1147 4.44 -10.86 -8.12
N LEU A 1148 3.82 -9.87 -7.47
CA LEU A 1148 4.54 -8.68 -6.99
C LEU A 1148 5.56 -8.98 -5.89
N THR A 1149 5.39 -10.07 -5.13
CA THR A 1149 6.40 -10.52 -4.15
C THR A 1149 7.68 -11.01 -4.82
N LEU A 1150 7.66 -11.41 -6.11
CA LEU A 1150 8.86 -11.73 -6.88
C LEU A 1150 9.80 -10.52 -7.02
N PHE A 1151 9.27 -9.30 -7.23
CA PHE A 1151 10.09 -8.07 -7.22
C PHE A 1151 10.71 -7.82 -5.85
N VAL A 1152 9.94 -7.98 -4.76
CA VAL A 1152 10.42 -7.79 -3.37
C VAL A 1152 11.61 -8.73 -3.10
N GLY A 1153 11.47 -10.01 -3.46
CA GLY A 1153 12.55 -11.01 -3.35
C GLY A 1153 13.76 -10.67 -4.20
N VAL A 1154 13.59 -10.38 -5.50
CA VAL A 1154 14.69 -10.06 -6.43
C VAL A 1154 15.48 -8.84 -5.98
N VAL A 1155 14.81 -7.75 -5.57
CA VAL A 1155 15.48 -6.51 -5.14
C VAL A 1155 16.31 -6.74 -3.87
N ILE A 1156 15.74 -7.40 -2.86
CA ILE A 1156 16.45 -7.68 -1.59
C ILE A 1156 17.58 -8.71 -1.79
N ALA A 1157 17.40 -9.71 -2.66
CA ALA A 1157 18.45 -10.68 -2.99
C ALA A 1157 19.64 -10.02 -3.72
N ASN A 1158 19.37 -9.19 -4.73
CA ASN A 1158 20.42 -8.48 -5.47
C ASN A 1158 21.15 -7.46 -4.59
N PHE A 1159 20.45 -6.79 -3.66
CA PHE A 1159 21.07 -5.91 -2.65
C PHE A 1159 22.09 -6.66 -1.77
N ASN A 1160 21.74 -7.85 -1.29
CA ASN A 1160 22.67 -8.70 -0.52
C ASN A 1160 23.83 -9.26 -1.36
N GLU A 1161 23.63 -9.47 -2.66
CA GLU A 1161 24.71 -9.84 -3.58
C GLU A 1161 25.68 -8.67 -3.86
N ASN A 1162 25.20 -7.43 -3.95
CA ASN A 1162 26.06 -6.24 -4.11
C ASN A 1162 27.07 -6.07 -2.95
N LYS A 1163 26.62 -6.28 -1.69
CA LYS A 1163 27.50 -6.22 -0.50
C LYS A 1163 28.21 -7.55 -0.17
N GLY A 1164 27.99 -8.60 -0.95
CA GLY A 1164 28.72 -9.88 -0.91
C GLY A 1164 28.25 -10.91 0.12
N THR A 1165 27.27 -10.59 0.97
CA THR A 1165 26.82 -11.49 2.05
C THR A 1165 25.97 -12.67 1.56
N ALA A 1166 25.51 -12.66 0.31
CA ALA A 1166 24.79 -13.79 -0.31
C ALA A 1166 25.65 -15.07 -0.41
N LEU A 1167 26.98 -14.93 -0.49
CA LEU A 1167 27.96 -16.03 -0.57
C LEU A 1167 28.34 -16.61 0.81
N LEU A 1168 28.05 -15.92 1.91
CA LEU A 1168 28.34 -16.37 3.28
C LEU A 1168 27.31 -17.38 3.79
N THR A 1169 27.75 -18.33 4.62
CA THR A 1169 26.84 -19.20 5.38
C THR A 1169 26.12 -18.40 6.46
N VAL A 1170 24.98 -18.90 6.95
CA VAL A 1170 24.24 -18.24 8.04
C VAL A 1170 25.08 -18.15 9.32
N ASP A 1171 25.94 -19.14 9.59
CA ASP A 1171 26.94 -19.10 10.66
C ASP A 1171 27.96 -17.96 10.49
N GLN A 1172 28.48 -17.77 9.27
CA GLN A 1172 29.40 -16.68 8.94
C GLN A 1172 28.72 -15.31 9.00
N ARG A 1173 27.49 -15.21 8.50
CA ARG A 1173 26.73 -13.94 8.60
C ARG A 1173 26.57 -13.56 10.08
N ARG A 1174 26.12 -14.50 10.91
CA ARG A 1174 25.96 -14.25 12.37
C ARG A 1174 27.31 -13.79 12.95
N TRP A 1175 28.40 -14.52 12.67
CA TRP A 1175 29.74 -14.11 13.12
C TRP A 1175 30.10 -12.67 12.71
N GLU A 1176 29.88 -12.27 11.45
CA GLU A 1176 30.12 -10.89 11.00
C GLU A 1176 29.27 -9.86 11.76
N ASP A 1177 27.99 -10.14 12.01
CA ASP A 1177 27.12 -9.28 12.82
C ASP A 1177 27.54 -9.23 14.31
N LEU A 1178 28.04 -10.32 14.89
CA LEU A 1178 28.64 -10.29 16.23
C LEU A 1178 29.93 -9.44 16.24
N LYS A 1179 30.81 -9.63 15.26
CA LYS A 1179 32.12 -8.96 15.16
C LYS A 1179 32.00 -7.44 15.07
N SER A 1180 30.96 -6.91 14.39
CA SER A 1180 30.65 -5.47 14.40
C SER A 1180 29.96 -5.02 15.70
N ARG A 1181 29.02 -5.80 16.26
CA ARG A 1181 28.35 -5.49 17.54
C ARG A 1181 29.34 -5.35 18.70
N LEU A 1182 30.36 -6.22 18.78
CA LEU A 1182 31.43 -6.15 19.79
C LEU A 1182 32.43 -5.00 19.55
N LYS A 1183 32.55 -4.48 18.31
CA LYS A 1183 33.30 -3.25 18.00
C LYS A 1183 32.54 -1.98 18.45
N ILE A 1184 31.22 -1.98 18.28
CA ILE A 1184 30.32 -0.90 18.74
C ILE A 1184 30.28 -0.83 20.28
N ALA A 1185 30.38 -1.97 20.98
CA ALA A 1185 30.36 -2.06 22.44
C ALA A 1185 31.49 -1.28 23.14
N GLN A 1186 31.24 -0.87 24.39
CA GLN A 1186 32.15 -0.10 25.25
C GLN A 1186 32.00 -0.54 26.73
N PRO A 1187 32.98 -0.29 27.63
CA PRO A 1187 32.78 -0.48 29.07
C PRO A 1187 31.71 0.49 29.63
N LEU A 1188 31.16 0.17 30.81
CA LEU A 1188 30.11 0.99 31.44
C LEU A 1188 30.65 2.30 32.02
N HIS A 1189 29.86 3.36 31.93
CA HIS A 1189 30.18 4.70 32.49
C HIS A 1189 29.92 4.81 34.01
N LEU A 1190 29.14 3.89 34.57
CA LEU A 1190 28.73 3.87 35.98
C LEU A 1190 29.95 3.87 36.94
N PRO A 1191 30.13 4.89 37.81
CA PRO A 1191 31.17 4.89 38.83
C PRO A 1191 30.97 3.80 39.90
N PRO A 1192 32.05 3.32 40.55
CA PRO A 1192 31.93 2.42 41.70
C PRO A 1192 31.26 3.13 42.90
N ARG A 1193 30.58 2.36 43.77
CA ARG A 1193 29.86 2.93 44.91
C ARG A 1193 30.82 3.58 45.93
N PRO A 1194 30.49 4.76 46.49
CA PRO A 1194 31.33 5.43 47.47
C PRO A 1194 31.30 4.73 48.84
N ASP A 1195 32.35 4.96 49.64
CA ASP A 1195 32.48 4.41 50.99
C ASP A 1195 33.11 5.39 52.01
N ASN A 1196 33.40 6.64 51.60
CA ASN A 1196 33.94 7.68 52.49
C ASN A 1196 32.90 8.18 53.53
N ASP A 1197 31.61 8.01 53.23
CA ASP A 1197 30.48 8.33 54.10
C ASP A 1197 29.31 7.36 53.84
N GLY A 1198 28.46 7.16 54.84
CA GLY A 1198 27.32 6.25 54.75
C GLY A 1198 26.15 6.77 53.91
N PHE A 1199 26.02 8.09 53.75
CA PHE A 1199 24.88 8.71 53.07
C PHE A 1199 24.89 8.47 51.56
N ARG A 1200 25.99 8.75 50.87
CA ARG A 1200 26.11 8.48 49.42
C ARG A 1200 26.12 6.97 49.14
N ALA A 1201 26.65 6.17 50.07
CA ALA A 1201 26.63 4.70 49.99
C ALA A 1201 25.20 4.12 50.04
N LYS A 1202 24.35 4.57 50.96
CA LYS A 1202 22.94 4.13 51.02
C LYS A 1202 22.10 4.69 49.87
N MET A 1203 22.37 5.93 49.43
CA MET A 1203 21.72 6.49 48.23
C MET A 1203 22.08 5.73 46.95
N TYR A 1204 23.34 5.28 46.82
CA TYR A 1204 23.75 4.38 45.73
C TYR A 1204 22.98 3.05 45.79
N ASP A 1205 22.84 2.43 46.97
CA ASP A 1205 22.05 1.21 47.10
C ASP A 1205 20.58 1.44 46.69
N ILE A 1206 19.92 2.46 47.26
CA ILE A 1206 18.52 2.80 46.99
C ILE A 1206 18.25 3.05 45.50
N THR A 1207 19.05 3.90 44.85
CA THR A 1207 18.83 4.26 43.44
C THR A 1207 19.07 3.10 42.47
N GLN A 1208 19.77 2.04 42.89
CA GLN A 1208 20.06 0.85 42.10
C GLN A 1208 19.11 -0.35 42.36
N HIS A 1209 18.18 -0.27 43.32
CA HIS A 1209 17.24 -1.37 43.61
C HIS A 1209 16.41 -1.76 42.37
N PRO A 1210 16.18 -3.06 42.10
CA PRO A 1210 15.54 -3.52 40.87
C PRO A 1210 14.06 -3.17 40.77
N PHE A 1211 13.38 -2.87 41.88
CA PHE A 1211 12.03 -2.32 41.89
C PHE A 1211 12.01 -0.80 41.64
N PHE A 1212 13.00 -0.05 42.12
CA PHE A 1212 13.09 1.42 41.93
C PHE A 1212 13.19 1.80 40.44
N LYS A 1213 13.99 1.06 39.66
CA LYS A 1213 14.10 1.23 38.20
C LYS A 1213 12.73 1.07 37.50
N ARG A 1214 11.94 0.06 37.93
CA ARG A 1214 10.61 -0.24 37.39
C ARG A 1214 9.52 0.73 37.83
N THR A 1215 9.53 1.23 39.08
CA THR A 1215 8.57 2.27 39.51
C THR A 1215 8.82 3.59 38.79
N ILE A 1216 10.07 4.00 38.56
CA ILE A 1216 10.39 5.18 37.74
C ILE A 1216 9.91 4.99 36.29
N ALA A 1217 10.11 3.82 35.68
CA ALA A 1217 9.57 3.52 34.34
C ALA A 1217 8.02 3.56 34.29
N LEU A 1218 7.34 3.06 35.32
CA LEU A 1218 5.88 3.15 35.46
C LEU A 1218 5.39 4.60 35.60
N LEU A 1219 6.10 5.44 36.37
CA LEU A 1219 5.76 6.86 36.54
C LEU A 1219 5.81 7.64 35.22
N VAL A 1220 6.70 7.29 34.29
CA VAL A 1220 6.72 7.90 32.94
C VAL A 1220 5.44 7.59 32.16
N LEU A 1221 4.95 6.35 32.22
CA LEU A 1221 3.65 5.97 31.64
C LEU A 1221 2.50 6.69 32.34
N ALA A 1222 2.52 6.75 33.68
CA ALA A 1222 1.51 7.43 34.47
C ALA A 1222 1.39 8.93 34.13
N GLN A 1223 2.51 9.64 33.92
CA GLN A 1223 2.47 11.04 33.45
C GLN A 1223 2.00 11.12 31.98
N SER A 1224 2.44 10.22 31.10
CA SER A 1224 2.02 10.21 29.68
C SER A 1224 0.50 10.10 29.49
N VAL A 1225 -0.18 9.34 30.37
CA VAL A 1225 -1.65 9.20 30.39
C VAL A 1225 -2.41 10.52 30.60
N LEU A 1226 -1.79 11.58 31.17
CA LEU A 1226 -2.44 12.89 31.31
C LEU A 1226 -2.76 13.56 29.96
N LEU A 1227 -2.18 13.10 28.85
CA LEU A 1227 -2.54 13.53 27.49
C LEU A 1227 -3.69 12.72 26.86
N SER A 1228 -4.53 12.07 27.68
CA SER A 1228 -5.72 11.32 27.23
C SER A 1228 -6.73 12.19 26.47
N VAL A 1229 -6.83 13.47 26.80
CA VAL A 1229 -7.76 14.46 26.23
C VAL A 1229 -7.04 15.79 25.95
N LYS A 1230 -7.60 16.59 25.02
CA LYS A 1230 -6.93 17.84 24.58
C LYS A 1230 -6.63 18.79 25.74
N TRP A 1231 -5.37 19.25 25.85
CA TRP A 1231 -5.00 20.24 26.89
C TRP A 1231 -5.30 21.65 26.37
N ASP A 1232 -6.58 22.01 26.28
CA ASP A 1232 -6.96 23.38 25.82
C ASP A 1232 -6.95 24.31 27.04
N VAL A 1233 -7.53 25.52 26.91
CA VAL A 1233 -7.62 26.40 28.09
C VAL A 1233 -9.06 26.63 28.59
N GLU A 1234 -10.08 26.39 27.75
CA GLU A 1234 -11.49 26.62 28.08
C GLU A 1234 -12.11 25.51 28.95
N ASP A 1235 -11.81 24.25 28.68
CA ASP A 1235 -12.29 23.09 29.44
C ASP A 1235 -11.66 23.02 30.85
N PRO A 1236 -12.44 23.13 31.96
CA PRO A 1236 -11.91 23.10 33.32
C PRO A 1236 -11.17 21.79 33.67
N VAL A 1237 -11.41 20.68 32.97
CA VAL A 1237 -10.66 19.41 33.14
C VAL A 1237 -9.17 19.57 32.85
N THR A 1238 -8.75 20.60 32.10
CA THR A 1238 -7.33 20.90 31.88
C THR A 1238 -6.58 21.25 33.17
N VAL A 1239 -7.26 21.83 34.17
CA VAL A 1239 -6.62 22.33 35.40
C VAL A 1239 -6.15 21.19 36.31
N PRO A 1240 -6.95 20.15 36.63
CA PRO A 1240 -6.45 18.95 37.32
C PRO A 1240 -5.29 18.25 36.58
N LEU A 1241 -5.39 18.08 35.26
CA LEU A 1241 -4.37 17.41 34.45
C LEU A 1241 -3.03 18.15 34.47
N ALA A 1242 -3.04 19.47 34.25
CA ALA A 1242 -1.84 20.30 34.38
C ALA A 1242 -1.28 20.28 35.81
N THR A 1243 -2.15 20.40 36.83
CA THR A 1243 -1.75 20.35 38.25
C THR A 1243 -1.07 19.02 38.60
N MET A 1244 -1.59 17.89 38.13
CA MET A 1244 -0.95 16.58 38.32
C MET A 1244 0.43 16.49 37.65
N SER A 1245 0.61 17.07 36.46
CA SER A 1245 1.93 17.09 35.79
C SER A 1245 3.01 17.84 36.61
N VAL A 1246 2.62 18.87 37.37
CA VAL A 1246 3.53 19.52 38.34
C VAL A 1246 4.00 18.54 39.42
N VAL A 1247 3.09 17.73 39.98
CA VAL A 1247 3.43 16.71 40.99
C VAL A 1247 4.39 15.65 40.43
N PHE A 1248 4.12 15.11 39.23
CA PHE A 1248 5.06 14.21 38.54
C PHE A 1248 6.42 14.87 38.32
N THR A 1249 6.45 16.14 37.90
CA THR A 1249 7.70 16.88 37.68
C THR A 1249 8.54 16.96 38.95
N PHE A 1250 7.96 17.26 40.11
CA PHE A 1250 8.69 17.25 41.39
C PHE A 1250 9.20 15.86 41.79
N ILE A 1251 8.45 14.78 41.50
CA ILE A 1251 8.91 13.40 41.73
C ILE A 1251 10.15 13.09 40.87
N PHE A 1252 10.16 13.48 39.59
CA PHE A 1252 11.35 13.30 38.73
C PHE A 1252 12.53 14.20 39.14
N VAL A 1253 12.29 15.43 39.63
CA VAL A 1253 13.36 16.26 40.23
C VAL A 1253 14.01 15.52 41.41
N LEU A 1254 13.22 14.91 42.30
CA LEU A 1254 13.73 14.11 43.41
C LEU A 1254 14.54 12.89 42.94
N GLU A 1255 14.09 12.15 41.93
CA GLU A 1255 14.83 10.99 41.40
C GLU A 1255 16.18 11.38 40.77
N VAL A 1256 16.25 12.54 40.09
CA VAL A 1256 17.52 13.11 39.61
C VAL A 1256 18.42 13.50 40.78
N THR A 1257 17.90 14.13 41.83
CA THR A 1257 18.63 14.44 43.06
C THR A 1257 19.21 13.18 43.71
N MET A 1258 18.43 12.10 43.82
CA MET A 1258 18.89 10.81 44.38
C MET A 1258 20.10 10.23 43.63
N LYS A 1259 20.19 10.40 42.30
CA LYS A 1259 21.37 9.99 41.51
C LYS A 1259 22.56 10.94 41.74
N ILE A 1260 22.34 12.24 41.76
CA ILE A 1260 23.38 13.26 42.02
C ILE A 1260 24.02 13.14 43.41
N ILE A 1261 23.29 12.62 44.41
CA ILE A 1261 23.84 12.30 45.75
C ILE A 1261 24.29 10.83 45.92
N ALA A 1262 24.01 9.95 44.97
CA ALA A 1262 24.52 8.57 44.93
C ALA A 1262 25.91 8.45 44.29
N MET A 1263 26.19 9.24 43.26
CA MET A 1263 27.46 9.24 42.50
C MET A 1263 27.89 10.67 42.16
N SER A 1264 29.19 10.86 41.85
CA SER A 1264 29.74 12.18 41.51
C SER A 1264 29.03 12.79 40.28
N PRO A 1265 28.74 14.11 40.25
CA PRO A 1265 28.15 14.77 39.09
C PRO A 1265 28.97 14.58 37.79
N ALA A 1266 30.30 14.51 37.90
CA ALA A 1266 31.19 14.25 36.76
C ALA A 1266 30.96 12.85 36.16
N GLY A 1267 30.77 11.84 37.02
CA GLY A 1267 30.45 10.46 36.61
C GLY A 1267 29.01 10.31 36.13
N PHE A 1268 28.05 10.95 36.81
CA PHE A 1268 26.63 10.98 36.44
C PHE A 1268 26.43 11.46 34.99
N TRP A 1269 27.10 12.54 34.60
CA TRP A 1269 26.94 13.18 33.29
C TRP A 1269 27.52 12.38 32.11
N GLN A 1270 28.37 11.38 32.36
CA GLN A 1270 28.91 10.51 31.30
C GLN A 1270 27.80 9.69 30.60
N SER A 1271 26.79 9.25 31.37
CA SER A 1271 25.68 8.46 30.80
C SER A 1271 24.75 9.36 29.99
N ARG A 1272 24.49 9.00 28.72
CA ARG A 1272 23.59 9.79 27.84
C ARG A 1272 22.18 9.80 28.43
N ARG A 1273 21.71 8.65 28.93
CA ARG A 1273 20.36 8.55 29.53
C ARG A 1273 20.22 9.58 30.65
N ASN A 1274 21.23 9.67 31.52
CA ASN A 1274 21.22 10.65 32.62
C ASN A 1274 21.19 12.08 32.10
N ARG A 1275 22.02 12.40 31.10
CA ARG A 1275 22.08 13.72 30.44
C ARG A 1275 20.72 14.12 29.84
N TYR A 1276 20.07 13.20 29.11
CA TYR A 1276 18.75 13.43 28.52
C TYR A 1276 17.65 13.62 29.59
N ASP A 1277 17.56 12.74 30.59
CA ASP A 1277 16.56 12.84 31.65
C ASP A 1277 16.76 14.09 32.55
N LEU A 1278 18.01 14.54 32.76
CA LEU A 1278 18.31 15.83 33.40
C LEU A 1278 17.80 17.01 32.56
N LEU A 1279 18.07 17.01 31.25
CA LEU A 1279 17.59 18.06 30.32
C LEU A 1279 16.07 18.16 30.32
N VAL A 1280 15.36 17.04 30.15
CA VAL A 1280 13.88 16.99 30.18
C VAL A 1280 13.34 17.44 31.54
N THR A 1281 14.00 17.10 32.65
CA THR A 1281 13.61 17.53 34.00
C THR A 1281 13.85 19.03 34.24
N SER A 1282 14.91 19.61 33.66
CA SER A 1282 15.15 21.06 33.64
C SER A 1282 14.05 21.80 32.86
N LEU A 1283 13.69 21.33 31.65
CA LEU A 1283 12.56 21.85 30.89
C LEU A 1283 11.24 21.70 31.67
N GLY A 1284 11.06 20.62 32.44
CA GLY A 1284 9.91 20.41 33.31
C GLY A 1284 9.77 21.47 34.39
N VAL A 1285 10.80 21.72 35.21
CA VAL A 1285 10.72 22.74 36.28
C VAL A 1285 10.62 24.17 35.72
N VAL A 1286 11.23 24.44 34.55
CA VAL A 1286 11.01 25.70 33.81
C VAL A 1286 9.55 25.85 33.39
N TRP A 1287 8.96 24.79 32.81
CA TRP A 1287 7.51 24.86 32.47
C TRP A 1287 6.69 25.12 33.74
N VAL A 1288 7.07 24.52 34.88
CA VAL A 1288 6.25 24.64 36.12
C VAL A 1288 6.16 26.11 36.55
N VAL A 1289 7.29 26.84 36.52
CA VAL A 1289 7.28 28.26 37.00
C VAL A 1289 6.54 29.11 35.96
N LEU A 1290 6.76 28.83 34.67
CA LEU A 1290 6.09 29.58 33.59
C LEU A 1290 4.57 29.37 33.61
N HIS A 1291 4.09 28.16 33.87
CA HIS A 1291 2.66 27.83 33.93
C HIS A 1291 1.96 28.68 34.99
N PHE A 1292 2.44 28.65 36.24
CA PHE A 1292 1.91 29.48 37.33
C PHE A 1292 2.11 31.00 37.14
N ALA A 1293 3.04 31.43 36.27
CA ALA A 1293 3.25 32.84 35.96
C ALA A 1293 2.26 33.40 34.92
N LEU A 1294 1.84 32.61 33.93
CA LEU A 1294 1.10 33.09 32.75
C LEU A 1294 -0.32 32.52 32.59
N LEU A 1295 -0.57 31.24 32.94
CA LEU A 1295 -1.85 30.54 32.79
C LEU A 1295 -2.45 30.61 31.36
N ASN A 1296 -1.62 30.72 30.32
CA ASN A 1296 -2.06 30.86 28.92
C ASN A 1296 -1.94 29.55 28.12
N ALA A 1297 -2.58 29.48 26.95
CA ALA A 1297 -2.59 28.30 26.08
C ALA A 1297 -1.18 27.81 25.68
N TYR A 1298 -0.21 28.71 25.53
CA TYR A 1298 1.19 28.36 25.25
C TYR A 1298 1.86 27.59 26.39
N THR A 1299 1.53 27.90 27.65
CA THR A 1299 2.01 27.10 28.80
C THR A 1299 1.38 25.71 28.87
N TYR A 1300 0.10 25.54 28.51
CA TYR A 1300 -0.51 24.20 28.39
C TYR A 1300 0.11 23.42 27.22
N MET A 1301 0.40 24.07 26.08
CA MET A 1301 1.10 23.48 24.95
C MET A 1301 2.52 23.02 25.32
N MET A 1302 3.30 23.87 26.02
CA MET A 1302 4.63 23.51 26.54
C MET A 1302 4.58 22.34 27.54
N GLY A 1303 3.52 22.27 28.37
CA GLY A 1303 3.26 21.13 29.26
C GLY A 1303 3.09 19.82 28.49
N ALA A 1304 2.27 19.82 27.44
CA ALA A 1304 2.13 18.66 26.56
C ALA A 1304 3.46 18.29 25.86
N CYS A 1305 4.24 19.27 25.38
CA CYS A 1305 5.56 19.02 24.79
C CYS A 1305 6.51 18.32 25.77
N VAL A 1306 6.68 18.81 27.00
CA VAL A 1306 7.61 18.17 27.96
C VAL A 1306 7.13 16.78 28.40
N ILE A 1307 5.82 16.52 28.50
CA ILE A 1307 5.29 15.17 28.73
C ILE A 1307 5.64 14.23 27.57
N VAL A 1308 5.47 14.67 26.32
CA VAL A 1308 5.90 13.90 25.13
C VAL A 1308 7.40 13.65 25.13
N PHE A 1309 8.23 14.65 25.47
CA PHE A 1309 9.69 14.48 25.58
C PHE A 1309 10.06 13.40 26.62
N ARG A 1310 9.43 13.41 27.81
CA ARG A 1310 9.66 12.37 28.82
C ARG A 1310 9.16 11.00 28.38
N PHE A 1311 8.08 10.90 27.61
CA PHE A 1311 7.57 9.60 27.13
C PHE A 1311 8.59 8.83 26.28
N PHE A 1312 9.45 9.52 25.51
CA PHE A 1312 10.56 8.89 24.79
C PHE A 1312 11.63 8.23 25.70
N SER A 1313 11.71 8.57 26.99
CA SER A 1313 12.73 8.00 27.89
C SER A 1313 12.61 6.48 28.08
N ILE A 1314 11.42 5.89 27.97
CA ILE A 1314 11.22 4.43 28.20
C ILE A 1314 11.99 3.55 27.19
N CYS A 1315 12.27 4.07 25.99
CA CYS A 1315 13.10 3.40 25.00
C CYS A 1315 14.58 3.26 25.42
N GLY A 1316 15.02 4.02 26.43
CA GLY A 1316 16.33 3.84 27.07
C GLY A 1316 16.33 2.89 28.28
N LYS A 1317 15.15 2.44 28.75
CA LYS A 1317 15.00 1.64 29.99
C LYS A 1317 14.66 0.17 29.70
N HIS A 1318 13.84 -0.12 28.69
CA HIS A 1318 13.51 -1.49 28.26
C HIS A 1318 14.49 -1.97 27.17
N VAL A 1319 15.21 -3.07 27.42
CA VAL A 1319 16.39 -3.47 26.61
C VAL A 1319 16.04 -3.85 25.17
N THR A 1320 14.97 -4.63 24.97
CA THR A 1320 14.53 -5.02 23.61
C THR A 1320 13.98 -3.84 22.80
N LEU A 1321 13.27 -2.92 23.46
CA LEU A 1321 12.77 -1.67 22.86
C LEU A 1321 13.91 -0.76 22.39
N LYS A 1322 15.02 -0.70 23.14
CA LYS A 1322 16.25 0.02 22.77
C LYS A 1322 16.86 -0.50 21.46
N MET A 1323 17.00 -1.82 21.33
CA MET A 1323 17.55 -2.45 20.11
C MET A 1323 16.69 -2.21 18.87
N LEU A 1324 15.37 -2.25 19.01
CA LEU A 1324 14.44 -1.97 17.91
C LEU A 1324 14.42 -0.49 17.50
N LEU A 1325 14.49 0.44 18.46
CA LEU A 1325 14.65 1.87 18.16
C LEU A 1325 15.98 2.15 17.42
N LEU A 1326 17.09 1.59 17.89
CA LEU A 1326 18.39 1.71 17.20
C LEU A 1326 18.35 1.15 15.78
N THR A 1327 17.66 0.02 15.57
CA THR A 1327 17.46 -0.59 14.24
C THR A 1327 16.80 0.39 13.27
N VAL A 1328 15.73 1.08 13.69
CA VAL A 1328 15.03 2.08 12.86
C VAL A 1328 15.88 3.35 12.68
N VAL A 1329 16.47 3.88 13.75
CA VAL A 1329 17.29 5.12 13.71
C VAL A 1329 18.49 4.98 12.77
N VAL A 1330 19.24 3.88 12.84
CA VAL A 1330 20.37 3.63 11.92
C VAL A 1330 19.90 3.35 10.50
N SER A 1331 18.73 2.71 10.31
CA SER A 1331 18.16 2.50 8.96
C SER A 1331 17.79 3.81 8.25
N MET A 1332 17.36 4.84 8.99
CA MET A 1332 17.17 6.20 8.42
C MET A 1332 18.49 6.83 7.96
N TYR A 1333 19.57 6.68 8.74
CA TYR A 1333 20.91 7.16 8.35
C TYR A 1333 21.43 6.43 7.11
N LYS A 1334 21.33 5.09 7.09
CA LYS A 1334 21.79 4.23 5.98
C LYS A 1334 21.08 4.52 4.65
N SER A 1335 19.79 4.82 4.69
CA SER A 1335 18.93 5.02 3.49
C SER A 1335 18.91 6.44 2.91
N PHE A 1336 19.67 7.40 3.46
CA PHE A 1336 19.61 8.81 3.07
C PHE A 1336 19.72 9.06 1.55
N PHE A 1337 20.77 8.55 0.89
CA PHE A 1337 20.97 8.78 -0.55
C PHE A 1337 19.90 8.09 -1.42
N ILE A 1338 19.28 7.01 -0.93
CA ILE A 1338 18.15 6.35 -1.62
C ILE A 1338 16.91 7.23 -1.56
N ILE A 1339 16.63 7.84 -0.40
CA ILE A 1339 15.53 8.80 -0.21
C ILE A 1339 15.76 10.06 -1.06
N VAL A 1340 16.99 10.59 -1.11
CA VAL A 1340 17.35 11.72 -1.99
C VAL A 1340 17.18 11.35 -3.48
N GLY A 1341 17.57 10.14 -3.89
CA GLY A 1341 17.35 9.64 -5.25
C GLY A 1341 15.86 9.58 -5.62
N MET A 1342 15.00 9.07 -4.73
CA MET A 1342 13.55 9.12 -4.92
C MET A 1342 13.03 10.57 -5.02
N PHE A 1343 13.50 11.49 -4.17
CA PHE A 1343 13.11 12.90 -4.23
C PHE A 1343 13.52 13.59 -5.55
N LEU A 1344 14.71 13.30 -6.09
CA LEU A 1344 15.13 13.79 -7.40
C LEU A 1344 14.18 13.31 -8.51
N LEU A 1345 13.72 12.06 -8.46
CA LEU A 1345 12.67 11.57 -9.38
C LEU A 1345 11.32 12.28 -9.14
N LEU A 1346 10.92 12.54 -7.88
CA LEU A 1346 9.71 13.33 -7.60
C LEU A 1346 9.78 14.72 -8.25
N LEU A 1347 10.93 15.41 -8.21
CA LEU A 1347 11.10 16.71 -8.88
C LEU A 1347 10.94 16.60 -10.39
N CYS A 1348 11.59 15.65 -11.05
CA CYS A 1348 11.46 15.44 -12.50
C CYS A 1348 10.00 15.22 -12.92
N TYR A 1349 9.28 14.32 -12.23
CA TYR A 1349 7.87 14.09 -12.50
C TYR A 1349 7.00 15.29 -12.12
N ALA A 1350 7.24 15.99 -11.00
CA ALA A 1350 6.46 17.17 -10.61
C ALA A 1350 6.56 18.28 -11.65
N PHE A 1351 7.76 18.63 -12.10
CA PHE A 1351 7.96 19.63 -13.15
C PHE A 1351 7.29 19.21 -14.47
N ALA A 1352 7.39 17.94 -14.87
CA ALA A 1352 6.68 17.41 -16.04
C ALA A 1352 5.15 17.46 -15.88
N GLY A 1353 4.62 17.13 -14.71
CA GLY A 1353 3.18 17.16 -14.43
C GLY A 1353 2.58 18.56 -14.49
N VAL A 1354 3.30 19.59 -14.02
CA VAL A 1354 2.84 20.99 -14.11
C VAL A 1354 2.70 21.45 -15.56
N VAL A 1355 3.66 21.15 -16.43
CA VAL A 1355 3.58 21.52 -17.87
C VAL A 1355 2.58 20.64 -18.65
N LEU A 1356 2.44 19.36 -18.29
CA LEU A 1356 1.62 18.39 -19.03
C LEU A 1356 0.14 18.36 -18.60
N PHE A 1357 -0.19 18.60 -17.32
CA PHE A 1357 -1.55 18.48 -16.76
C PHE A 1357 -2.06 19.72 -15.99
N GLY A 1358 -1.30 20.83 -15.97
CA GLY A 1358 -1.56 21.95 -15.04
C GLY A 1358 -2.92 22.64 -15.17
N THR A 1359 -3.57 22.60 -16.35
CA THR A 1359 -4.91 23.20 -16.58
C THR A 1359 -6.06 22.20 -16.64
N VAL A 1360 -5.85 20.90 -16.36
CA VAL A 1360 -6.88 19.86 -16.47
C VAL A 1360 -8.15 20.21 -15.66
N LYS A 1361 -9.31 20.18 -16.32
CA LYS A 1361 -10.65 20.36 -15.74
C LYS A 1361 -10.90 19.36 -14.60
N TYR A 1362 -11.50 19.81 -13.49
CA TYR A 1362 -11.72 18.96 -12.31
C TYR A 1362 -12.61 17.73 -12.64
N GLY A 1363 -12.34 16.61 -11.98
CA GLY A 1363 -12.88 15.29 -12.29
C GLY A 1363 -13.21 14.46 -11.05
N GLU A 1364 -12.99 13.15 -11.14
CA GLU A 1364 -13.31 12.17 -10.09
C GLU A 1364 -12.46 12.39 -8.82
N ASN A 1365 -11.14 12.58 -8.98
CA ASN A 1365 -10.18 12.82 -7.90
C ASN A 1365 -9.36 14.11 -8.09
N ILE A 1366 -9.21 14.59 -9.32
CA ILE A 1366 -8.52 15.90 -9.54
C ILE A 1366 -9.47 17.00 -9.03
N ASN A 1367 -9.09 17.68 -7.94
CA ASN A 1367 -9.99 18.71 -7.34
C ASN A 1367 -9.12 19.83 -6.76
N ARG A 1368 -9.67 20.61 -5.81
CA ARG A 1368 -8.90 21.70 -5.15
C ARG A 1368 -7.80 21.12 -4.24
N HIS A 1369 -8.05 19.97 -3.60
CA HIS A 1369 -7.04 19.32 -2.75
C HIS A 1369 -5.94 18.60 -3.54
N ALA A 1370 -6.24 18.10 -4.75
CA ALA A 1370 -5.30 17.34 -5.58
C ALA A 1370 -5.33 17.81 -7.05
N ASN A 1371 -4.28 18.51 -7.48
CA ASN A 1371 -4.09 18.97 -8.87
C ASN A 1371 -2.61 19.32 -9.15
N PHE A 1372 -2.28 19.61 -10.42
CA PHE A 1372 -0.93 19.95 -10.89
C PHE A 1372 -0.73 21.45 -11.16
N SER A 1373 -1.48 22.34 -10.50
CA SER A 1373 -1.42 23.80 -10.78
C SER A 1373 -0.12 24.49 -10.35
N SER A 1374 0.73 23.83 -9.53
CA SER A 1374 2.04 24.31 -9.10
C SER A 1374 2.97 23.14 -8.78
N ALA A 1375 4.28 23.37 -8.70
CA ALA A 1375 5.24 22.31 -8.35
C ALA A 1375 5.04 21.77 -6.93
N GLY A 1376 4.62 22.62 -5.98
CA GLY A 1376 4.27 22.19 -4.62
C GLY A 1376 3.05 21.26 -4.59
N LYS A 1377 1.97 21.62 -5.30
CA LYS A 1377 0.76 20.78 -5.43
C LYS A 1377 1.05 19.48 -6.20
N ALA A 1378 1.90 19.55 -7.23
CA ALA A 1378 2.37 18.36 -7.94
C ALA A 1378 3.14 17.40 -7.03
N ILE A 1379 4.05 17.90 -6.17
CA ILE A 1379 4.81 17.06 -5.23
C ILE A 1379 3.89 16.35 -4.22
N THR A 1380 2.90 17.02 -3.62
CA THR A 1380 1.98 16.35 -2.68
C THR A 1380 1.07 15.33 -3.39
N VAL A 1381 0.62 15.61 -4.60
CA VAL A 1381 -0.11 14.63 -5.45
C VAL A 1381 0.75 13.42 -5.80
N LEU A 1382 2.04 13.60 -6.10
CA LEU A 1382 2.95 12.47 -6.30
C LEU A 1382 3.14 11.66 -5.00
N PHE A 1383 3.24 12.28 -3.83
CA PHE A 1383 3.35 11.53 -2.57
C PHE A 1383 2.10 10.66 -2.28
N ARG A 1384 0.88 11.16 -2.56
CA ARG A 1384 -0.35 10.34 -2.57
C ARG A 1384 -0.13 9.09 -3.41
N ILE A 1385 0.35 9.25 -4.65
CA ILE A 1385 0.58 8.15 -5.60
C ILE A 1385 1.69 7.20 -5.12
N VAL A 1386 2.72 7.67 -4.41
CA VAL A 1386 3.75 6.80 -3.80
C VAL A 1386 3.15 5.86 -2.75
N THR A 1387 2.26 6.36 -1.89
CA THR A 1387 1.46 5.49 -0.98
C THR A 1387 0.37 4.69 -1.71
N GLY A 1388 0.05 5.07 -2.95
CA GLY A 1388 -0.88 4.39 -3.85
C GLY A 1388 -2.35 4.80 -3.73
N GLU A 1389 -2.70 5.86 -3.02
CA GLU A 1389 -4.10 6.22 -2.75
C GLU A 1389 -4.83 6.71 -4.01
N ASP A 1390 -5.50 5.80 -4.73
CA ASP A 1390 -6.38 6.02 -5.88
C ASP A 1390 -5.72 6.69 -7.10
N TRP A 1391 -4.45 6.37 -7.37
CA TRP A 1391 -3.68 6.96 -8.48
C TRP A 1391 -4.36 6.81 -9.85
N ASN A 1392 -5.05 5.69 -10.09
CA ASN A 1392 -5.72 5.44 -11.36
C ASN A 1392 -6.96 6.32 -11.59
N LYS A 1393 -7.75 6.59 -10.54
CA LYS A 1393 -8.88 7.54 -10.69
C LYS A 1393 -8.30 8.88 -11.18
N ILE A 1394 -7.17 9.31 -10.60
CA ILE A 1394 -6.51 10.59 -11.01
C ILE A 1394 -6.04 10.47 -12.47
N MET A 1395 -5.46 9.34 -12.86
CA MET A 1395 -4.93 9.15 -14.24
C MET A 1395 -6.07 9.36 -15.23
N HIS A 1396 -7.23 8.75 -14.99
CA HIS A 1396 -8.39 8.89 -15.88
C HIS A 1396 -8.95 10.31 -15.96
N ASP A 1397 -8.76 11.16 -14.94
CA ASP A 1397 -9.03 12.60 -15.05
C ASP A 1397 -8.00 13.29 -15.97
N CYS A 1398 -6.72 13.00 -15.82
CA CYS A 1398 -5.65 13.55 -16.68
C CYS A 1398 -5.70 13.07 -18.14
N MET A 1399 -6.45 12.01 -18.44
CA MET A 1399 -6.72 11.52 -19.80
C MET A 1399 -7.86 12.27 -20.53
N VAL A 1400 -8.55 13.23 -19.89
CA VAL A 1400 -9.77 13.86 -20.44
C VAL A 1400 -9.55 14.53 -21.82
N GLN A 1401 -10.46 14.28 -22.76
CA GLN A 1401 -10.51 14.84 -24.12
C GLN A 1401 -11.96 15.22 -24.48
N PRO A 1402 -12.21 16.04 -25.53
CA PRO A 1402 -13.58 16.45 -25.90
C PRO A 1402 -14.53 15.25 -26.09
N PRO A 1403 -15.85 15.38 -25.80
CA PRO A 1403 -16.49 16.66 -25.49
C PRO A 1403 -16.59 16.96 -23.99
N PHE A 1404 -15.78 16.28 -23.17
CA PHE A 1404 -15.76 16.56 -21.71
C PHE A 1404 -14.96 17.80 -21.28
N CYS A 1405 -14.20 18.41 -22.18
CA CYS A 1405 -13.33 19.56 -21.94
C CYS A 1405 -13.32 20.51 -23.16
N THR A 1406 -12.81 21.73 -22.97
CA THR A 1406 -12.83 22.80 -23.98
C THR A 1406 -11.46 22.94 -24.65
N PRO A 1407 -11.28 22.55 -25.92
CA PRO A 1407 -10.00 22.61 -26.61
C PRO A 1407 -9.58 24.04 -26.98
N ASP A 1408 -8.30 24.21 -27.34
CA ASP A 1408 -7.73 25.45 -27.89
C ASP A 1408 -6.80 25.14 -29.07
N GLU A 1409 -6.77 26.02 -30.07
CA GLU A 1409 -6.03 25.79 -31.32
C GLU A 1409 -4.50 25.84 -31.17
N PHE A 1410 -3.94 26.67 -30.28
CA PHE A 1410 -2.49 26.94 -30.28
C PHE A 1410 -1.84 27.27 -28.91
N THR A 1411 -2.56 27.18 -27.79
CA THR A 1411 -2.06 27.56 -26.45
C THR A 1411 -2.45 26.57 -25.35
N TYR A 1412 -1.49 25.84 -24.78
CA TYR A 1412 -1.77 24.79 -23.79
C TYR A 1412 -2.33 25.34 -22.47
N TRP A 1413 -1.96 26.56 -22.05
CA TRP A 1413 -2.52 27.19 -20.85
C TRP A 1413 -3.92 27.78 -21.05
N ALA A 1414 -4.45 27.81 -22.28
CA ALA A 1414 -5.82 28.22 -22.57
C ALA A 1414 -6.82 27.06 -22.47
N THR A 1415 -6.52 25.90 -23.09
CA THR A 1415 -7.33 24.68 -22.99
C THR A 1415 -7.36 24.11 -21.56
N ASP A 1416 -8.43 23.38 -21.22
CA ASP A 1416 -8.55 22.60 -19.98
C ASP A 1416 -8.64 21.08 -20.19
N CYS A 1417 -8.35 20.61 -21.41
CA CYS A 1417 -8.18 19.19 -21.71
C CYS A 1417 -6.85 18.63 -21.16
N GLY A 1418 -6.80 17.29 -21.02
CA GLY A 1418 -5.60 16.54 -20.66
C GLY A 1418 -4.89 15.92 -21.88
N ASN A 1419 -3.97 14.99 -21.62
CA ASN A 1419 -3.18 14.30 -22.64
C ASN A 1419 -3.29 12.78 -22.42
N TYR A 1420 -3.94 12.06 -23.34
CA TYR A 1420 -4.26 10.63 -23.19
C TYR A 1420 -3.00 9.75 -23.11
N ALA A 1421 -2.14 9.80 -24.14
CA ALA A 1421 -0.88 9.07 -24.17
C ALA A 1421 0.10 9.58 -23.11
N GLY A 1422 0.12 10.89 -22.87
CA GLY A 1422 0.93 11.52 -21.82
C GLY A 1422 0.62 10.97 -20.43
N ALA A 1423 -0.66 10.87 -20.05
CA ALA A 1423 -1.09 10.26 -18.79
C ALA A 1423 -0.72 8.78 -18.69
N LEU A 1424 -0.96 7.98 -19.73
CA LEU A 1424 -0.56 6.57 -19.77
C LEU A 1424 0.95 6.39 -19.57
N MET A 1425 1.77 7.22 -20.20
CA MET A 1425 3.24 7.15 -19.97
C MET A 1425 3.59 7.71 -18.59
N TYR A 1426 3.08 8.89 -18.23
CA TYR A 1426 3.49 9.57 -16.96
C TYR A 1426 3.13 8.79 -15.70
N PHE A 1427 1.92 8.21 -15.61
CA PHE A 1427 1.49 7.56 -14.33
C PHE A 1427 2.09 6.15 -14.20
N CYS A 1428 1.82 5.27 -15.17
CA CYS A 1428 2.32 3.89 -15.15
C CYS A 1428 3.83 3.83 -14.88
N SER A 1429 4.64 4.65 -15.56
CA SER A 1429 6.10 4.69 -15.34
C SER A 1429 6.44 5.10 -13.90
N PHE A 1430 5.81 6.16 -13.39
CA PHE A 1430 6.04 6.63 -12.02
C PHE A 1430 5.73 5.55 -10.98
N TYR A 1431 4.56 4.91 -11.09
CA TYR A 1431 4.15 3.89 -10.12
C TYR A 1431 5.08 2.67 -10.15
N VAL A 1432 5.47 2.18 -11.33
CA VAL A 1432 6.41 1.05 -11.45
C VAL A 1432 7.77 1.37 -10.83
N ILE A 1433 8.44 2.46 -11.22
CA ILE A 1433 9.81 2.73 -10.75
C ILE A 1433 9.86 3.07 -9.26
N ILE A 1434 8.86 3.75 -8.69
CA ILE A 1434 8.86 4.08 -7.26
C ILE A 1434 8.30 2.93 -6.40
N ALA A 1435 7.09 2.45 -6.68
CA ALA A 1435 6.40 1.51 -5.79
C ALA A 1435 6.91 0.06 -5.91
N TYR A 1436 7.05 -0.47 -7.12
CA TYR A 1436 7.54 -1.85 -7.32
C TYR A 1436 9.06 -1.97 -7.13
N ILE A 1437 9.84 -0.94 -7.46
CA ILE A 1437 11.31 -0.99 -7.42
C ILE A 1437 11.90 -0.20 -6.23
N MET A 1438 11.88 1.14 -6.24
CA MET A 1438 12.67 1.95 -5.28
C MET A 1438 12.33 1.68 -3.80
N LEU A 1439 11.05 1.61 -3.42
CA LEU A 1439 10.67 1.39 -2.00
C LEU A 1439 11.18 0.06 -1.43
N ASN A 1440 11.40 -0.96 -2.27
CA ASN A 1440 11.93 -2.26 -1.81
C ASN A 1440 13.39 -2.21 -1.35
N LEU A 1441 14.17 -1.17 -1.70
CA LEU A 1441 15.49 -0.95 -1.08
C LEU A 1441 15.37 -0.57 0.40
N LEU A 1442 14.34 0.17 0.81
CA LEU A 1442 14.11 0.48 2.24
C LEU A 1442 13.81 -0.77 3.08
N VAL A 1443 13.19 -1.80 2.47
CA VAL A 1443 13.02 -3.13 3.08
C VAL A 1443 14.39 -3.80 3.28
N ALA A 1444 15.23 -3.79 2.25
CA ALA A 1444 16.57 -4.38 2.29
C ALA A 1444 17.46 -3.74 3.38
N ILE A 1445 17.41 -2.41 3.53
CA ILE A 1445 18.14 -1.66 4.57
C ILE A 1445 17.68 -2.08 5.98
N ILE A 1446 16.38 -2.20 6.26
CA ILE A 1446 15.90 -2.66 7.58
C ILE A 1446 16.33 -4.12 7.84
N VAL A 1447 16.24 -5.00 6.84
CA VAL A 1447 16.67 -6.41 6.97
C VAL A 1447 18.18 -6.53 7.23
N GLU A 1448 19.02 -5.67 6.63
CA GLU A 1448 20.46 -5.57 6.94
C GLU A 1448 20.71 -5.20 8.40
N ASN A 1449 20.02 -4.16 8.90
CA ASN A 1449 20.32 -3.57 10.21
C ASN A 1449 19.69 -4.32 11.38
N PHE A 1450 18.55 -5.00 11.18
CA PHE A 1450 17.90 -5.79 12.23
C PHE A 1450 18.81 -6.89 12.80
N SER A 1451 19.43 -7.71 11.96
CA SER A 1451 20.33 -8.78 12.43
C SER A 1451 21.64 -8.26 13.06
N LEU A 1452 22.04 -7.02 12.74
CA LEU A 1452 23.16 -6.33 13.39
C LEU A 1452 22.78 -5.91 14.82
N PHE A 1453 21.81 -5.00 14.96
CA PHE A 1453 21.50 -4.35 16.24
C PHE A 1453 20.63 -5.19 17.19
N TYR A 1454 19.66 -5.94 16.68
CA TYR A 1454 18.87 -6.85 17.52
C TYR A 1454 19.72 -8.07 17.93
N SER A 1455 19.56 -8.50 19.18
CA SER A 1455 20.23 -9.68 19.73
C SER A 1455 19.32 -10.40 20.74
N THR A 1456 19.54 -11.70 20.89
CA THR A 1456 18.75 -12.57 21.79
C THR A 1456 19.65 -13.66 22.36
N GLU A 1457 19.16 -14.42 23.34
CA GLU A 1457 19.93 -15.50 23.94
C GLU A 1457 20.01 -16.74 23.02
N GLU A 1458 21.22 -17.24 22.80
CA GLU A 1458 21.56 -18.30 21.84
C GLU A 1458 22.92 -18.92 22.20
N ASP A 1459 22.94 -20.17 22.69
CA ASP A 1459 24.17 -20.89 23.11
C ASP A 1459 25.00 -21.40 21.93
N GLN A 1460 25.46 -20.43 21.12
CA GLN A 1460 26.30 -20.58 19.92
C GLN A 1460 27.27 -19.40 19.77
N LEU A 1461 26.95 -18.26 20.39
CA LEU A 1461 27.61 -16.96 20.25
C LEU A 1461 27.71 -16.26 21.62
N LEU A 1462 28.56 -15.23 21.71
CA LEU A 1462 28.65 -14.34 22.87
C LEU A 1462 27.41 -13.42 22.92
N SER A 1463 26.48 -13.64 23.85
CA SER A 1463 25.21 -12.91 23.93
C SER A 1463 25.32 -11.57 24.65
N TYR A 1464 24.25 -10.76 24.63
CA TYR A 1464 24.21 -9.49 25.41
C TYR A 1464 24.24 -9.73 26.93
N ASN A 1465 23.74 -10.88 27.42
CA ASN A 1465 23.88 -11.28 28.82
C ASN A 1465 25.35 -11.55 29.18
N ASP A 1466 26.07 -12.27 28.31
CA ASP A 1466 27.52 -12.50 28.47
C ASP A 1466 28.30 -11.17 28.44
N LEU A 1467 28.00 -10.28 27.50
CA LEU A 1467 28.63 -8.97 27.38
C LEU A 1467 28.38 -8.10 28.63
N ARG A 1468 27.15 -8.04 29.15
CA ARG A 1468 26.82 -7.30 30.38
C ARG A 1468 27.56 -7.85 31.59
N HIS A 1469 27.61 -9.17 31.73
CA HIS A 1469 28.36 -9.83 32.80
C HIS A 1469 29.87 -9.54 32.72
N PHE A 1470 30.43 -9.60 31.51
CA PHE A 1470 31.81 -9.18 31.26
C PHE A 1470 32.06 -7.70 31.58
N GLN A 1471 31.17 -6.78 31.18
CA GLN A 1471 31.28 -5.35 31.50
C GLN A 1471 31.32 -5.11 33.02
N ILE A 1472 30.37 -5.68 33.78
CA ILE A 1472 30.30 -5.51 35.24
C ILE A 1472 31.59 -6.00 35.92
N ILE A 1473 32.16 -7.12 35.45
CA ILE A 1473 33.39 -7.71 35.99
C ILE A 1473 34.66 -6.97 35.54
N TRP A 1474 34.70 -6.45 34.30
CA TRP A 1474 35.73 -5.53 33.85
C TRP A 1474 35.75 -4.26 34.72
N ASN A 1475 34.58 -3.63 34.93
CA ASN A 1475 34.44 -2.39 35.68
C ASN A 1475 34.65 -2.50 37.21
N MET A 1476 35.01 -3.67 37.77
CA MET A 1476 35.57 -3.78 39.13
C MET A 1476 37.11 -3.98 39.15
N VAL A 1477 37.72 -4.29 37.99
CA VAL A 1477 39.20 -4.39 37.92
C VAL A 1477 39.73 -3.04 37.43
N ASP A 1478 39.10 -2.48 36.39
CA ASP A 1478 39.50 -1.13 35.88
C ASP A 1478 38.77 -0.07 36.71
N ASP A 1479 39.14 0.09 37.99
CA ASP A 1479 38.43 1.05 38.88
C ASP A 1479 38.61 2.49 38.38
N LYS A 1480 39.85 2.92 38.10
CA LYS A 1480 40.10 4.33 37.70
C LYS A 1480 39.46 4.66 36.35
N ARG A 1481 38.75 3.70 35.74
CA ARG A 1481 38.08 3.90 34.44
C ARG A 1481 39.01 4.36 33.29
N GLU A 1482 40.27 3.92 33.30
CA GLU A 1482 41.22 4.18 32.22
C GLU A 1482 40.93 3.37 30.94
N GLY A 1483 40.19 2.27 31.01
CA GLY A 1483 39.78 1.45 29.86
C GLY A 1483 40.87 0.53 29.29
N VAL A 1484 42.07 0.52 29.90
CA VAL A 1484 43.24 -0.25 29.47
C VAL A 1484 43.97 -0.78 30.70
N ILE A 1485 44.03 -2.10 30.86
CA ILE A 1485 44.50 -2.76 32.10
C ILE A 1485 45.89 -3.40 31.92
N PRO A 1486 46.80 -3.34 32.90
CA PRO A 1486 48.07 -4.08 32.86
C PRO A 1486 47.85 -5.60 32.76
N THR A 1487 48.75 -6.31 32.06
CA THR A 1487 48.68 -7.78 31.91
C THR A 1487 48.69 -8.52 33.25
N PHE A 1488 49.32 -7.95 34.28
CA PHE A 1488 49.38 -8.51 35.65
C PHE A 1488 48.01 -8.80 36.26
N ARG A 1489 46.98 -8.01 35.92
CA ARG A 1489 45.59 -8.19 36.42
C ARG A 1489 44.71 -9.08 35.56
N VAL A 1490 45.13 -9.46 34.34
CA VAL A 1490 44.33 -10.31 33.42
C VAL A 1490 44.10 -11.70 34.04
N LYS A 1491 45.13 -12.30 34.66
CA LYS A 1491 45.00 -13.58 35.38
C LYS A 1491 44.01 -13.53 36.55
N PHE A 1492 43.85 -12.36 37.19
CA PHE A 1492 42.84 -12.13 38.22
C PHE A 1492 41.45 -11.93 37.60
N LEU A 1493 41.32 -11.08 36.58
CA LEU A 1493 40.06 -10.80 35.88
C LEU A 1493 39.36 -12.08 35.41
N LEU A 1494 40.10 -12.98 34.74
CA LEU A 1494 39.52 -14.22 34.19
C LEU A 1494 39.22 -15.32 35.23
N ARG A 1495 39.52 -15.11 36.52
CA ARG A 1495 39.01 -15.93 37.65
C ARG A 1495 37.60 -15.52 38.10
N LEU A 1496 37.23 -14.24 37.98
CA LEU A 1496 35.92 -13.76 38.54
C LEU A 1496 34.76 -14.13 37.61
N LEU A 1497 35.03 -14.63 36.40
CA LEU A 1497 33.96 -14.85 35.37
C LEU A 1497 33.14 -16.13 35.55
N ARG A 1498 32.45 -16.30 36.68
CA ARG A 1498 31.52 -17.44 36.94
C ARG A 1498 30.32 -17.42 35.97
N GLY A 1499 29.56 -18.52 35.91
CA GLY A 1499 28.37 -18.59 35.03
C GLY A 1499 28.65 -19.26 33.69
N ARG A 1500 28.17 -18.65 32.60
CA ARG A 1500 28.31 -19.20 31.22
C ARG A 1500 29.66 -18.88 30.61
N LEU A 1501 30.39 -17.90 31.10
CA LEU A 1501 31.78 -17.59 30.69
C LEU A 1501 32.87 -18.29 31.53
N GLU A 1502 32.51 -19.13 32.51
CA GLU A 1502 33.45 -19.62 33.52
C GLU A 1502 34.60 -20.46 32.95
N VAL A 1503 35.82 -19.91 33.02
CA VAL A 1503 37.06 -20.69 32.99
C VAL A 1503 37.30 -21.23 34.40
N ASP A 1504 37.08 -22.53 34.60
CA ASP A 1504 37.38 -23.16 35.90
C ASP A 1504 38.90 -23.20 36.14
N LEU A 1505 39.35 -22.74 37.31
CA LEU A 1505 40.80 -22.82 37.63
C LEU A 1505 41.23 -24.29 37.56
N ASP A 1506 40.39 -25.20 38.06
CA ASP A 1506 40.68 -26.64 38.07
C ASP A 1506 40.08 -27.33 36.83
N LYS A 1507 40.74 -28.44 36.40
CA LYS A 1507 40.32 -29.27 35.22
C LYS A 1507 40.65 -28.57 33.90
N ASP A 1508 40.28 -27.31 33.75
CA ASP A 1508 40.46 -26.48 32.55
C ASP A 1508 41.76 -25.63 32.58
N LYS A 1509 42.80 -26.12 33.27
CA LYS A 1509 44.07 -25.38 33.47
C LYS A 1509 44.74 -24.96 32.15
N LEU A 1510 44.65 -25.80 31.12
CA LEU A 1510 45.20 -25.48 29.78
C LEU A 1510 44.50 -24.27 29.15
N LEU A 1511 43.18 -24.15 29.27
CA LEU A 1511 42.42 -22.97 28.84
C LEU A 1511 42.84 -21.73 29.62
N PHE A 1512 43.02 -21.85 30.95
CA PHE A 1512 43.49 -20.76 31.80
C PHE A 1512 44.87 -20.24 31.34
N LYS A 1513 45.85 -21.14 31.14
CA LYS A 1513 47.19 -20.80 30.65
C LYS A 1513 47.16 -20.20 29.23
N HIS A 1514 46.34 -20.74 28.34
CA HIS A 1514 46.10 -20.18 26.99
C HIS A 1514 45.61 -18.74 27.04
N MET A 1515 44.58 -18.46 27.84
CA MET A 1515 43.97 -17.12 27.96
C MET A 1515 44.96 -16.09 28.53
N CYS A 1516 45.72 -16.46 29.56
CA CYS A 1516 46.80 -15.61 30.09
C CYS A 1516 47.88 -15.35 29.02
N TYR A 1517 48.41 -16.39 28.38
CA TYR A 1517 49.51 -16.25 27.42
C TYR A 1517 49.09 -15.48 26.16
N GLU A 1518 47.85 -15.65 25.66
CA GLU A 1518 47.36 -14.93 24.49
C GLU A 1518 47.41 -13.40 24.69
N MET A 1519 46.97 -12.90 25.85
CA MET A 1519 47.01 -11.47 26.20
C MET A 1519 48.42 -10.97 26.53
N GLU A 1520 49.26 -11.79 27.19
CA GLU A 1520 50.67 -11.44 27.44
C GLU A 1520 51.49 -11.37 26.14
N ARG A 1521 51.22 -12.25 25.16
CA ARG A 1521 51.86 -12.23 23.82
C ARG A 1521 51.45 -11.01 22.99
N LEU A 1522 50.16 -10.68 22.99
CA LEU A 1522 49.55 -9.69 22.06
C LEU A 1522 50.27 -8.33 22.03
N HIS A 1523 50.67 -7.80 23.19
CA HIS A 1523 51.41 -6.53 23.33
C HIS A 1523 52.83 -6.69 23.91
N ASN A 1524 53.35 -7.93 23.94
CA ASN A 1524 54.65 -8.28 24.53
C ASN A 1524 54.78 -7.78 25.99
N GLY A 1525 53.80 -8.16 26.83
CA GLY A 1525 53.59 -7.58 28.16
C GLY A 1525 52.84 -6.25 28.10
N GLY A 1526 53.14 -5.34 29.02
CA GLY A 1526 52.54 -3.99 29.08
C GLY A 1526 51.08 -4.02 29.52
N ASP A 1527 50.18 -3.48 28.70
CA ASP A 1527 48.76 -3.33 28.99
C ASP A 1527 47.84 -3.64 27.78
N VAL A 1528 46.56 -3.83 28.08
CA VAL A 1528 45.55 -4.48 27.21
C VAL A 1528 44.22 -3.72 27.29
N THR A 1529 43.64 -3.33 26.14
CA THR A 1529 42.34 -2.63 26.11
C THR A 1529 41.15 -3.58 26.32
N PHE A 1530 40.01 -3.03 26.76
CA PHE A 1530 38.72 -3.73 26.90
C PHE A 1530 38.38 -4.60 25.68
N HIS A 1531 38.52 -4.04 24.47
CA HIS A 1531 38.18 -4.73 23.22
C HIS A 1531 39.07 -5.94 22.90
N ASP A 1532 40.33 -5.97 23.34
CA ASP A 1532 41.23 -7.11 23.12
C ASP A 1532 40.84 -8.33 23.97
N VAL A 1533 40.51 -8.10 25.24
CA VAL A 1533 39.98 -9.16 26.10
C VAL A 1533 38.62 -9.65 25.57
N LEU A 1534 37.74 -8.72 25.15
CA LEU A 1534 36.43 -9.06 24.59
C LEU A 1534 36.52 -9.87 23.28
N SER A 1535 37.43 -9.52 22.36
CA SER A 1535 37.63 -10.29 21.12
C SER A 1535 38.31 -11.64 21.36
N MET A 1536 39.20 -11.76 22.36
CA MET A 1536 39.66 -13.08 22.81
C MET A 1536 38.48 -13.94 23.28
N LEU A 1537 37.60 -13.41 24.14
CA LEU A 1537 36.41 -14.11 24.62
C LEU A 1537 35.50 -14.58 23.46
N SER A 1538 35.31 -13.80 22.40
CA SER A 1538 34.49 -14.23 21.26
C SER A 1538 35.15 -15.37 20.46
N TYR A 1539 36.41 -15.25 20.04
CA TYR A 1539 37.12 -16.35 19.34
C TYR A 1539 37.25 -17.63 20.19
N ARG A 1540 37.35 -17.51 21.52
CA ARG A 1540 37.44 -18.65 22.46
C ARG A 1540 36.08 -19.25 22.86
N SER A 1541 34.96 -18.77 22.31
CA SER A 1541 33.59 -19.25 22.65
C SER A 1541 32.68 -19.54 21.45
N VAL A 1542 33.22 -19.54 20.21
CA VAL A 1542 32.50 -19.95 18.99
C VAL A 1542 33.18 -21.15 18.31
N ASP A 1543 32.42 -21.95 17.56
CA ASP A 1543 32.96 -23.06 16.76
C ASP A 1543 33.63 -22.51 15.49
N ILE A 1544 34.88 -22.07 15.62
CA ILE A 1544 35.61 -21.33 14.55
C ILE A 1544 35.63 -22.07 13.20
N ARG A 1545 35.59 -23.40 13.21
CA ARG A 1545 35.59 -24.27 12.01
C ARG A 1545 34.33 -24.11 11.13
N LYS A 1546 33.24 -23.52 11.66
CA LYS A 1546 32.06 -23.10 10.88
C LYS A 1546 31.71 -21.61 10.98
N SER A 1547 32.06 -20.93 12.07
CA SER A 1547 31.79 -19.48 12.25
C SER A 1547 32.70 -18.59 11.40
N LEU A 1548 33.99 -18.93 11.24
CA LEU A 1548 34.95 -18.09 10.50
C LEU A 1548 34.89 -18.32 8.98
N GLN A 1549 35.31 -17.31 8.21
CA GLN A 1549 35.58 -17.43 6.78
C GLN A 1549 36.99 -18.05 6.56
N LEU A 1550 37.20 -18.72 5.43
CA LEU A 1550 38.39 -19.56 5.19
C LEU A 1550 39.71 -18.77 5.16
N GLU A 1551 39.68 -17.45 4.96
CA GLU A 1551 40.87 -16.59 5.04
C GLU A 1551 41.31 -16.32 6.51
N GLU A 1552 40.39 -15.89 7.38
CA GLU A 1552 40.73 -15.59 8.79
C GLU A 1552 40.87 -16.86 9.65
N LEU A 1553 40.24 -17.97 9.26
CA LEU A 1553 40.35 -19.25 9.96
C LEU A 1553 41.79 -19.77 10.03
N LEU A 1554 42.53 -19.69 8.91
CA LEU A 1554 43.93 -20.13 8.86
C LEU A 1554 44.83 -19.29 9.77
N ALA A 1555 44.62 -17.97 9.81
CA ALA A 1555 45.36 -17.06 10.69
C ALA A 1555 45.07 -17.35 12.18
N ARG A 1556 43.81 -17.39 12.59
CA ARG A 1556 43.52 -17.80 13.96
C ARG A 1556 44.21 -19.14 14.22
N GLU A 1557 43.83 -20.24 13.59
CA GLU A 1557 44.39 -21.56 13.90
C GLU A 1557 45.92 -21.53 14.00
N GLN A 1558 46.62 -20.77 13.15
CA GLN A 1558 48.07 -20.60 13.23
C GLN A 1558 48.50 -19.93 14.54
N LEU A 1559 47.83 -18.84 14.95
CA LEU A 1559 48.07 -18.17 16.24
C LEU A 1559 47.88 -19.14 17.41
N GLU A 1560 46.77 -19.87 17.43
CA GLU A 1560 46.45 -20.79 18.53
C GLU A 1560 47.40 -22.00 18.56
N TYR A 1561 47.86 -22.50 17.41
CA TYR A 1561 48.93 -23.51 17.35
C TYR A 1561 50.27 -22.98 17.88
N THR A 1562 50.62 -21.72 17.60
CA THR A 1562 51.79 -21.06 18.22
C THR A 1562 51.63 -20.97 19.75
N ILE A 1563 50.44 -20.63 20.25
CA ILE A 1563 50.18 -20.60 21.70
C ILE A 1563 50.29 -22.01 22.32
N GLU A 1564 49.79 -23.06 21.65
CA GLU A 1564 49.99 -24.46 22.07
C GLU A 1564 51.49 -24.82 22.19
N GLU A 1565 52.30 -24.45 21.20
CA GLU A 1565 53.74 -24.70 21.20
C GLU A 1565 54.47 -23.93 22.32
N GLU A 1566 54.15 -22.64 22.52
CA GLU A 1566 54.74 -21.82 23.58
C GLU A 1566 54.36 -22.29 24.99
N VAL A 1567 53.07 -22.62 25.25
CA VAL A 1567 52.67 -23.13 26.56
C VAL A 1567 53.26 -24.52 26.85
N ALA A 1568 53.40 -25.37 25.82
CA ALA A 1568 54.12 -26.64 25.94
C ALA A 1568 55.60 -26.43 26.29
N LYS A 1569 56.30 -25.51 25.61
CA LYS A 1569 57.67 -25.12 25.91
C LYS A 1569 57.81 -24.61 27.36
N GLN A 1570 56.91 -23.72 27.81
CA GLN A 1570 56.94 -23.20 29.18
C GLN A 1570 56.69 -24.28 30.24
N THR A 1571 55.70 -25.17 30.06
CA THR A 1571 55.44 -26.24 31.05
C THR A 1571 56.57 -27.29 31.09
N ILE A 1572 57.24 -27.56 29.96
CA ILE A 1572 58.48 -28.36 29.94
C ILE A 1572 59.60 -27.65 30.72
N ARG A 1573 59.88 -26.37 30.41
CA ARG A 1573 60.98 -25.60 31.03
C ARG A 1573 60.83 -25.44 32.55
N MET A 1574 59.61 -25.26 33.06
CA MET A 1574 59.35 -25.11 34.51
C MET A 1574 59.41 -26.44 35.27
N TRP A 1575 59.29 -27.60 34.60
CA TRP A 1575 59.58 -28.91 35.20
C TRP A 1575 61.07 -29.28 35.12
N LEU A 1576 61.72 -29.02 33.98
CA LEU A 1576 63.15 -29.35 33.77
C LEU A 1576 64.10 -28.56 34.69
N LYS A 1577 63.69 -27.38 35.22
CA LYS A 1577 64.43 -26.63 36.24
C LYS A 1577 64.41 -27.25 37.66
N LYS A 1578 63.63 -28.31 37.90
CA LYS A 1578 63.51 -29.01 39.19
C LYS A 1578 63.41 -30.54 39.05
N GLN A 1589 28.55 -23.42 30.36
CA GLN A 1589 30.00 -23.02 30.40
C GLN A 1589 30.64 -23.07 28.99
N SER A 1590 30.32 -22.09 28.14
CA SER A 1590 30.57 -22.18 26.68
C SER A 1590 32.07 -22.16 26.34
N CYS A 1591 32.89 -21.44 27.11
CA CYS A 1591 34.35 -21.37 26.91
C CYS A 1591 35.03 -22.74 27.10
N SER A 1592 34.72 -23.46 28.19
CA SER A 1592 35.31 -24.78 28.45
C SER A 1592 34.71 -25.89 27.58
N ILE A 1593 33.44 -25.78 27.17
CA ILE A 1593 32.84 -26.68 26.16
C ILE A 1593 33.58 -26.53 24.82
N ILE A 1594 33.75 -25.30 24.32
CA ILE A 1594 34.47 -25.03 23.07
C ILE A 1594 35.95 -25.43 23.18
N HIS A 1595 36.61 -25.22 24.32
CA HIS A 1595 37.96 -25.74 24.55
C HIS A 1595 38.03 -27.27 24.52
N SER A 1596 37.06 -27.97 25.09
CA SER A 1596 36.96 -29.43 25.01
C SER A 1596 36.84 -29.93 23.57
N LEU A 1597 36.00 -29.27 22.77
CA LEU A 1597 35.88 -29.63 21.32
C LEU A 1597 37.23 -29.41 20.64
N ARG A 1598 37.88 -28.26 20.87
CA ARG A 1598 39.17 -27.95 20.19
C ARG A 1598 40.23 -28.98 20.61
N GLU A 1599 40.31 -29.28 21.91
CA GLU A 1599 41.33 -30.25 22.42
C GLU A 1599 41.04 -31.61 21.79
N SER A 1600 39.77 -32.00 21.69
CA SER A 1600 39.37 -33.27 21.09
C SER A 1600 39.76 -33.37 19.61
N GLN A 1601 39.60 -32.28 18.84
CA GLN A 1601 39.94 -32.25 17.41
C GLN A 1601 41.47 -32.20 17.15
N GLN A 1602 42.23 -31.50 18.01
CA GLN A 1602 43.68 -31.24 17.86
C GLN A 1602 44.54 -32.34 18.52
N ALA B 192 -40.36 40.02 -32.60
CA ALA B 192 -39.38 40.19 -33.70
C ALA B 192 -37.95 39.80 -33.26
N ARG B 193 -37.33 40.58 -32.37
CA ARG B 193 -36.02 40.24 -31.74
C ARG B 193 -36.12 38.97 -30.90
N ASN B 194 -34.98 38.39 -30.51
CA ASN B 194 -35.04 37.26 -29.53
C ASN B 194 -35.72 37.81 -28.28
N TRP B 195 -36.09 36.96 -27.31
CA TRP B 195 -36.89 37.48 -26.17
C TRP B 195 -36.16 38.64 -25.49
N SER B 196 -34.85 38.52 -25.23
CA SER B 196 -34.07 39.66 -24.69
C SER B 196 -34.73 40.23 -23.43
N ARG B 197 -34.93 41.55 -23.40
CA ARG B 197 -35.50 42.21 -22.18
C ARG B 197 -36.75 43.01 -22.54
N GLY B 198 -37.84 42.84 -21.79
CA GLY B 198 -39.09 43.58 -22.00
C GLY B 198 -40.29 42.73 -22.43
N ALA B 199 -41.48 43.09 -21.95
CA ALA B 199 -42.72 42.34 -22.18
C ALA B 199 -43.37 42.57 -23.56
N ALA B 200 -43.08 43.72 -24.20
CA ALA B 200 -43.65 44.09 -25.51
C ALA B 200 -42.72 44.93 -26.42
N GLY B 201 -41.59 45.45 -25.90
CA GLY B 201 -40.71 46.37 -26.64
C GLY B 201 -39.95 45.75 -27.83
N GLY B 202 -39.79 44.42 -27.85
CA GLY B 202 -39.19 43.65 -28.95
C GLY B 202 -40.14 43.29 -30.10
N ASP B 203 -41.30 43.96 -30.19
CA ASP B 203 -42.40 43.69 -31.12
C ASP B 203 -42.87 42.22 -31.05
N GLY B 204 -43.19 41.78 -29.83
CA GLY B 204 -43.67 40.44 -29.49
C GLY B 204 -43.85 40.28 -27.98
N GLN B 205 -44.78 39.40 -27.58
CA GLN B 205 -45.09 39.25 -26.14
C GLN B 205 -45.03 37.76 -25.74
N GLU B 206 -45.47 37.46 -24.52
CA GLU B 206 -45.48 36.04 -24.05
C GLU B 206 -46.91 35.65 -23.67
N VAL B 207 -47.23 34.35 -23.75
CA VAL B 207 -48.62 33.88 -23.46
C VAL B 207 -48.75 33.70 -21.94
N ARG B 208 -48.83 34.81 -21.20
CA ARG B 208 -48.92 34.76 -19.72
C ARG B 208 -50.36 34.47 -19.27
N SER B 209 -51.33 34.56 -20.20
CA SER B 209 -52.72 34.24 -19.87
C SER B 209 -53.39 33.38 -20.95
N LYS B 210 -54.26 32.46 -20.52
CA LYS B 210 -54.98 31.48 -21.35
C LYS B 210 -55.96 32.14 -22.33
N HIS B 211 -56.81 33.01 -21.79
CA HIS B 211 -58.06 33.43 -22.43
C HIS B 211 -57.98 34.60 -23.46
N PRO B 212 -57.02 35.55 -23.35
CA PRO B 212 -56.92 36.70 -24.27
C PRO B 212 -56.61 36.40 -25.74
N THR B 213 -56.34 35.14 -26.11
CA THR B 213 -56.07 34.71 -27.50
C THR B 213 -57.11 33.69 -28.04
N PRO B 214 -58.38 34.10 -28.24
CA PRO B 214 -59.39 33.26 -28.91
C PRO B 214 -59.21 33.22 -30.45
N LEU B 215 -58.78 34.39 -30.97
CA LEU B 215 -58.49 34.67 -32.41
C LEU B 215 -57.54 35.89 -32.56
N TRP B 216 -57.15 36.18 -33.81
CA TRP B 216 -56.19 37.27 -34.17
C TRP B 216 -55.73 37.04 -35.61
N ASN B 217 -54.45 36.69 -35.83
CA ASN B 217 -53.99 36.48 -37.22
C ASN B 217 -52.48 36.18 -37.35
N LEU B 218 -51.62 36.73 -36.48
CA LEU B 218 -50.16 36.50 -36.64
C LEU B 218 -49.57 35.76 -35.44
N SER B 219 -49.00 34.57 -35.66
CA SER B 219 -48.47 33.75 -34.54
C SER B 219 -46.99 34.00 -34.26
N ASP B 220 -46.74 34.63 -33.13
CA ASP B 220 -45.36 34.95 -32.66
C ASP B 220 -45.23 35.06 -31.13
N PHE B 221 -46.32 34.81 -30.40
CA PHE B 221 -46.31 34.89 -28.91
C PHE B 221 -45.27 33.90 -28.36
N TYR B 222 -44.34 34.42 -27.54
CA TYR B 222 -43.28 33.57 -26.93
C TYR B 222 -43.80 32.95 -25.63
N LEU B 223 -43.15 31.88 -25.17
CA LEU B 223 -43.55 31.19 -23.92
C LEU B 223 -43.16 32.04 -22.71
N SER B 224 -43.29 31.49 -21.50
CA SER B 224 -42.95 32.23 -20.27
C SER B 224 -41.63 31.80 -19.59
N PHE B 225 -41.17 30.55 -19.75
CA PHE B 225 -39.87 30.06 -19.26
C PHE B 225 -38.95 29.66 -20.43
N CYS B 226 -39.40 28.80 -21.34
CA CYS B 226 -38.69 28.44 -22.56
C CYS B 226 -38.81 29.53 -23.66
N ASN B 227 -38.28 30.72 -23.34
CA ASN B 227 -38.53 31.98 -24.08
C ASN B 227 -38.18 31.97 -25.58
N SER B 228 -37.32 31.07 -26.05
CA SER B 228 -36.97 30.98 -27.48
C SER B 228 -38.11 30.40 -28.35
N TYR B 229 -39.03 29.63 -27.77
CA TYR B 229 -40.14 28.98 -28.49
C TYR B 229 -41.37 29.89 -28.57
N THR B 230 -41.86 30.15 -29.79
CA THR B 230 -43.16 30.79 -30.02
C THR B 230 -44.28 29.78 -30.26
N LEU B 231 -45.55 30.22 -30.14
CA LEU B 231 -46.71 29.39 -30.46
C LEU B 231 -46.71 28.89 -31.92
N TRP B 232 -46.10 29.61 -32.87
CA TRP B 232 -46.04 29.19 -34.28
C TRP B 232 -45.38 27.82 -34.47
N GLU B 233 -44.12 27.66 -34.06
CA GLU B 233 -43.40 26.38 -34.16
C GLU B 233 -43.96 25.31 -33.20
N LEU B 234 -44.57 25.71 -32.07
CA LEU B 234 -45.22 24.77 -31.15
C LEU B 234 -46.46 24.12 -31.78
N PHE B 235 -47.44 24.91 -32.25
CA PHE B 235 -48.62 24.37 -32.93
C PHE B 235 -48.25 23.65 -34.25
N SER B 236 -47.19 24.07 -34.94
CA SER B 236 -46.66 23.37 -36.11
C SER B 236 -46.02 22.01 -35.77
N GLY B 237 -45.64 21.82 -34.50
CA GLY B 237 -45.04 20.54 -34.06
C GLY B 237 -46.11 19.54 -33.62
N LEU B 238 -45.92 18.93 -32.45
CA LEU B 238 -46.88 17.89 -31.99
C LEU B 238 -47.51 18.29 -30.64
N SER B 239 -48.84 18.30 -30.57
CA SER B 239 -49.53 18.57 -29.28
C SER B 239 -50.48 17.42 -28.98
N SER B 240 -50.41 16.83 -27.79
CA SER B 240 -51.24 15.64 -27.48
C SER B 240 -52.76 15.92 -27.53
N PRO B 241 -53.32 17.00 -26.94
CA PRO B 241 -54.77 17.19 -26.97
C PRO B 241 -55.36 17.40 -28.37
N ASN B 242 -54.72 18.24 -29.19
CA ASN B 242 -55.23 18.55 -30.56
C ASN B 242 -54.09 19.15 -31.40
N THR B 243 -54.31 19.32 -32.71
CA THR B 243 -53.18 19.78 -33.57
C THR B 243 -53.43 21.16 -34.20
N LEU B 244 -52.67 21.51 -35.24
CA LEU B 244 -52.76 22.79 -35.96
C LEU B 244 -54.16 23.03 -36.57
N ASN B 245 -54.43 24.27 -37.03
CA ASN B 245 -55.62 24.73 -37.77
C ASN B 245 -56.91 24.84 -36.93
N CYS B 246 -57.27 23.81 -36.14
CA CYS B 246 -58.38 23.92 -35.18
C CYS B 246 -58.10 24.94 -34.05
N SER B 247 -56.84 25.37 -33.91
CA SER B 247 -56.40 26.46 -33.04
C SER B 247 -56.98 27.80 -33.50
N LEU B 248 -56.74 28.18 -34.75
CA LEU B 248 -57.20 29.44 -35.34
C LEU B 248 -58.69 29.42 -35.71
N ASP B 249 -59.23 28.28 -36.16
CA ASP B 249 -60.65 28.08 -36.48
C ASP B 249 -61.63 28.27 -35.29
N THR B 259 -60.37 28.83 -31.76
CA THR B 259 -61.18 28.57 -30.52
C THR B 259 -61.37 27.09 -30.18
N THR B 260 -61.85 26.23 -31.09
CA THR B 260 -62.42 24.90 -30.74
C THR B 260 -61.45 23.92 -30.08
N CYS B 261 -60.15 23.97 -30.40
CA CYS B 261 -59.11 23.13 -29.79
C CYS B 261 -58.03 23.94 -29.03
N ARG B 262 -58.39 25.11 -28.51
CA ARG B 262 -57.40 25.98 -27.79
C ARG B 262 -56.79 25.27 -26.58
N GLN B 263 -57.34 24.13 -26.16
CA GLN B 263 -56.85 23.43 -24.95
C GLN B 263 -55.33 23.22 -25.03
N CYS B 264 -54.77 23.22 -26.24
CA CYS B 264 -53.33 23.08 -26.46
C CYS B 264 -52.49 24.21 -25.83
N VAL B 265 -53.01 25.44 -25.72
CA VAL B 265 -52.31 26.55 -25.05
C VAL B 265 -52.04 26.23 -23.59
N GLU B 266 -53.04 25.72 -22.86
CA GLU B 266 -52.84 25.25 -21.48
C GLU B 266 -51.87 24.06 -21.39
N ALA B 267 -51.87 23.15 -22.38
CA ALA B 267 -50.91 22.05 -22.42
C ALA B 267 -49.46 22.56 -22.56
N TYR B 268 -49.21 23.55 -23.44
CA TYR B 268 -47.90 24.20 -23.56
C TYR B 268 -47.49 24.95 -22.28
N GLN B 269 -48.40 25.69 -21.66
CA GLN B 269 -48.14 26.35 -20.37
C GLN B 269 -47.82 25.34 -19.25
N ASP B 270 -48.46 24.17 -19.23
CA ASP B 270 -48.15 23.10 -18.29
C ASP B 270 -46.75 22.50 -18.52
N TYR B 271 -46.38 22.20 -19.77
CA TYR B 271 -45.03 21.76 -20.13
C TYR B 271 -43.96 22.80 -19.75
N ASP B 272 -44.21 24.08 -20.04
CA ASP B 272 -43.33 25.20 -19.68
C ASP B 272 -43.11 25.29 -18.15
N HIS B 273 -44.16 25.04 -17.36
CA HIS B 273 -44.09 24.95 -15.90
C HIS B 273 -43.27 23.75 -15.41
N HIS B 274 -43.50 22.53 -15.94
CA HIS B 274 -42.70 21.35 -15.57
C HIS B 274 -41.22 21.53 -15.91
N ALA B 275 -40.90 22.11 -17.07
CA ALA B 275 -39.53 22.44 -17.45
C ALA B 275 -38.88 23.39 -16.44
N GLN B 276 -39.61 24.37 -15.90
CA GLN B 276 -39.09 25.26 -14.85
C GLN B 276 -38.84 24.51 -13.54
N GLU B 277 -39.78 23.69 -13.03
CA GLU B 277 -39.58 22.94 -11.78
C GLU B 277 -38.33 22.04 -11.81
N LYS B 278 -38.08 21.39 -12.95
CA LYS B 278 -36.88 20.53 -13.08
C LYS B 278 -35.61 21.39 -13.09
N TYR B 279 -35.70 22.60 -13.66
CA TYR B 279 -34.53 23.52 -13.72
C TYR B 279 -34.13 23.95 -12.31
N GLU B 280 -35.11 24.24 -11.45
CA GLU B 280 -34.82 24.69 -10.06
C GLU B 280 -33.94 23.67 -9.35
N GLU B 281 -34.32 22.38 -9.39
CA GLU B 281 -33.52 21.31 -8.78
C GLU B 281 -32.06 21.29 -9.27
N PHE B 282 -31.84 21.53 -10.56
CA PHE B 282 -30.49 21.64 -11.10
C PHE B 282 -29.74 22.85 -10.53
N GLU B 283 -30.31 24.06 -10.57
CA GLU B 283 -29.55 25.24 -10.17
C GLU B 283 -29.37 25.36 -8.64
N SER B 284 -30.18 24.69 -7.81
CA SER B 284 -29.88 24.54 -6.38
C SER B 284 -28.72 23.56 -6.13
N VAL B 285 -28.63 22.46 -6.88
CA VAL B 285 -27.44 21.57 -6.87
C VAL B 285 -26.19 22.33 -7.33
N LEU B 286 -26.28 23.15 -8.38
CA LEU B 286 -25.17 23.98 -8.87
C LEU B 286 -24.76 25.07 -7.86
N HIS B 287 -25.72 25.70 -7.17
CA HIS B 287 -25.44 26.64 -6.08
C HIS B 287 -24.69 25.97 -4.91
N LYS B 288 -25.09 24.75 -4.53
CA LYS B 288 -24.43 23.93 -3.49
C LYS B 288 -23.18 23.19 -3.97
N TYR B 289 -22.72 23.38 -5.20
CA TYR B 289 -21.40 22.97 -5.69
C TYR B 289 -20.37 24.08 -5.48
N LEU B 290 -19.71 24.05 -4.31
CA LEU B 290 -18.83 25.14 -3.84
C LEU B 290 -17.57 25.40 -4.64
N GLN B 291 -17.31 24.59 -5.68
CA GLN B 291 -16.08 24.75 -6.51
C GLN B 291 -16.43 25.22 -7.92
N SER B 292 -17.60 25.84 -8.09
CA SER B 292 -18.08 26.37 -9.38
C SER B 292 -17.25 27.55 -9.91
N GLU B 293 -16.51 28.26 -9.06
CA GLU B 293 -15.64 29.38 -9.45
C GLU B 293 -14.25 28.95 -9.98
N GLU B 294 -13.88 27.66 -9.88
CA GLU B 294 -12.48 27.21 -10.09
C GLU B 294 -12.29 25.89 -10.84
N TYR B 295 -13.36 25.14 -11.15
CA TYR B 295 -13.27 23.79 -11.74
C TYR B 295 -12.73 23.71 -13.18
N SER B 296 -12.73 24.82 -13.92
CA SER B 296 -12.39 24.90 -15.36
C SER B 296 -11.80 26.26 -15.72
N VAL B 297 -10.87 26.28 -16.69
CA VAL B 297 -10.22 27.51 -17.18
C VAL B 297 -11.14 28.31 -18.10
N LYS B 298 -11.86 27.65 -19.01
CA LYS B 298 -12.73 28.39 -19.97
C LYS B 298 -14.22 28.41 -19.58
N SER B 299 -14.68 27.45 -18.77
CA SER B 299 -16.10 27.36 -18.38
C SER B 299 -16.47 28.33 -17.25
N CYS B 300 -17.77 28.60 -17.11
CA CYS B 300 -18.35 29.43 -16.05
C CYS B 300 -19.75 28.89 -15.69
N PRO B 301 -20.19 28.89 -14.42
CA PRO B 301 -21.52 28.38 -14.06
C PRO B 301 -22.67 29.13 -14.75
N GLU B 302 -22.48 30.40 -15.11
CA GLU B 302 -23.41 31.15 -15.96
C GLU B 302 -23.60 30.48 -17.33
N ASP B 303 -22.53 30.09 -18.01
CA ASP B 303 -22.60 29.36 -19.29
C ASP B 303 -23.29 28.01 -19.10
N CYS B 304 -22.93 27.28 -18.04
CA CYS B 304 -23.52 25.98 -17.72
C CYS B 304 -25.06 26.08 -17.58
N LYS B 305 -25.56 27.01 -16.77
CA LYS B 305 -27.01 27.14 -16.54
C LYS B 305 -27.77 27.70 -17.74
N ILE B 306 -27.10 28.37 -18.69
CA ILE B 306 -27.69 28.74 -19.98
C ILE B 306 -27.86 27.50 -20.87
N VAL B 307 -26.79 26.72 -21.10
CA VAL B 307 -26.87 25.57 -22.01
C VAL B 307 -27.70 24.41 -21.45
N TYR B 308 -27.74 24.22 -20.13
CA TYR B 308 -28.65 23.26 -19.50
C TYR B 308 -30.13 23.67 -19.59
N LYS B 309 -30.45 24.97 -19.48
CA LYS B 309 -31.81 25.48 -19.71
C LYS B 309 -32.26 25.24 -21.16
N ALA B 310 -31.38 25.52 -22.13
CA ALA B 310 -31.63 25.25 -23.54
C ALA B 310 -31.85 23.75 -23.80
N TRP B 311 -31.07 22.87 -23.15
CA TRP B 311 -31.27 21.41 -23.19
C TRP B 311 -32.63 20.98 -22.59
N LEU B 312 -33.03 21.44 -21.40
CA LEU B 312 -34.34 21.09 -20.82
C LEU B 312 -35.49 21.51 -21.74
N CYS B 313 -35.43 22.72 -22.32
CA CYS B 313 -36.45 23.18 -23.24
C CYS B 313 -36.51 22.33 -24.54
N SER B 314 -35.36 21.92 -25.11
CA SER B 314 -35.37 21.03 -26.27
C SER B 314 -35.82 19.60 -25.94
N GLN B 315 -35.70 19.14 -24.68
CA GLN B 315 -36.33 17.89 -24.23
C GLN B 315 -37.86 18.00 -24.18
N TYR B 316 -38.41 19.07 -23.57
CA TYR B 316 -39.86 19.26 -23.46
C TYR B 316 -40.55 19.65 -24.78
N PHE B 317 -39.81 20.32 -25.68
CA PHE B 317 -40.35 20.68 -27.02
C PHE B 317 -39.32 20.27 -28.09
N GLU B 318 -39.53 19.13 -28.76
CA GLU B 318 -38.56 18.63 -29.75
C GLU B 318 -38.84 19.27 -31.12
N VAL B 319 -39.51 20.42 -31.14
CA VAL B 319 -39.86 21.12 -32.38
C VAL B 319 -38.66 21.86 -32.99
N THR B 320 -38.67 22.02 -34.32
CA THR B 320 -37.70 22.87 -35.04
C THR B 320 -37.85 24.36 -34.66
N GLN B 321 -36.79 25.15 -34.82
CA GLN B 321 -36.80 26.62 -34.71
C GLN B 321 -36.15 27.27 -35.96
N PHE B 322 -36.58 28.48 -36.30
CA PHE B 322 -36.16 29.19 -37.52
C PHE B 322 -36.31 30.73 -37.38
N ASN B 323 -35.75 31.46 -38.35
CA ASN B 323 -35.77 32.93 -38.44
C ASN B 323 -35.09 33.66 -37.26
N CYS B 324 -34.05 33.06 -36.66
CA CYS B 324 -33.17 33.71 -35.66
C CYS B 324 -31.71 33.93 -36.16
N ARG B 325 -31.48 33.73 -37.46
CA ARG B 325 -30.13 33.93 -38.07
C ARG B 325 -29.16 32.83 -37.61
N LYS B 326 -29.11 32.54 -36.31
CA LYS B 326 -28.15 31.54 -35.78
C LYS B 326 -28.90 30.23 -35.51
N THR B 327 -28.49 29.13 -36.15
CA THR B 327 -29.18 27.83 -35.97
C THR B 327 -28.17 26.73 -35.65
N ILE B 328 -28.61 25.65 -35.00
CA ILE B 328 -27.68 24.56 -34.57
C ILE B 328 -28.52 23.31 -34.32
N PRO B 329 -28.08 22.08 -34.66
CA PRO B 329 -28.83 20.86 -34.35
C PRO B 329 -28.98 20.69 -32.84
N CYS B 330 -30.21 20.47 -32.35
CA CYS B 330 -30.53 20.53 -30.91
C CYS B 330 -29.70 19.56 -30.05
N LYS B 331 -29.27 18.43 -30.63
CA LYS B 331 -28.37 17.44 -30.02
C LYS B 331 -27.02 18.02 -29.59
N GLN B 332 -26.57 19.14 -30.16
CA GLN B 332 -25.35 19.83 -29.75
C GLN B 332 -25.41 20.28 -28.28
N TYR B 333 -26.57 20.63 -27.74
CA TYR B 333 -26.69 21.10 -26.35
C TYR B 333 -26.29 20.05 -25.30
N CYS B 334 -26.42 18.75 -25.61
CA CYS B 334 -25.81 17.68 -24.81
C CYS B 334 -24.29 17.84 -24.71
N LEU B 335 -23.62 18.08 -25.84
CA LEU B 335 -22.18 18.26 -25.91
C LEU B 335 -21.74 19.60 -25.31
N GLU B 336 -22.55 20.66 -25.40
CA GLU B 336 -22.33 21.91 -24.65
C GLU B 336 -22.33 21.64 -23.14
N VAL B 337 -23.35 20.98 -22.59
CA VAL B 337 -23.44 20.67 -21.16
C VAL B 337 -22.26 19.82 -20.71
N GLN B 338 -21.95 18.74 -21.42
CA GLN B 338 -20.85 17.82 -21.02
C GLN B 338 -19.50 18.54 -21.08
N THR B 339 -19.43 19.71 -21.74
CA THR B 339 -18.12 20.39 -21.93
C THR B 339 -17.97 21.57 -20.96
N ARG B 340 -19.06 22.35 -20.79
CA ARG B 340 -19.15 23.60 -20.00
C ARG B 340 -19.60 23.48 -18.57
N CYS B 341 -20.06 22.35 -18.05
CA CYS B 341 -20.57 22.17 -16.68
C CYS B 341 -19.60 21.34 -15.80
N PRO B 342 -19.72 21.40 -14.46
CA PRO B 342 -18.86 20.66 -13.53
C PRO B 342 -18.98 19.14 -13.67
N PHE B 343 -17.94 18.41 -13.22
CA PHE B 343 -18.04 16.98 -12.94
C PHE B 343 -18.82 16.78 -11.63
N ILE B 344 -20.11 16.47 -11.74
CA ILE B 344 -20.95 16.05 -10.59
C ILE B 344 -20.93 14.52 -10.54
N LEU B 345 -20.60 13.94 -9.37
CA LEU B 345 -20.49 12.50 -9.17
C LEU B 345 -21.85 11.92 -8.75
N PRO B 346 -22.41 10.90 -9.44
CA PRO B 346 -23.66 10.25 -9.04
C PRO B 346 -23.49 9.38 -7.79
N ASP B 347 -24.57 9.16 -7.06
CA ASP B 347 -24.58 8.39 -5.80
C ASP B 347 -24.46 6.87 -6.04
N ASN B 348 -23.28 6.31 -5.79
CA ASN B 348 -23.07 4.85 -5.94
C ASN B 348 -23.78 4.13 -4.79
N ASP B 349 -24.98 3.59 -5.04
CA ASP B 349 -25.74 2.87 -3.99
C ASP B 349 -26.09 1.48 -4.53
N GLU B 350 -27.12 1.42 -5.38
CA GLU B 350 -27.57 0.19 -6.07
C GLU B 350 -26.61 0.03 -7.26
N VAL B 351 -26.64 0.99 -8.19
CA VAL B 351 -25.66 0.94 -9.32
C VAL B 351 -24.30 1.49 -8.93
N ILE B 352 -23.23 0.80 -9.29
CA ILE B 352 -21.85 1.30 -9.17
C ILE B 352 -21.49 2.00 -10.48
N TYR B 353 -21.49 3.32 -10.47
CA TYR B 353 -21.00 4.18 -11.54
C TYR B 353 -19.46 4.23 -11.45
N GLY B 354 -18.76 3.48 -12.31
CA GLY B 354 -17.29 3.37 -12.27
C GLY B 354 -16.58 4.57 -12.87
N GLY B 355 -16.70 5.73 -12.21
CA GLY B 355 -16.00 6.98 -12.52
C GLY B 355 -16.70 7.92 -13.50
N LEU B 356 -17.86 7.57 -14.05
CA LEU B 356 -18.63 8.46 -14.94
C LEU B 356 -19.43 9.51 -14.16
N SER B 357 -19.57 10.71 -14.75
CA SER B 357 -20.34 11.84 -14.20
C SER B 357 -21.85 11.69 -14.40
N SER B 358 -22.64 12.50 -13.70
CA SER B 358 -24.10 12.45 -13.77
C SER B 358 -24.66 12.71 -15.18
N PHE B 359 -24.23 13.78 -15.86
CA PHE B 359 -24.73 14.13 -17.19
C PHE B 359 -23.79 13.61 -18.31
N ILE B 360 -24.25 12.61 -19.07
CA ILE B 360 -23.60 12.09 -20.28
C ILE B 360 -24.64 11.67 -21.33
N CYS B 361 -24.35 11.88 -22.62
CA CYS B 361 -25.31 11.66 -23.72
C CYS B 361 -24.92 10.57 -24.75
N THR B 362 -23.81 9.84 -24.57
CA THR B 362 -23.32 8.83 -25.53
C THR B 362 -22.74 7.59 -24.82
N GLY B 363 -22.91 6.40 -25.42
CA GLY B 363 -22.32 5.14 -24.95
C GLY B 363 -22.30 4.04 -26.02
N LEU B 364 -21.42 3.04 -25.86
CA LEU B 364 -21.19 1.91 -26.80
C LEU B 364 -21.19 2.29 -28.29
N TYR B 365 -20.42 3.33 -28.63
CA TYR B 365 -20.17 3.79 -30.03
C TYR B 365 -21.43 4.12 -30.85
N GLU B 366 -22.57 4.39 -30.21
CA GLU B 366 -23.80 4.79 -30.89
C GLU B 366 -23.64 6.08 -31.70
N THR B 367 -24.33 6.15 -32.85
CA THR B 367 -24.34 7.35 -33.70
C THR B 367 -25.00 8.55 -33.01
N PHE B 368 -24.50 9.75 -33.28
CA PHE B 368 -24.93 11.01 -32.67
C PHE B 368 -24.75 12.16 -33.69
N LEU B 369 -25.66 13.15 -33.64
CA LEU B 369 -25.67 14.24 -34.67
C LEU B 369 -25.80 13.57 -36.03
N THR B 370 -26.76 12.66 -36.20
CA THR B 370 -26.85 11.87 -37.47
C THR B 370 -27.64 12.63 -38.55
N ASN B 371 -27.40 13.93 -38.70
CA ASN B 371 -28.05 14.71 -39.79
C ASN B 371 -29.56 14.82 -39.55
N ASP B 372 -30.05 14.25 -38.44
CA ASP B 372 -31.48 14.46 -38.11
C ASP B 372 -31.58 15.98 -37.94
N GLU B 373 -30.59 16.58 -37.27
CA GLU B 373 -30.50 18.06 -37.17
C GLU B 373 -31.83 18.73 -36.83
N PRO B 374 -32.45 18.47 -35.66
CA PRO B 374 -33.66 19.21 -35.27
C PRO B 374 -33.13 20.64 -35.13
N GLU B 375 -33.42 21.51 -36.09
CA GLU B 375 -32.81 22.88 -36.06
C GLU B 375 -33.27 23.68 -34.83
N CYS B 376 -32.39 23.86 -33.84
CA CYS B 376 -32.72 24.73 -32.68
C CYS B 376 -32.10 26.10 -32.95
N CYS B 377 -32.23 27.05 -32.02
CA CYS B 377 -31.54 28.36 -32.22
C CYS B 377 -30.30 28.40 -31.32
N ASP B 378 -29.33 29.26 -31.65
CA ASP B 378 -28.07 29.35 -30.86
C ASP B 378 -28.30 30.31 -29.68
N VAL B 379 -29.00 29.86 -28.64
CA VAL B 379 -29.34 30.76 -27.50
C VAL B 379 -28.25 30.69 -26.42
N ARG B 380 -27.03 31.13 -26.74
CA ARG B 380 -25.92 31.19 -25.75
C ARG B 380 -25.12 32.47 -25.99
N ARG B 381 -24.51 33.02 -24.94
CA ARG B 381 -23.74 34.30 -25.08
C ARG B 381 -22.43 33.99 -25.81
N GLU B 382 -21.76 32.88 -25.46
CA GLU B 382 -20.52 32.46 -26.14
C GLU B 382 -20.65 31.03 -26.69
#